data_1BIK
# 
_entry.id   1BIK 
# 
_audit_conform.dict_name       mmcif_pdbx.dic 
_audit_conform.dict_version    5.399 
_audit_conform.dict_location   http://mmcif.pdb.org/dictionaries/ascii/mmcif_pdbx.dic 
# 
loop_
_database_2.database_id 
_database_2.database_code 
_database_2.pdbx_database_accession 
_database_2.pdbx_DOI 
PDB   1BIK         pdb_00001bik 10.2210/pdb1bik/pdb 
WWPDB D_1000171799 ?            ?                   
# 
loop_
_pdbx_audit_revision_history.ordinal 
_pdbx_audit_revision_history.data_content_type 
_pdbx_audit_revision_history.major_revision 
_pdbx_audit_revision_history.minor_revision 
_pdbx_audit_revision_history.revision_date 
1 'Structure model' 1 0 1999-03-16 
2 'Structure model' 1 1 2008-03-24 
3 'Structure model' 1 2 2011-07-13 
4 'Structure model' 1 3 2020-07-29 
5 'Structure model' 1 4 2023-08-02 
6 'Structure model' 1 5 2024-11-20 
# 
loop_
_pdbx_audit_revision_details.ordinal 
_pdbx_audit_revision_details.revision_ordinal 
_pdbx_audit_revision_details.data_content_type 
_pdbx_audit_revision_details.provider 
_pdbx_audit_revision_details.type 
_pdbx_audit_revision_details.description 
_pdbx_audit_revision_details.details 
1 1 'Structure model' repository 'Initial release' ?                          ? 
2 4 'Structure model' repository Remediation       'Carbohydrate remediation' ? 
# 
loop_
_pdbx_audit_revision_group.ordinal 
_pdbx_audit_revision_group.revision_ordinal 
_pdbx_audit_revision_group.data_content_type 
_pdbx_audit_revision_group.group 
1  2 'Structure model' 'Version format compliance' 
2  3 'Structure model' 'Non-polymer description'   
3  3 'Structure model' 'Version format compliance' 
4  4 'Structure model' 'Data collection'           
5  4 'Structure model' 'Derived calculations'      
6  4 'Structure model' 'Structure summary'         
7  5 'Structure model' 'Database references'       
8  5 'Structure model' 'Refinement description'    
9  5 'Structure model' 'Structure summary'         
10 6 'Structure model' 'Data collection'           
11 6 'Structure model' 'Structure summary'         
# 
loop_
_pdbx_audit_revision_category.ordinal 
_pdbx_audit_revision_category.revision_ordinal 
_pdbx_audit_revision_category.data_content_type 
_pdbx_audit_revision_category.category 
1  4 'Structure model' chem_comp                     
2  4 'Structure model' entity                        
3  4 'Structure model' pdbx_chem_comp_identifier     
4  4 'Structure model' pdbx_entity_nonpoly           
5  4 'Structure model' struct_conn                   
6  4 'Structure model' struct_site                   
7  4 'Structure model' struct_site_gen               
8  5 'Structure model' chem_comp                     
9  5 'Structure model' database_2                    
10 5 'Structure model' pdbx_initial_refinement_model 
11 6 'Structure model' chem_comp_atom                
12 6 'Structure model' chem_comp_bond                
13 6 'Structure model' pdbx_entry_details            
14 6 'Structure model' pdbx_modification_feature     
# 
loop_
_pdbx_audit_revision_item.ordinal 
_pdbx_audit_revision_item.revision_ordinal 
_pdbx_audit_revision_item.data_content_type 
_pdbx_audit_revision_item.item 
1  4 'Structure model' '_chem_comp.name'                     
2  4 'Structure model' '_chem_comp.type'                     
3  4 'Structure model' '_entity.pdbx_description'            
4  4 'Structure model' '_pdbx_entity_nonpoly.name'           
5  4 'Structure model' '_struct_conn.pdbx_leaving_atom_flag' 
6  4 'Structure model' '_struct_conn.pdbx_role'              
7  4 'Structure model' '_struct_conn.ptnr1_auth_comp_id'     
8  4 'Structure model' '_struct_conn.ptnr1_auth_seq_id'      
9  4 'Structure model' '_struct_conn.ptnr1_label_asym_id'    
10 4 'Structure model' '_struct_conn.ptnr1_label_atom_id'    
11 4 'Structure model' '_struct_conn.ptnr1_label_comp_id'    
12 4 'Structure model' '_struct_conn.ptnr1_label_seq_id'     
13 4 'Structure model' '_struct_conn.ptnr2_auth_comp_id'     
14 4 'Structure model' '_struct_conn.ptnr2_auth_seq_id'      
15 4 'Structure model' '_struct_conn.ptnr2_label_asym_id'    
16 4 'Structure model' '_struct_conn.ptnr2_label_atom_id'    
17 4 'Structure model' '_struct_conn.ptnr2_label_comp_id'    
18 4 'Structure model' '_struct_conn.ptnr2_label_seq_id'     
19 5 'Structure model' '_chem_comp.pdbx_synonyms'            
20 5 'Structure model' '_database_2.pdbx_DOI'                
21 5 'Structure model' '_database_2.pdbx_database_accession' 
# 
_pdbx_database_status.status_code                     REL 
_pdbx_database_status.entry_id                        1BIK 
_pdbx_database_status.recvd_initial_deposition_date   1997-11-26 
_pdbx_database_status.deposit_site                    ? 
_pdbx_database_status.process_site                    BNL 
_pdbx_database_status.status_code_sf                  REL 
_pdbx_database_status.status_code_mr                  ? 
_pdbx_database_status.SG_entry                        ? 
_pdbx_database_status.pdb_format_compatible           Y 
_pdbx_database_status.status_code_cs                  ? 
_pdbx_database_status.status_code_nmr_data            ? 
_pdbx_database_status.methods_development_category    ? 
# 
loop_
_audit_author.name 
_audit_author.pdbx_ordinal 
'Xu, Y.'      1 
'Carr, P.D.'  2 
'Guss, J.M.'  3 
'Ollis, D.L.' 4 
# 
_citation.id                        primary 
_citation.title                     
'The crystal structure of bikunin from the inter-alpha-inhibitor complex: a serine protease inhibitor with two Kunitz domains.' 
_citation.journal_abbrev            J.Mol.Biol. 
_citation.journal_volume            276 
_citation.page_first                955 
_citation.page_last                 966 
_citation.year                      1998 
_citation.journal_id_ASTM           JMOBAK 
_citation.country                   UK 
_citation.journal_id_ISSN           0022-2836 
_citation.journal_id_CSD            0070 
_citation.book_publisher            ? 
_citation.pdbx_database_id_PubMed   9566199 
_citation.pdbx_database_id_DOI      10.1006/jmbi.1997.1582 
# 
loop_
_citation_author.citation_id 
_citation_author.name 
_citation_author.ordinal 
_citation_author.identifier_ORCID 
primary 'Xu, Y.'      1 ? 
primary 'Carr, P.D.'  2 ? 
primary 'Guss, J.M.'  3 ? 
primary 'Ollis, D.L.' 4 ? 
# 
loop_
_entity.id 
_entity.type 
_entity.src_method 
_entity.pdbx_description 
_entity.formula_weight 
_entity.pdbx_number_of_molecules 
_entity.pdbx_ec 
_entity.pdbx_mutation 
_entity.pdbx_fragment 
_entity.details 
1 polymer     nat BIKUNIN                                  15987.002 1  ? ? 'DOMAIN II,78 - 133' ? 
2 non-polymer man 2-acetamido-2-deoxy-beta-D-glucopyranose 221.208   1  ? ? ?                    ? 
3 non-polymer syn 'SULFATE ION'                            96.063    2  ? ? ?                    ? 
4 water       nat water                                    18.015    33 ? ? ?                    ? 
# 
_entity_name_com.entity_id   1 
_entity_name_com.name        'MINGIN, URINARY TRYPSIN INHIBITOR, HI30, TRYPSTATIN' 
# 
_entity_poly.entity_id                      1 
_entity_poly.type                           'polypeptide(L)' 
_entity_poly.nstd_linkage                   no 
_entity_poly.nstd_monomer                   no 
_entity_poly.pdbx_seq_one_letter_code       
;AVLPQEEEGSGGGQLVTEVTKKEDSCQLGYSAGPCMGMTSRYFYNGTSMACETFQYGGCMGNGNNFVTEKECLQTCRTVA
ACNLPIVRGPCRAFIQLWAFDAVKGKCVLFPYGGCQGNGNKFYSEKECREYCGVPGDGDEELLRFSN
;
_entity_poly.pdbx_seq_one_letter_code_can   
;AVLPQEEEGSGGGQLVTEVTKKEDSCQLGYSAGPCMGMTSRYFYNGTSMACETFQYGGCMGNGNNFVTEKECLQTCRTVA
ACNLPIVRGPCRAFIQLWAFDAVKGKCVLFPYGGCQGNGNKFYSEKECREYCGVPGDGDEELLRFSN
;
_entity_poly.pdbx_strand_id                 A 
_entity_poly.pdbx_target_identifier         ? 
# 
loop_
_pdbx_entity_nonpoly.entity_id 
_pdbx_entity_nonpoly.name 
_pdbx_entity_nonpoly.comp_id 
2 2-acetamido-2-deoxy-beta-D-glucopyranose NAG 
3 'SULFATE ION'                            SO4 
4 water                                    HOH 
# 
loop_
_entity_poly_seq.entity_id 
_entity_poly_seq.num 
_entity_poly_seq.mon_id 
_entity_poly_seq.hetero 
1 1   ALA n 
1 2   VAL n 
1 3   LEU n 
1 4   PRO n 
1 5   GLN n 
1 6   GLU n 
1 7   GLU n 
1 8   GLU n 
1 9   GLY n 
1 10  SER n 
1 11  GLY n 
1 12  GLY n 
1 13  GLY n 
1 14  GLN n 
1 15  LEU n 
1 16  VAL n 
1 17  THR n 
1 18  GLU n 
1 19  VAL n 
1 20  THR n 
1 21  LYS n 
1 22  LYS n 
1 23  GLU n 
1 24  ASP n 
1 25  SER n 
1 26  CYS n 
1 27  GLN n 
1 28  LEU n 
1 29  GLY n 
1 30  TYR n 
1 31  SER n 
1 32  ALA n 
1 33  GLY n 
1 34  PRO n 
1 35  CYS n 
1 36  MET n 
1 37  GLY n 
1 38  MET n 
1 39  THR n 
1 40  SER n 
1 41  ARG n 
1 42  TYR n 
1 43  PHE n 
1 44  TYR n 
1 45  ASN n 
1 46  GLY n 
1 47  THR n 
1 48  SER n 
1 49  MET n 
1 50  ALA n 
1 51  CYS n 
1 52  GLU n 
1 53  THR n 
1 54  PHE n 
1 55  GLN n 
1 56  TYR n 
1 57  GLY n 
1 58  GLY n 
1 59  CYS n 
1 60  MET n 
1 61  GLY n 
1 62  ASN n 
1 63  GLY n 
1 64  ASN n 
1 65  ASN n 
1 66  PHE n 
1 67  VAL n 
1 68  THR n 
1 69  GLU n 
1 70  LYS n 
1 71  GLU n 
1 72  CYS n 
1 73  LEU n 
1 74  GLN n 
1 75  THR n 
1 76  CYS n 
1 77  ARG n 
1 78  THR n 
1 79  VAL n 
1 80  ALA n 
1 81  ALA n 
1 82  CYS n 
1 83  ASN n 
1 84  LEU n 
1 85  PRO n 
1 86  ILE n 
1 87  VAL n 
1 88  ARG n 
1 89  GLY n 
1 90  PRO n 
1 91  CYS n 
1 92  ARG n 
1 93  ALA n 
1 94  PHE n 
1 95  ILE n 
1 96  GLN n 
1 97  LEU n 
1 98  TRP n 
1 99  ALA n 
1 100 PHE n 
1 101 ASP n 
1 102 ALA n 
1 103 VAL n 
1 104 LYS n 
1 105 GLY n 
1 106 LYS n 
1 107 CYS n 
1 108 VAL n 
1 109 LEU n 
1 110 PHE n 
1 111 PRO n 
1 112 TYR n 
1 113 GLY n 
1 114 GLY n 
1 115 CYS n 
1 116 GLN n 
1 117 GLY n 
1 118 ASN n 
1 119 GLY n 
1 120 ASN n 
1 121 LYS n 
1 122 PHE n 
1 123 TYR n 
1 124 SER n 
1 125 GLU n 
1 126 LYS n 
1 127 GLU n 
1 128 CYS n 
1 129 ARG n 
1 130 GLU n 
1 131 TYR n 
1 132 CYS n 
1 133 GLY n 
1 134 VAL n 
1 135 PRO n 
1 136 GLY n 
1 137 ASP n 
1 138 GLY n 
1 139 ASP n 
1 140 GLU n 
1 141 GLU n 
1 142 LEU n 
1 143 LEU n 
1 144 ARG n 
1 145 PHE n 
1 146 SER n 
1 147 ASN n 
# 
_entity_src_nat.entity_id                  1 
_entity_src_nat.pdbx_src_id                1 
_entity_src_nat.pdbx_alt_source_flag       sample 
_entity_src_nat.pdbx_beg_seq_num           ? 
_entity_src_nat.pdbx_end_seq_num           ? 
_entity_src_nat.common_name                human 
_entity_src_nat.pdbx_organism_scientific   'Homo sapiens' 
_entity_src_nat.pdbx_ncbi_taxonomy_id      9606 
_entity_src_nat.genus                      Homo 
_entity_src_nat.species                    ? 
_entity_src_nat.strain                     ? 
_entity_src_nat.tissue                     ? 
_entity_src_nat.tissue_fraction            ? 
_entity_src_nat.pdbx_secretion             URINE 
_entity_src_nat.pdbx_fragment              ? 
_entity_src_nat.pdbx_variant               ? 
_entity_src_nat.pdbx_cell_line             ? 
_entity_src_nat.pdbx_atcc                  ? 
_entity_src_nat.pdbx_cellular_location     ? 
_entity_src_nat.pdbx_organ                 ? 
_entity_src_nat.pdbx_organelle             ? 
_entity_src_nat.pdbx_cell                  ? 
_entity_src_nat.pdbx_plasmid_name          ? 
_entity_src_nat.pdbx_plasmid_details       ? 
_entity_src_nat.details                    ? 
# 
loop_
_chem_comp.id 
_chem_comp.type 
_chem_comp.mon_nstd_flag 
_chem_comp.name 
_chem_comp.pdbx_synonyms 
_chem_comp.formula 
_chem_comp.formula_weight 
ALA 'L-peptide linking'          y ALANINE                                  ? 'C3 H7 N O2'     89.093  
ARG 'L-peptide linking'          y ARGININE                                 ? 'C6 H15 N4 O2 1' 175.209 
ASN 'L-peptide linking'          y ASPARAGINE                               ? 'C4 H8 N2 O3'    132.118 
ASP 'L-peptide linking'          y 'ASPARTIC ACID'                          ? 'C4 H7 N O4'     133.103 
CYS 'L-peptide linking'          y CYSTEINE                                 ? 'C3 H7 N O2 S'   121.158 
GLN 'L-peptide linking'          y GLUTAMINE                                ? 'C5 H10 N2 O3'   146.144 
GLU 'L-peptide linking'          y 'GLUTAMIC ACID'                          ? 'C5 H9 N O4'     147.129 
GLY 'peptide linking'            y GLYCINE                                  ? 'C2 H5 N O2'     75.067  
HOH non-polymer                  . WATER                                    ? 'H2 O'           18.015  
ILE 'L-peptide linking'          y ISOLEUCINE                               ? 'C6 H13 N O2'    131.173 
LEU 'L-peptide linking'          y LEUCINE                                  ? 'C6 H13 N O2'    131.173 
LYS 'L-peptide linking'          y LYSINE                                   ? 'C6 H15 N2 O2 1' 147.195 
MET 'L-peptide linking'          y METHIONINE                               ? 'C5 H11 N O2 S'  149.211 
NAG 'D-saccharide, beta linking' . 2-acetamido-2-deoxy-beta-D-glucopyranose 
;N-acetyl-beta-D-glucosamine; 2-acetamido-2-deoxy-beta-D-glucose; 2-acetamido-2-deoxy-D-glucose; 2-acetamido-2-deoxy-glucose; N-ACETYL-D-GLUCOSAMINE
;
'C8 H15 N O6'    221.208 
PHE 'L-peptide linking'          y PHENYLALANINE                            ? 'C9 H11 N O2'    165.189 
PRO 'L-peptide linking'          y PROLINE                                  ? 'C5 H9 N O2'     115.130 
SER 'L-peptide linking'          y SERINE                                   ? 'C3 H7 N O3'     105.093 
SO4 non-polymer                  . 'SULFATE ION'                            ? 'O4 S -2'        96.063  
THR 'L-peptide linking'          y THREONINE                                ? 'C4 H9 N O3'     119.119 
TRP 'L-peptide linking'          y TRYPTOPHAN                               ? 'C11 H12 N2 O2'  204.225 
TYR 'L-peptide linking'          y TYROSINE                                 ? 'C9 H11 N O3'    181.189 
VAL 'L-peptide linking'          y VALINE                                   ? 'C5 H11 N O2'    117.146 
# 
loop_
_pdbx_chem_comp_identifier.comp_id 
_pdbx_chem_comp_identifier.type 
_pdbx_chem_comp_identifier.program 
_pdbx_chem_comp_identifier.program_version 
_pdbx_chem_comp_identifier.identifier 
NAG 'CONDENSED IUPAC CARBOHYDRATE SYMBOL' GMML     1.0 DGlcpNAcb                      
NAG 'COMMON NAME'                         GMML     1.0 N-acetyl-b-D-glucopyranosamine 
NAG 'IUPAC CARBOHYDRATE SYMBOL'           PDB-CARE 1.0 b-D-GlcpNAc                    
NAG 'SNFG CARBOHYDRATE SYMBOL'            GMML     1.0 GlcNAc                         
# 
loop_
_pdbx_poly_seq_scheme.asym_id 
_pdbx_poly_seq_scheme.entity_id 
_pdbx_poly_seq_scheme.seq_id 
_pdbx_poly_seq_scheme.mon_id 
_pdbx_poly_seq_scheme.ndb_seq_num 
_pdbx_poly_seq_scheme.pdb_seq_num 
_pdbx_poly_seq_scheme.auth_seq_num 
_pdbx_poly_seq_scheme.pdb_mon_id 
_pdbx_poly_seq_scheme.auth_mon_id 
_pdbx_poly_seq_scheme.pdb_strand_id 
_pdbx_poly_seq_scheme.pdb_ins_code 
_pdbx_poly_seq_scheme.hetero 
A 1 1   ALA 1   1   ?   ?   ?   A . n 
A 1 2   VAL 2   2   ?   ?   ?   A . n 
A 1 3   LEU 3   3   ?   ?   ?   A . n 
A 1 4   PRO 4   4   ?   ?   ?   A . n 
A 1 5   GLN 5   5   ?   ?   ?   A . n 
A 1 6   GLU 6   6   ?   ?   ?   A . n 
A 1 7   GLU 7   7   ?   ?   ?   A . n 
A 1 8   GLU 8   8   ?   ?   ?   A . n 
A 1 9   GLY 9   9   ?   ?   ?   A . n 
A 1 10  SER 10  10  ?   ?   ?   A . n 
A 1 11  GLY 11  11  ?   ?   ?   A . n 
A 1 12  GLY 12  12  ?   ?   ?   A . n 
A 1 13  GLY 13  13  ?   ?   ?   A . n 
A 1 14  GLN 14  14  ?   ?   ?   A . n 
A 1 15  LEU 15  15  ?   ?   ?   A . n 
A 1 16  VAL 16  16  ?   ?   ?   A . n 
A 1 17  THR 17  17  ?   ?   ?   A . n 
A 1 18  GLU 18  18  ?   ?   ?   A . n 
A 1 19  VAL 19  19  ?   ?   ?   A . n 
A 1 20  THR 20  20  ?   ?   ?   A . n 
A 1 21  LYS 21  21  ?   ?   ?   A . n 
A 1 22  LYS 22  22  ?   ?   ?   A . n 
A 1 23  GLU 23  23  ?   ?   ?   A . n 
A 1 24  ASP 24  24  ?   ?   ?   A . n 
A 1 25  SER 25  25  25  SER SER A . n 
A 1 26  CYS 26  26  26  CYS CYS A . n 
A 1 27  GLN 27  27  27  GLN GLN A . n 
A 1 28  LEU 28  28  28  LEU LEU A . n 
A 1 29  GLY 29  29  29  GLY GLY A . n 
A 1 30  TYR 30  30  30  TYR TYR A . n 
A 1 31  SER 31  31  31  SER SER A . n 
A 1 32  ALA 32  32  32  ALA ALA A . n 
A 1 33  GLY 33  33  33  GLY GLY A . n 
A 1 34  PRO 34  34  34  PRO PRO A . n 
A 1 35  CYS 35  35  35  CYS CYS A . n 
A 1 36  MET 36  36  36  MET MET A . n 
A 1 37  GLY 37  37  37  GLY GLY A . n 
A 1 38  MET 38  38  38  MET MET A . n 
A 1 39  THR 39  39  39  THR THR A . n 
A 1 40  SER 40  40  40  SER SER A . n 
A 1 41  ARG 41  41  41  ARG ARG A . n 
A 1 42  TYR 42  42  42  TYR TYR A . n 
A 1 43  PHE 43  43  43  PHE PHE A . n 
A 1 44  TYR 44  44  44  TYR TYR A . n 
A 1 45  ASN 45  45  45  ASN ASN A . n 
A 1 46  GLY 46  46  46  GLY GLY A . n 
A 1 47  THR 47  47  47  THR THR A . n 
A 1 48  SER 48  48  48  SER SER A . n 
A 1 49  MET 49  49  49  MET MET A . n 
A 1 50  ALA 50  50  50  ALA ALA A . n 
A 1 51  CYS 51  51  51  CYS CYS A . n 
A 1 52  GLU 52  52  52  GLU GLU A . n 
A 1 53  THR 53  53  53  THR THR A . n 
A 1 54  PHE 54  54  54  PHE PHE A . n 
A 1 55  GLN 55  55  55  GLN GLN A . n 
A 1 56  TYR 56  56  56  TYR TYR A . n 
A 1 57  GLY 57  57  57  GLY GLY A . n 
A 1 58  GLY 58  58  58  GLY GLY A . n 
A 1 59  CYS 59  59  59  CYS CYS A . n 
A 1 60  MET 60  60  60  MET MET A . n 
A 1 61  GLY 61  61  61  GLY GLY A . n 
A 1 62  ASN 62  62  62  ASN ASN A . n 
A 1 63  GLY 63  63  63  GLY GLY A . n 
A 1 64  ASN 64  64  64  ASN ASN A . n 
A 1 65  ASN 65  65  65  ASN ASN A . n 
A 1 66  PHE 66  66  66  PHE PHE A . n 
A 1 67  VAL 67  67  67  VAL VAL A . n 
A 1 68  THR 68  68  68  THR THR A . n 
A 1 69  GLU 69  69  69  GLU GLU A . n 
A 1 70  LYS 70  70  70  LYS LYS A . n 
A 1 71  GLU 71  71  71  GLU GLU A . n 
A 1 72  CYS 72  72  72  CYS CYS A . n 
A 1 73  LEU 73  73  73  LEU LEU A . n 
A 1 74  GLN 74  74  74  GLN GLN A . n 
A 1 75  THR 75  75  75  THR THR A . n 
A 1 76  CYS 76  76  76  CYS CYS A . n 
A 1 77  ARG 77  77  77  ARG ARG A . n 
A 1 78  THR 78  78  78  THR THR A . n 
A 1 79  VAL 79  79  79  VAL VAL A . n 
A 1 80  ALA 80  80  80  ALA ALA A . n 
A 1 81  ALA 81  81  81  ALA ALA A . n 
A 1 82  CYS 82  82  82  CYS CYS A . n 
A 1 83  ASN 83  83  83  ASN ASN A . n 
A 1 84  LEU 84  84  84  LEU LEU A . n 
A 1 85  PRO 85  85  85  PRO PRO A . n 
A 1 86  ILE 86  86  86  ILE ILE A . n 
A 1 87  VAL 87  87  87  VAL VAL A . n 
A 1 88  ARG 88  88  88  ARG ARG A . n 
A 1 89  GLY 89  89  89  GLY GLY A . n 
A 1 90  PRO 90  90  90  PRO PRO A . n 
A 1 91  CYS 91  91  91  CYS CYS A . n 
A 1 92  ARG 92  92  92  ARG ARG A . n 
A 1 93  ALA 93  93  93  ALA ALA A . n 
A 1 94  PHE 94  94  94  PHE PHE A . n 
A 1 95  ILE 95  95  95  ILE ILE A . n 
A 1 96  GLN 96  96  96  GLN GLN A . n 
A 1 97  LEU 97  97  97  LEU LEU A . n 
A 1 98  TRP 98  98  98  TRP TRP A . n 
A 1 99  ALA 99  99  99  ALA ALA A . n 
A 1 100 PHE 100 100 100 PHE PHE A . n 
A 1 101 ASP 101 101 101 ASP ASP A . n 
A 1 102 ALA 102 102 102 ALA ALA A . n 
A 1 103 VAL 103 103 103 VAL VAL A . n 
A 1 104 LYS 104 104 104 LYS LYS A . n 
A 1 105 GLY 105 105 105 GLY GLY A . n 
A 1 106 LYS 106 106 106 LYS LYS A . n 
A 1 107 CYS 107 107 107 CYS CYS A . n 
A 1 108 VAL 108 108 108 VAL VAL A . n 
A 1 109 LEU 109 109 109 LEU LEU A . n 
A 1 110 PHE 110 110 110 PHE PHE A . n 
A 1 111 PRO 111 111 111 PRO PRO A . n 
A 1 112 TYR 112 112 112 TYR TYR A . n 
A 1 113 GLY 113 113 113 GLY GLY A . n 
A 1 114 GLY 114 114 114 GLY GLY A . n 
A 1 115 CYS 115 115 115 CYS CYS A . n 
A 1 116 GLN 116 116 116 GLN GLN A . n 
A 1 117 GLY 117 117 117 GLY GLY A . n 
A 1 118 ASN 118 118 118 ASN ASN A . n 
A 1 119 GLY 119 119 119 GLY GLY A . n 
A 1 120 ASN 120 120 120 ASN ASN A . n 
A 1 121 LYS 121 121 121 LYS LYS A . n 
A 1 122 PHE 122 122 122 PHE PHE A . n 
A 1 123 TYR 123 123 123 TYR TYR A . n 
A 1 124 SER 124 124 124 SER SER A . n 
A 1 125 GLU 125 125 125 GLU GLU A . n 
A 1 126 LYS 126 126 126 LYS LYS A . n 
A 1 127 GLU 127 127 127 GLU GLU A . n 
A 1 128 CYS 128 128 128 CYS CYS A . n 
A 1 129 ARG 129 129 129 ARG ARG A . n 
A 1 130 GLU 130 130 130 GLU GLU A . n 
A 1 131 TYR 131 131 131 TYR TYR A . n 
A 1 132 CYS 132 132 132 CYS CYS A . n 
A 1 133 GLY 133 133 133 GLY GLY A . n 
A 1 134 VAL 134 134 134 VAL VAL A . n 
A 1 135 PRO 135 135 ?   ?   ?   A . n 
A 1 136 GLY 136 136 ?   ?   ?   A . n 
A 1 137 ASP 137 137 ?   ?   ?   A . n 
A 1 138 GLY 138 138 ?   ?   ?   A . n 
A 1 139 ASP 139 139 ?   ?   ?   A . n 
A 1 140 GLU 140 140 ?   ?   ?   A . n 
A 1 141 GLU 141 141 ?   ?   ?   A . n 
A 1 142 LEU 142 142 ?   ?   ?   A . n 
A 1 143 LEU 143 143 ?   ?   ?   A . n 
A 1 144 ARG 144 144 ?   ?   ?   A . n 
A 1 145 PHE 145 145 ?   ?   ?   A . n 
A 1 146 SER 146 146 ?   ?   ?   A . n 
A 1 147 ASN 147 147 ?   ?   ?   A . n 
# 
loop_
_pdbx_nonpoly_scheme.asym_id 
_pdbx_nonpoly_scheme.entity_id 
_pdbx_nonpoly_scheme.mon_id 
_pdbx_nonpoly_scheme.ndb_seq_num 
_pdbx_nonpoly_scheme.pdb_seq_num 
_pdbx_nonpoly_scheme.auth_seq_num 
_pdbx_nonpoly_scheme.pdb_mon_id 
_pdbx_nonpoly_scheme.auth_mon_id 
_pdbx_nonpoly_scheme.pdb_strand_id 
_pdbx_nonpoly_scheme.pdb_ins_code 
B 2 NAG 1  148 45  NAG NAG A . 
C 3 SO4 1  149 135 SO4 SO4 A . 
D 3 SO4 1  150 136 SO4 SO4 A . 
E 4 HOH 1  151 140 HOH HOH A . 
E 4 HOH 2  152 141 HOH HOH A . 
E 4 HOH 3  153 142 HOH HOH A . 
E 4 HOH 4  154 143 HOH HOH A . 
E 4 HOH 5  155 144 HOH HOH A . 
E 4 HOH 6  156 145 HOH HOH A . 
E 4 HOH 7  157 146 HOH HOH A . 
E 4 HOH 8  158 147 HOH HOH A . 
E 4 HOH 9  159 148 HOH HOH A . 
E 4 HOH 10 160 149 HOH HOH A . 
E 4 HOH 11 161 150 HOH HOH A . 
E 4 HOH 12 162 151 HOH HOH A . 
E 4 HOH 13 163 152 HOH HOH A . 
E 4 HOH 14 164 153 HOH HOH A . 
E 4 HOH 15 165 154 HOH HOH A . 
E 4 HOH 16 166 155 HOH HOH A . 
E 4 HOH 17 167 156 HOH HOH A . 
E 4 HOH 18 168 157 HOH HOH A . 
E 4 HOH 19 169 158 HOH HOH A . 
E 4 HOH 20 170 159 HOH HOH A . 
E 4 HOH 21 171 160 HOH HOH A . 
E 4 HOH 22 172 161 HOH HOH A . 
E 4 HOH 23 173 162 HOH HOH A . 
E 4 HOH 24 174 163 HOH HOH A . 
E 4 HOH 25 175 164 HOH HOH A . 
E 4 HOH 26 176 165 HOH HOH A . 
E 4 HOH 27 177 166 HOH HOH A . 
E 4 HOH 28 178 167 HOH HOH A . 
E 4 HOH 29 179 168 HOH HOH A . 
E 4 HOH 30 180 169 HOH HOH A . 
E 4 HOH 31 181 170 HOH HOH A . 
E 4 HOH 32 182 171 HOH HOH A . 
E 4 HOH 33 183 172 HOH HOH A . 
# 
loop_
_pdbx_unobs_or_zero_occ_atoms.id 
_pdbx_unobs_or_zero_occ_atoms.PDB_model_num 
_pdbx_unobs_or_zero_occ_atoms.polymer_flag 
_pdbx_unobs_or_zero_occ_atoms.occupancy_flag 
_pdbx_unobs_or_zero_occ_atoms.auth_asym_id 
_pdbx_unobs_or_zero_occ_atoms.auth_comp_id 
_pdbx_unobs_or_zero_occ_atoms.auth_seq_id 
_pdbx_unobs_or_zero_occ_atoms.PDB_ins_code 
_pdbx_unobs_or_zero_occ_atoms.auth_atom_id 
_pdbx_unobs_or_zero_occ_atoms.label_alt_id 
_pdbx_unobs_or_zero_occ_atoms.label_asym_id 
_pdbx_unobs_or_zero_occ_atoms.label_comp_id 
_pdbx_unobs_or_zero_occ_atoms.label_seq_id 
_pdbx_unobs_or_zero_occ_atoms.label_atom_id 
1 1 Y 1 A GLN 27  ? CG  ? A GLN 27  CG  
2 1 Y 1 A GLN 27  ? CD  ? A GLN 27  CD  
3 1 Y 1 A GLN 27  ? OE1 ? A GLN 27  OE1 
4 1 Y 1 A GLN 27  ? NE2 ? A GLN 27  NE2 
5 1 Y 1 A LYS 126 ? CG  ? A LYS 126 CG  
6 1 Y 1 A LYS 126 ? CD  ? A LYS 126 CD  
7 1 Y 1 A LYS 126 ? CE  ? A LYS 126 CE  
8 1 Y 1 A LYS 126 ? NZ  ? A LYS 126 NZ  
# 
loop_
_software.name 
_software.classification 
_software.version 
_software.citation_id 
_software.pdbx_ordinal 
DENZO     'data reduction' .   ? 1 
SCALEPACK 'data scaling'   .   ? 2 
X-PLOR    'model building' 3.1 ? 3 
X-PLOR    refinement       3.1 ? 4 
X-PLOR    phasing          3.1 ? 5 
# 
_cell.entry_id           1BIK 
_cell.length_a           55.300 
_cell.length_b           55.300 
_cell.length_c           146.900 
_cell.angle_alpha        90.00 
_cell.angle_beta         90.00 
_cell.angle_gamma        90.00 
_cell.Z_PDB              8 
_cell.pdbx_unique_axis   ? 
# 
_symmetry.entry_id                         1BIK 
_symmetry.space_group_name_H-M             'P 41 21 2' 
_symmetry.pdbx_full_space_group_name_H-M   ? 
_symmetry.cell_setting                     ? 
_symmetry.Int_Tables_number                92 
# 
_exptl.entry_id          1BIK 
_exptl.method            'X-RAY DIFFRACTION' 
_exptl.crystals_number   1 
# 
_exptl_crystal.id                    1 
_exptl_crystal.density_meas          ? 
_exptl_crystal.density_Matthews      3.51 
_exptl_crystal.density_percent_sol   64.97 
_exptl_crystal.description           'NON IDENTICAL RESIDUES TRUNCATED TO THE CB POSITION' 
# 
_exptl_crystal_grow.crystal_id      1 
_exptl_crystal_grow.method          ? 
_exptl_crystal_grow.temp            ? 
_exptl_crystal_grow.temp_details    ? 
_exptl_crystal_grow.pH              7.5 
_exptl_crystal_grow.pdbx_pH_range   ? 
_exptl_crystal_grow.pdbx_details    'pH 7.5' 
# 
_diffrn.id                     1 
_diffrn.ambient_temp           293 
_diffrn.ambient_temp_details   ? 
_diffrn.crystal_id             1 
# 
_diffrn_detector.diffrn_id              1 
_diffrn_detector.detector               'IMAGE PLATE' 
_diffrn_detector.type                   'RIGAKU RAXIS II' 
_diffrn_detector.pdbx_collection_date   1995-11 
_diffrn_detector.details                COLLIMATOR 
# 
_diffrn_radiation.diffrn_id                        1 
_diffrn_radiation.wavelength_id                    1 
_diffrn_radiation.pdbx_monochromatic_or_laue_m_l   M 
_diffrn_radiation.monochromator                    'GRAPHITE(002)' 
_diffrn_radiation.pdbx_diffrn_protocol             ? 
_diffrn_radiation.pdbx_scattering_type             x-ray 
# 
_diffrn_radiation_wavelength.id           1 
_diffrn_radiation_wavelength.wavelength   1.5418 
_diffrn_radiation_wavelength.wt           1.0 
# 
_diffrn_source.diffrn_id                   1 
_diffrn_source.source                      'ROTATING ANODE' 
_diffrn_source.type                        'RIGAKU RUH2R' 
_diffrn_source.pdbx_synchrotron_site       ? 
_diffrn_source.pdbx_synchrotron_beamline   ? 
_diffrn_source.pdbx_wavelength             1.5418 
_diffrn_source.pdbx_wavelength_list        ? 
# 
_reflns.entry_id                     1BIK 
_reflns.observed_criterion_sigma_I   ? 
_reflns.observed_criterion_sigma_F   ? 
_reflns.d_resolution_low             25 
_reflns.d_resolution_high            2.5 
_reflns.number_obs                   8519 
_reflns.number_all                   ? 
_reflns.percent_possible_obs         97.7 
_reflns.pdbx_Rmerge_I_obs            0.072 
_reflns.pdbx_Rsym_value              ? 
_reflns.pdbx_netI_over_sigmaI        13.4 
_reflns.B_iso_Wilson_estimate        ? 
_reflns.pdbx_redundancy              6.5 
_reflns.pdbx_ordinal                 1 
_reflns.pdbx_diffrn_id               1 
# 
_reflns_shell.d_res_high             2.5 
_reflns_shell.d_res_low              2.6 
_reflns_shell.percent_possible_all   97.6 
_reflns_shell.Rmerge_I_obs           0.21 
_reflns_shell.pdbx_Rsym_value        ? 
_reflns_shell.meanI_over_sigI_obs    10.1 
_reflns_shell.pdbx_redundancy        6 
_reflns_shell.pdbx_ordinal           1 
_reflns_shell.pdbx_diffrn_id         1 
# 
_refine.entry_id                                 1BIK 
_refine.ls_number_reflns_obs                     7511 
_refine.ls_number_reflns_all                     ? 
_refine.pdbx_ls_sigma_I                          ? 
_refine.pdbx_ls_sigma_F                          2.0 
_refine.pdbx_data_cutoff_high_absF               ? 
_refine.pdbx_data_cutoff_low_absF                ? 
_refine.pdbx_data_cutoff_high_rms_absF           ? 
_refine.ls_d_res_low                             8.0 
_refine.ls_d_res_high                            2.5 
_refine.ls_percent_reflns_obs                    89.0 
_refine.ls_R_factor_obs                          0.205 
_refine.ls_R_factor_all                          ? 
_refine.ls_R_factor_R_work                       0.205 
_refine.ls_R_factor_R_free                       0.253 
_refine.ls_R_factor_R_free_error                 ? 
_refine.ls_R_factor_R_free_error_details         ? 
_refine.ls_percent_reflns_R_free                 10.0 
_refine.ls_number_reflns_R_free                  783 
_refine.ls_number_parameters                     ? 
_refine.ls_number_restraints                     ? 
_refine.occupancy_min                            ? 
_refine.occupancy_max                            ? 
_refine.B_iso_mean                               ? 
_refine.aniso_B[1][1]                            ? 
_refine.aniso_B[2][2]                            ? 
_refine.aniso_B[3][3]                            ? 
_refine.aniso_B[1][2]                            ? 
_refine.aniso_B[1][3]                            ? 
_refine.aniso_B[2][3]                            ? 
_refine.solvent_model_details                    ? 
_refine.solvent_model_param_ksol                 ? 
_refine.solvent_model_param_bsol                 ? 
_refine.pdbx_ls_cross_valid_method               THROUGHOUT 
_refine.details                                  ? 
_refine.pdbx_starting_model                      'C-TERMINAL DOMAIN OF PDB ENTRY 1KNT' 
_refine.pdbx_method_to_determine_struct          'MOLECULAR REPLACEMENT' 
_refine.pdbx_isotropic_thermal_model             ? 
_refine.pdbx_stereochemistry_target_values       ? 
_refine.pdbx_stereochem_target_val_spec_case     ? 
_refine.pdbx_R_Free_selection_details            RANDOM 
_refine.pdbx_overall_ESU_R                       ? 
_refine.pdbx_overall_ESU_R_Free                  ? 
_refine.overall_SU_ML                            ? 
_refine.overall_SU_B                             ? 
_refine.pdbx_refine_id                           'X-RAY DIFFRACTION' 
_refine.pdbx_diffrn_id                           1 
_refine.pdbx_TLS_residual_ADP_flag               ? 
_refine.correlation_coeff_Fo_to_Fc               ? 
_refine.correlation_coeff_Fo_to_Fc_free          ? 
_refine.pdbx_solvent_vdw_probe_radii             ? 
_refine.pdbx_solvent_ion_probe_radii             ? 
_refine.pdbx_solvent_shrinkage_radii             ? 
_refine.pdbx_overall_phase_error                 ? 
_refine.overall_SU_R_Cruickshank_DPI             ? 
_refine.pdbx_overall_SU_R_free_Cruickshank_DPI   ? 
_refine.pdbx_overall_SU_R_Blow_DPI               ? 
_refine.pdbx_overall_SU_R_free_Blow_DPI          ? 
# 
_refine_hist.pdbx_refine_id                   'X-RAY DIFFRACTION' 
_refine_hist.cycle_id                         LAST 
_refine_hist.pdbx_number_atoms_protein        827 
_refine_hist.pdbx_number_atoms_nucleic_acid   0 
_refine_hist.pdbx_number_atoms_ligand         24 
_refine_hist.number_atoms_solvent             33 
_refine_hist.number_atoms_total               884 
_refine_hist.d_res_high                       2.5 
_refine_hist.d_res_low                        8.0 
# 
loop_
_refine_ls_restr.type 
_refine_ls_restr.dev_ideal 
_refine_ls_restr.dev_ideal_target 
_refine_ls_restr.weight 
_refine_ls_restr.number 
_refine_ls_restr.pdbx_refine_id 
_refine_ls_restr.pdbx_restraint_function 
x_bond_d                0.010 ? ? ? 'X-RAY DIFFRACTION' ? 
x_bond_d_na             ?     ? ? ? 'X-RAY DIFFRACTION' ? 
x_bond_d_prot           ?     ? ? ? 'X-RAY DIFFRACTION' ? 
x_angle_d               ?     ? ? ? 'X-RAY DIFFRACTION' ? 
x_angle_d_na            ?     ? ? ? 'X-RAY DIFFRACTION' ? 
x_angle_d_prot          ?     ? ? ? 'X-RAY DIFFRACTION' ? 
x_angle_deg             1.635 ? ? ? 'X-RAY DIFFRACTION' ? 
x_angle_deg_na          ?     ? ? ? 'X-RAY DIFFRACTION' ? 
x_angle_deg_prot        ?     ? ? ? 'X-RAY DIFFRACTION' ? 
x_dihedral_angle_d      25.25 ? ? ? 'X-RAY DIFFRACTION' ? 
x_dihedral_angle_d_na   ?     ? ? ? 'X-RAY DIFFRACTION' ? 
x_dihedral_angle_d_prot ?     ? ? ? 'X-RAY DIFFRACTION' ? 
x_improper_angle_d      1.389 ? ? ? 'X-RAY DIFFRACTION' ? 
x_improper_angle_d_na   ?     ? ? ? 'X-RAY DIFFRACTION' ? 
x_improper_angle_d_prot ?     ? ? ? 'X-RAY DIFFRACTION' ? 
x_mcbond_it             ?     ? ? ? 'X-RAY DIFFRACTION' ? 
x_mcangle_it            ?     ? ? ? 'X-RAY DIFFRACTION' ? 
x_scbond_it             ?     ? ? ? 'X-RAY DIFFRACTION' ? 
x_scangle_it            ?     ? ? ? 'X-RAY DIFFRACTION' ? 
# 
_refine_ls_shell.pdbx_total_number_of_bins_used   8 
_refine_ls_shell.d_res_high                       2.5 
_refine_ls_shell.d_res_low                        2.6 
_refine_ls_shell.number_reflns_R_work             696 
_refine_ls_shell.R_factor_R_work                  0.29 
_refine_ls_shell.percent_reflns_obs               79 
_refine_ls_shell.R_factor_R_free                  0.305 
_refine_ls_shell.R_factor_R_free_error            ? 
_refine_ls_shell.percent_reflns_R_free            10 
_refine_ls_shell.number_reflns_R_free             98 
_refine_ls_shell.pdbx_refine_id                   'X-RAY DIFFRACTION' 
_refine_ls_shell.number_reflns_all                ? 
_refine_ls_shell.R_factor_all                     ? 
# 
loop_
_pdbx_xplor_file.serial_no 
_pdbx_xplor_file.param_file 
_pdbx_xplor_file.topol_file 
_pdbx_xplor_file.pdbx_refine_id 
1 PARHCSDX.PRO TOPHCSDX.PRO 'X-RAY DIFFRACTION' 
2 WATER.PARM   WATER.TOPO   'X-RAY DIFFRACTION' 
3 SO4.PARM     SO4.TOPO     'X-RAY DIFFRACTION' 
4 ?            GLA_NEW.TOPO 'X-RAY DIFFRACTION' 
# 
_struct.entry_id                  1BIK 
_struct.title                     'X-RAY STRUCTURE OF BIKUNIN FROM THE HUMAN INTER-ALPHA-INHIBITOR COMPLEX' 
_struct.pdbx_model_details        ? 
_struct.pdbx_CASP_flag            ? 
_struct.pdbx_model_type_details   ? 
# 
_struct_keywords.entry_id        1BIK 
_struct_keywords.pdbx_keywords   GLYCOPROTEIN 
_struct_keywords.text            
;GLYCOPROTEIN, BIKUNIN, TRYPSTATIN, URINARY TRYPSIN INHIBITOR, URONIC-ACID-RICH PROTEIN, SERINE PROTEASE INHIBITOR (KUNITZ TYPE), GLYCOSYLATED PROTEIN
;
# 
loop_
_struct_asym.id 
_struct_asym.pdbx_blank_PDB_chainid_flag 
_struct_asym.pdbx_modified 
_struct_asym.entity_id 
_struct_asym.details 
A N N 1 ? 
B N N 2 ? 
C N N 3 ? 
D N N 3 ? 
E N N 4 ? 
# 
_struct_ref.id                         1 
_struct_ref.db_name                    UNP 
_struct_ref.db_code                    AMBP_HUMAN 
_struct_ref.entity_id                  1 
_struct_ref.pdbx_db_accession          P02760 
_struct_ref.pdbx_align_begin           1 
_struct_ref.pdbx_seq_one_letter_code   
;MRSLGALLLLLSACLAVSAGPVPTPPDNIQVQENFNISRIYGKWYNLAIGSTCPWLKKIMDRMTVSTLVLGEGATEAEIS
MTSTRWRKGVCEETSGAYEKTDTDGKFLYHKSKWNITMESYVVHTNYDEYAIFLTKKFSRHHGPTITAKLYGRAPQLRET
LLQDFRVVAQGVGIPEDSIFTMADRGECVPGEQEPEPILIPRVRRAVLPQEEEGSGGGQLVTEVTKKEDSCQLGYSAGPC
MGMTSRYFYNGTSMACETFQYGGCMGNGNNFVTEKECLQTCRTVAACNLPIVRGPCRAFIQLWAFDAVKGKCVLFPYGGC
QGNGNKFYSEKECREYCGVPGDGDEELLRFSN
;
_struct_ref.pdbx_db_isoform            ? 
# 
_struct_ref_seq.align_id                      1 
_struct_ref_seq.ref_id                        1 
_struct_ref_seq.pdbx_PDB_id_code              1BIK 
_struct_ref_seq.pdbx_strand_id                A 
_struct_ref_seq.seq_align_beg                 1 
_struct_ref_seq.pdbx_seq_align_beg_ins_code   ? 
_struct_ref_seq.seq_align_end                 147 
_struct_ref_seq.pdbx_seq_align_end_ins_code   ? 
_struct_ref_seq.pdbx_db_accession             P02760 
_struct_ref_seq.db_align_beg                  206 
_struct_ref_seq.pdbx_db_align_beg_ins_code    ? 
_struct_ref_seq.db_align_end                  352 
_struct_ref_seq.pdbx_db_align_end_ins_code    ? 
_struct_ref_seq.pdbx_auth_seq_align_beg       1 
_struct_ref_seq.pdbx_auth_seq_align_end       147 
# 
_pdbx_struct_assembly.id                   1 
_pdbx_struct_assembly.details              author_defined_assembly 
_pdbx_struct_assembly.method_details       ? 
_pdbx_struct_assembly.oligomeric_details   monomeric 
_pdbx_struct_assembly.oligomeric_count     1 
# 
_pdbx_struct_assembly_gen.assembly_id       1 
_pdbx_struct_assembly_gen.oper_expression   1 
_pdbx_struct_assembly_gen.asym_id_list      A,B,C,D,E 
# 
_pdbx_struct_oper_list.id                   1 
_pdbx_struct_oper_list.type                 'identity operation' 
_pdbx_struct_oper_list.name                 1_555 
_pdbx_struct_oper_list.symmetry_operation   x,y,z 
_pdbx_struct_oper_list.matrix[1][1]         1.0000000000 
_pdbx_struct_oper_list.matrix[1][2]         0.0000000000 
_pdbx_struct_oper_list.matrix[1][3]         0.0000000000 
_pdbx_struct_oper_list.vector[1]            0.0000000000 
_pdbx_struct_oper_list.matrix[2][1]         0.0000000000 
_pdbx_struct_oper_list.matrix[2][2]         1.0000000000 
_pdbx_struct_oper_list.matrix[2][3]         0.0000000000 
_pdbx_struct_oper_list.vector[2]            0.0000000000 
_pdbx_struct_oper_list.matrix[3][1]         0.0000000000 
_pdbx_struct_oper_list.matrix[3][2]         0.0000000000 
_pdbx_struct_oper_list.matrix[3][3]         1.0000000000 
_pdbx_struct_oper_list.vector[3]            0.0000000000 
# 
_struct_biol.id   1 
# 
loop_
_struct_conf.conf_type_id 
_struct_conf.id 
_struct_conf.pdbx_PDB_helix_id 
_struct_conf.beg_label_comp_id 
_struct_conf.beg_label_asym_id 
_struct_conf.beg_label_seq_id 
_struct_conf.pdbx_beg_PDB_ins_code 
_struct_conf.end_label_comp_id 
_struct_conf.end_label_asym_id 
_struct_conf.end_label_seq_id 
_struct_conf.pdbx_end_PDB_ins_code 
_struct_conf.beg_auth_comp_id 
_struct_conf.beg_auth_asym_id 
_struct_conf.beg_auth_seq_id 
_struct_conf.end_auth_comp_id 
_struct_conf.end_auth_asym_id 
_struct_conf.end_auth_seq_id 
_struct_conf.pdbx_PDB_helix_class 
_struct_conf.details 
_struct_conf.pdbx_PDB_helix_length 
HELX_P HELX_P1 1 GLU A 69  ? CYS A 76  ? GLU A 69  CYS A 76  1 ? 8 
HELX_P HELX_P2 2 VAL A 79  ? ASN A 83  ? VAL A 79  ASN A 83  5 ? 5 
HELX_P HELX_P3 3 GLU A 125 ? CYS A 132 ? GLU A 125 CYS A 132 1 ? 8 
# 
_struct_conf_type.id          HELX_P 
_struct_conf_type.criteria    ? 
_struct_conf_type.reference   ? 
# 
loop_
_struct_conn.id 
_struct_conn.conn_type_id 
_struct_conn.pdbx_leaving_atom_flag 
_struct_conn.pdbx_PDB_id 
_struct_conn.ptnr1_label_asym_id 
_struct_conn.ptnr1_label_comp_id 
_struct_conn.ptnr1_label_seq_id 
_struct_conn.ptnr1_label_atom_id 
_struct_conn.pdbx_ptnr1_label_alt_id 
_struct_conn.pdbx_ptnr1_PDB_ins_code 
_struct_conn.pdbx_ptnr1_standard_comp_id 
_struct_conn.ptnr1_symmetry 
_struct_conn.ptnr2_label_asym_id 
_struct_conn.ptnr2_label_comp_id 
_struct_conn.ptnr2_label_seq_id 
_struct_conn.ptnr2_label_atom_id 
_struct_conn.pdbx_ptnr2_label_alt_id 
_struct_conn.pdbx_ptnr2_PDB_ins_code 
_struct_conn.ptnr1_auth_asym_id 
_struct_conn.ptnr1_auth_comp_id 
_struct_conn.ptnr1_auth_seq_id 
_struct_conn.ptnr2_auth_asym_id 
_struct_conn.ptnr2_auth_comp_id 
_struct_conn.ptnr2_auth_seq_id 
_struct_conn.ptnr2_symmetry 
_struct_conn.pdbx_ptnr3_label_atom_id 
_struct_conn.pdbx_ptnr3_label_seq_id 
_struct_conn.pdbx_ptnr3_label_comp_id 
_struct_conn.pdbx_ptnr3_label_asym_id 
_struct_conn.pdbx_ptnr3_label_alt_id 
_struct_conn.pdbx_ptnr3_PDB_ins_code 
_struct_conn.details 
_struct_conn.pdbx_dist_value 
_struct_conn.pdbx_value_order 
_struct_conn.pdbx_role 
disulf1 disulf ?   ? A CYS 26  SG  ? ? ? 1_555 A CYS 76  SG ? ? A CYS 26  A CYS 76  1_555 ? ? ? ? ? ? ? 2.016 ? ?               
disulf2 disulf ?   ? A CYS 35  SG  ? ? ? 1_555 A CYS 59  SG ? ? A CYS 35  A CYS 59  1_555 ? ? ? ? ? ? ? 2.012 ? ?               
disulf3 disulf ?   ? A CYS 51  SG  ? ? ? 1_555 A CYS 72  SG ? ? A CYS 51  A CYS 72  1_555 ? ? ? ? ? ? ? 2.029 ? ?               
disulf4 disulf ?   ? A CYS 82  SG  ? ? ? 1_555 A CYS 132 SG ? ? A CYS 82  A CYS 132 1_555 ? ? ? ? ? ? ? 2.021 ? ?               
disulf5 disulf ?   ? A CYS 91  SG  ? ? ? 1_555 A CYS 115 SG ? ? A CYS 91  A CYS 115 1_555 ? ? ? ? ? ? ? 2.022 ? ?               
disulf6 disulf ?   ? A CYS 107 SG  ? ? ? 1_555 A CYS 128 SG ? ? A CYS 107 A CYS 128 1_555 ? ? ? ? ? ? ? 2.027 ? ?               
covale1 covale one ? A ASN 45  ND2 ? ? ? 1_555 B NAG .   C1 ? ? A ASN 45  A NAG 148 1_555 ? ? ? ? ? ? ? 1.449 ? N-Glycosylation 
# 
loop_
_struct_conn_type.id 
_struct_conn_type.criteria 
_struct_conn_type.reference 
disulf ? ? 
covale ? ? 
# 
loop_
_pdbx_modification_feature.ordinal 
_pdbx_modification_feature.label_comp_id 
_pdbx_modification_feature.label_asym_id 
_pdbx_modification_feature.label_seq_id 
_pdbx_modification_feature.label_alt_id 
_pdbx_modification_feature.modified_residue_label_comp_id 
_pdbx_modification_feature.modified_residue_label_asym_id 
_pdbx_modification_feature.modified_residue_label_seq_id 
_pdbx_modification_feature.modified_residue_label_alt_id 
_pdbx_modification_feature.auth_comp_id 
_pdbx_modification_feature.auth_asym_id 
_pdbx_modification_feature.auth_seq_id 
_pdbx_modification_feature.PDB_ins_code 
_pdbx_modification_feature.symmetry 
_pdbx_modification_feature.modified_residue_auth_comp_id 
_pdbx_modification_feature.modified_residue_auth_asym_id 
_pdbx_modification_feature.modified_residue_auth_seq_id 
_pdbx_modification_feature.modified_residue_PDB_ins_code 
_pdbx_modification_feature.modified_residue_symmetry 
_pdbx_modification_feature.comp_id_linking_atom 
_pdbx_modification_feature.modified_residue_id_linking_atom 
_pdbx_modification_feature.modified_residue_id 
_pdbx_modification_feature.ref_pcm_id 
_pdbx_modification_feature.ref_comp_id 
_pdbx_modification_feature.type 
_pdbx_modification_feature.category 
1 NAG B .   ? ASN A 45  ? NAG A 148 ? 1_555 ASN A 45  ? 1_555 C1 ND2 ASN 1 NAG N-Glycosylation Carbohydrate       
2 CYS A 26  ? CYS A 76  ? CYS A 26  ? 1_555 CYS A 76  ? 1_555 SG SG  .   . .   None            'Disulfide bridge' 
3 CYS A 35  ? CYS A 59  ? CYS A 35  ? 1_555 CYS A 59  ? 1_555 SG SG  .   . .   None            'Disulfide bridge' 
4 CYS A 51  ? CYS A 72  ? CYS A 51  ? 1_555 CYS A 72  ? 1_555 SG SG  .   . .   None            'Disulfide bridge' 
5 CYS A 82  ? CYS A 132 ? CYS A 82  ? 1_555 CYS A 132 ? 1_555 SG SG  .   . .   None            'Disulfide bridge' 
6 CYS A 91  ? CYS A 115 ? CYS A 91  ? 1_555 CYS A 115 ? 1_555 SG SG  .   . .   None            'Disulfide bridge' 
7 CYS A 107 ? CYS A 128 ? CYS A 107 ? 1_555 CYS A 128 ? 1_555 SG SG  .   . .   None            'Disulfide bridge' 
# 
loop_
_struct_sheet.id 
_struct_sheet.type 
_struct_sheet.number_strands 
_struct_sheet.details 
A ? 2 ? 
B ? 2 ? 
# 
loop_
_struct_sheet_order.sheet_id 
_struct_sheet_order.range_id_1 
_struct_sheet_order.range_id_2 
_struct_sheet_order.offset 
_struct_sheet_order.sense 
A 1 2 ? anti-parallel 
B 1 2 ? anti-parallel 
# 
loop_
_struct_sheet_range.sheet_id 
_struct_sheet_range.id 
_struct_sheet_range.beg_label_comp_id 
_struct_sheet_range.beg_label_asym_id 
_struct_sheet_range.beg_label_seq_id 
_struct_sheet_range.pdbx_beg_PDB_ins_code 
_struct_sheet_range.end_label_comp_id 
_struct_sheet_range.end_label_asym_id 
_struct_sheet_range.end_label_seq_id 
_struct_sheet_range.pdbx_end_PDB_ins_code 
_struct_sheet_range.beg_auth_comp_id 
_struct_sheet_range.beg_auth_asym_id 
_struct_sheet_range.beg_auth_seq_id 
_struct_sheet_range.end_auth_comp_id 
_struct_sheet_range.end_auth_asym_id 
_struct_sheet_range.end_auth_seq_id 
A 1 THR A 39  ? ASN A 45  ? THR A 39  ASN A 45  
A 2 ALA A 50  ? TYR A 56  ? ALA A 50  TYR A 56  
B 1 ILE A 95  ? ASP A 101 ? ILE A 95  ASP A 101 
B 2 LYS A 106 ? TYR A 112 ? LYS A 106 TYR A 112 
# 
loop_
_pdbx_struct_sheet_hbond.sheet_id 
_pdbx_struct_sheet_hbond.range_id_1 
_pdbx_struct_sheet_hbond.range_id_2 
_pdbx_struct_sheet_hbond.range_1_label_atom_id 
_pdbx_struct_sheet_hbond.range_1_label_comp_id 
_pdbx_struct_sheet_hbond.range_1_label_asym_id 
_pdbx_struct_sheet_hbond.range_1_label_seq_id 
_pdbx_struct_sheet_hbond.range_1_PDB_ins_code 
_pdbx_struct_sheet_hbond.range_1_auth_atom_id 
_pdbx_struct_sheet_hbond.range_1_auth_comp_id 
_pdbx_struct_sheet_hbond.range_1_auth_asym_id 
_pdbx_struct_sheet_hbond.range_1_auth_seq_id 
_pdbx_struct_sheet_hbond.range_2_label_atom_id 
_pdbx_struct_sheet_hbond.range_2_label_comp_id 
_pdbx_struct_sheet_hbond.range_2_label_asym_id 
_pdbx_struct_sheet_hbond.range_2_label_seq_id 
_pdbx_struct_sheet_hbond.range_2_PDB_ins_code 
_pdbx_struct_sheet_hbond.range_2_auth_atom_id 
_pdbx_struct_sheet_hbond.range_2_auth_comp_id 
_pdbx_struct_sheet_hbond.range_2_auth_asym_id 
_pdbx_struct_sheet_hbond.range_2_auth_seq_id 
A 1 2 O THR A 39 ? O THR A 39 N TYR A 56  ? N TYR A 56  
B 1 2 O ILE A 95 ? O ILE A 95 N TYR A 112 ? N TYR A 112 
# 
_pdbx_entry_details.entry_id                   1BIK 
_pdbx_entry_details.compound_details           ? 
_pdbx_entry_details.source_details             ? 
_pdbx_entry_details.nonpolymer_details         ? 
_pdbx_entry_details.sequence_details           ? 
_pdbx_entry_details.has_ligand_of_interest     ? 
_pdbx_entry_details.has_protein_modification   Y 
# 
_pdbx_struct_mod_residue.id               1 
_pdbx_struct_mod_residue.label_asym_id    A 
_pdbx_struct_mod_residue.label_comp_id    ASN 
_pdbx_struct_mod_residue.label_seq_id     45 
_pdbx_struct_mod_residue.auth_asym_id     A 
_pdbx_struct_mod_residue.auth_comp_id     ASN 
_pdbx_struct_mod_residue.auth_seq_id      45 
_pdbx_struct_mod_residue.PDB_ins_code     ? 
_pdbx_struct_mod_residue.parent_comp_id   ASN 
_pdbx_struct_mod_residue.details          'GLYCOSYLATION SITE' 
# 
loop_
_pdbx_unobs_or_zero_occ_residues.id 
_pdbx_unobs_or_zero_occ_residues.PDB_model_num 
_pdbx_unobs_or_zero_occ_residues.polymer_flag 
_pdbx_unobs_or_zero_occ_residues.occupancy_flag 
_pdbx_unobs_or_zero_occ_residues.auth_asym_id 
_pdbx_unobs_or_zero_occ_residues.auth_comp_id 
_pdbx_unobs_or_zero_occ_residues.auth_seq_id 
_pdbx_unobs_or_zero_occ_residues.PDB_ins_code 
_pdbx_unobs_or_zero_occ_residues.label_asym_id 
_pdbx_unobs_or_zero_occ_residues.label_comp_id 
_pdbx_unobs_or_zero_occ_residues.label_seq_id 
1  1 Y 1 A ALA 1   ? A ALA 1   
2  1 Y 1 A VAL 2   ? A VAL 2   
3  1 Y 1 A LEU 3   ? A LEU 3   
4  1 Y 1 A PRO 4   ? A PRO 4   
5  1 Y 1 A GLN 5   ? A GLN 5   
6  1 Y 1 A GLU 6   ? A GLU 6   
7  1 Y 1 A GLU 7   ? A GLU 7   
8  1 Y 1 A GLU 8   ? A GLU 8   
9  1 Y 1 A GLY 9   ? A GLY 9   
10 1 Y 1 A SER 10  ? A SER 10  
11 1 Y 1 A GLY 11  ? A GLY 11  
12 1 Y 1 A GLY 12  ? A GLY 12  
13 1 Y 1 A GLY 13  ? A GLY 13  
14 1 Y 1 A GLN 14  ? A GLN 14  
15 1 Y 1 A LEU 15  ? A LEU 15  
16 1 Y 1 A VAL 16  ? A VAL 16  
17 1 Y 1 A THR 17  ? A THR 17  
18 1 Y 1 A GLU 18  ? A GLU 18  
19 1 Y 1 A VAL 19  ? A VAL 19  
20 1 Y 1 A THR 20  ? A THR 20  
21 1 Y 1 A LYS 21  ? A LYS 21  
22 1 Y 1 A LYS 22  ? A LYS 22  
23 1 Y 1 A GLU 23  ? A GLU 23  
24 1 Y 1 A ASP 24  ? A ASP 24  
25 1 Y 1 A PRO 135 ? A PRO 135 
26 1 Y 1 A GLY 136 ? A GLY 136 
27 1 Y 1 A ASP 137 ? A ASP 137 
28 1 Y 1 A GLY 138 ? A GLY 138 
29 1 Y 1 A ASP 139 ? A ASP 139 
30 1 Y 1 A GLU 140 ? A GLU 140 
31 1 Y 1 A GLU 141 ? A GLU 141 
32 1 Y 1 A LEU 142 ? A LEU 142 
33 1 Y 1 A LEU 143 ? A LEU 143 
34 1 Y 1 A ARG 144 ? A ARG 144 
35 1 Y 1 A PHE 145 ? A PHE 145 
36 1 Y 1 A SER 146 ? A SER 146 
37 1 Y 1 A ASN 147 ? A ASN 147 
# 
loop_
_chem_comp_atom.comp_id 
_chem_comp_atom.atom_id 
_chem_comp_atom.type_symbol 
_chem_comp_atom.pdbx_aromatic_flag 
_chem_comp_atom.pdbx_stereo_config 
_chem_comp_atom.pdbx_ordinal 
ALA N    N N N 1   
ALA CA   C N S 2   
ALA C    C N N 3   
ALA O    O N N 4   
ALA CB   C N N 5   
ALA OXT  O N N 6   
ALA H    H N N 7   
ALA H2   H N N 8   
ALA HA   H N N 9   
ALA HB1  H N N 10  
ALA HB2  H N N 11  
ALA HB3  H N N 12  
ALA HXT  H N N 13  
ARG N    N N N 14  
ARG CA   C N S 15  
ARG C    C N N 16  
ARG O    O N N 17  
ARG CB   C N N 18  
ARG CG   C N N 19  
ARG CD   C N N 20  
ARG NE   N N N 21  
ARG CZ   C N N 22  
ARG NH1  N N N 23  
ARG NH2  N N N 24  
ARG OXT  O N N 25  
ARG H    H N N 26  
ARG H2   H N N 27  
ARG HA   H N N 28  
ARG HB2  H N N 29  
ARG HB3  H N N 30  
ARG HG2  H N N 31  
ARG HG3  H N N 32  
ARG HD2  H N N 33  
ARG HD3  H N N 34  
ARG HE   H N N 35  
ARG HH11 H N N 36  
ARG HH12 H N N 37  
ARG HH21 H N N 38  
ARG HH22 H N N 39  
ARG HXT  H N N 40  
ASN N    N N N 41  
ASN CA   C N S 42  
ASN C    C N N 43  
ASN O    O N N 44  
ASN CB   C N N 45  
ASN CG   C N N 46  
ASN OD1  O N N 47  
ASN ND2  N N N 48  
ASN OXT  O N N 49  
ASN H    H N N 50  
ASN H2   H N N 51  
ASN HA   H N N 52  
ASN HB2  H N N 53  
ASN HB3  H N N 54  
ASN HD21 H N N 55  
ASN HD22 H N N 56  
ASN HXT  H N N 57  
ASP N    N N N 58  
ASP CA   C N S 59  
ASP C    C N N 60  
ASP O    O N N 61  
ASP CB   C N N 62  
ASP CG   C N N 63  
ASP OD1  O N N 64  
ASP OD2  O N N 65  
ASP OXT  O N N 66  
ASP H    H N N 67  
ASP H2   H N N 68  
ASP HA   H N N 69  
ASP HB2  H N N 70  
ASP HB3  H N N 71  
ASP HD2  H N N 72  
ASP HXT  H N N 73  
CYS N    N N N 74  
CYS CA   C N R 75  
CYS C    C N N 76  
CYS O    O N N 77  
CYS CB   C N N 78  
CYS SG   S N N 79  
CYS OXT  O N N 80  
CYS H    H N N 81  
CYS H2   H N N 82  
CYS HA   H N N 83  
CYS HB2  H N N 84  
CYS HB3  H N N 85  
CYS HG   H N N 86  
CYS HXT  H N N 87  
GLN N    N N N 88  
GLN CA   C N S 89  
GLN C    C N N 90  
GLN O    O N N 91  
GLN CB   C N N 92  
GLN CG   C N N 93  
GLN CD   C N N 94  
GLN OE1  O N N 95  
GLN NE2  N N N 96  
GLN OXT  O N N 97  
GLN H    H N N 98  
GLN H2   H N N 99  
GLN HA   H N N 100 
GLN HB2  H N N 101 
GLN HB3  H N N 102 
GLN HG2  H N N 103 
GLN HG3  H N N 104 
GLN HE21 H N N 105 
GLN HE22 H N N 106 
GLN HXT  H N N 107 
GLU N    N N N 108 
GLU CA   C N S 109 
GLU C    C N N 110 
GLU O    O N N 111 
GLU CB   C N N 112 
GLU CG   C N N 113 
GLU CD   C N N 114 
GLU OE1  O N N 115 
GLU OE2  O N N 116 
GLU OXT  O N N 117 
GLU H    H N N 118 
GLU H2   H N N 119 
GLU HA   H N N 120 
GLU HB2  H N N 121 
GLU HB3  H N N 122 
GLU HG2  H N N 123 
GLU HG3  H N N 124 
GLU HE2  H N N 125 
GLU HXT  H N N 126 
GLY N    N N N 127 
GLY CA   C N N 128 
GLY C    C N N 129 
GLY O    O N N 130 
GLY OXT  O N N 131 
GLY H    H N N 132 
GLY H2   H N N 133 
GLY HA2  H N N 134 
GLY HA3  H N N 135 
GLY HXT  H N N 136 
HOH O    O N N 137 
HOH H1   H N N 138 
HOH H2   H N N 139 
ILE N    N N N 140 
ILE CA   C N S 141 
ILE C    C N N 142 
ILE O    O N N 143 
ILE CB   C N S 144 
ILE CG1  C N N 145 
ILE CG2  C N N 146 
ILE CD1  C N N 147 
ILE OXT  O N N 148 
ILE H    H N N 149 
ILE H2   H N N 150 
ILE HA   H N N 151 
ILE HB   H N N 152 
ILE HG12 H N N 153 
ILE HG13 H N N 154 
ILE HG21 H N N 155 
ILE HG22 H N N 156 
ILE HG23 H N N 157 
ILE HD11 H N N 158 
ILE HD12 H N N 159 
ILE HD13 H N N 160 
ILE HXT  H N N 161 
LEU N    N N N 162 
LEU CA   C N S 163 
LEU C    C N N 164 
LEU O    O N N 165 
LEU CB   C N N 166 
LEU CG   C N N 167 
LEU CD1  C N N 168 
LEU CD2  C N N 169 
LEU OXT  O N N 170 
LEU H    H N N 171 
LEU H2   H N N 172 
LEU HA   H N N 173 
LEU HB2  H N N 174 
LEU HB3  H N N 175 
LEU HG   H N N 176 
LEU HD11 H N N 177 
LEU HD12 H N N 178 
LEU HD13 H N N 179 
LEU HD21 H N N 180 
LEU HD22 H N N 181 
LEU HD23 H N N 182 
LEU HXT  H N N 183 
LYS N    N N N 184 
LYS CA   C N S 185 
LYS C    C N N 186 
LYS O    O N N 187 
LYS CB   C N N 188 
LYS CG   C N N 189 
LYS CD   C N N 190 
LYS CE   C N N 191 
LYS NZ   N N N 192 
LYS OXT  O N N 193 
LYS H    H N N 194 
LYS H2   H N N 195 
LYS HA   H N N 196 
LYS HB2  H N N 197 
LYS HB3  H N N 198 
LYS HG2  H N N 199 
LYS HG3  H N N 200 
LYS HD2  H N N 201 
LYS HD3  H N N 202 
LYS HE2  H N N 203 
LYS HE3  H N N 204 
LYS HZ1  H N N 205 
LYS HZ2  H N N 206 
LYS HZ3  H N N 207 
LYS HXT  H N N 208 
MET N    N N N 209 
MET CA   C N S 210 
MET C    C N N 211 
MET O    O N N 212 
MET CB   C N N 213 
MET CG   C N N 214 
MET SD   S N N 215 
MET CE   C N N 216 
MET OXT  O N N 217 
MET H    H N N 218 
MET H2   H N N 219 
MET HA   H N N 220 
MET HB2  H N N 221 
MET HB3  H N N 222 
MET HG2  H N N 223 
MET HG3  H N N 224 
MET HE1  H N N 225 
MET HE2  H N N 226 
MET HE3  H N N 227 
MET HXT  H N N 228 
NAG C1   C N R 229 
NAG C2   C N R 230 
NAG C3   C N R 231 
NAG C4   C N S 232 
NAG C5   C N R 233 
NAG C6   C N N 234 
NAG C7   C N N 235 
NAG C8   C N N 236 
NAG N2   N N N 237 
NAG O1   O N N 238 
NAG O3   O N N 239 
NAG O4   O N N 240 
NAG O5   O N N 241 
NAG O6   O N N 242 
NAG O7   O N N 243 
NAG H1   H N N 244 
NAG H2   H N N 245 
NAG H3   H N N 246 
NAG H4   H N N 247 
NAG H5   H N N 248 
NAG H61  H N N 249 
NAG H62  H N N 250 
NAG H81  H N N 251 
NAG H82  H N N 252 
NAG H83  H N N 253 
NAG HN2  H N N 254 
NAG HO1  H N N 255 
NAG HO3  H N N 256 
NAG HO4  H N N 257 
NAG HO6  H N N 258 
PHE N    N N N 259 
PHE CA   C N S 260 
PHE C    C N N 261 
PHE O    O N N 262 
PHE CB   C N N 263 
PHE CG   C Y N 264 
PHE CD1  C Y N 265 
PHE CD2  C Y N 266 
PHE CE1  C Y N 267 
PHE CE2  C Y N 268 
PHE CZ   C Y N 269 
PHE OXT  O N N 270 
PHE H    H N N 271 
PHE H2   H N N 272 
PHE HA   H N N 273 
PHE HB2  H N N 274 
PHE HB3  H N N 275 
PHE HD1  H N N 276 
PHE HD2  H N N 277 
PHE HE1  H N N 278 
PHE HE2  H N N 279 
PHE HZ   H N N 280 
PHE HXT  H N N 281 
PRO N    N N N 282 
PRO CA   C N S 283 
PRO C    C N N 284 
PRO O    O N N 285 
PRO CB   C N N 286 
PRO CG   C N N 287 
PRO CD   C N N 288 
PRO OXT  O N N 289 
PRO H    H N N 290 
PRO HA   H N N 291 
PRO HB2  H N N 292 
PRO HB3  H N N 293 
PRO HG2  H N N 294 
PRO HG3  H N N 295 
PRO HD2  H N N 296 
PRO HD3  H N N 297 
PRO HXT  H N N 298 
SER N    N N N 299 
SER CA   C N S 300 
SER C    C N N 301 
SER O    O N N 302 
SER CB   C N N 303 
SER OG   O N N 304 
SER OXT  O N N 305 
SER H    H N N 306 
SER H2   H N N 307 
SER HA   H N N 308 
SER HB2  H N N 309 
SER HB3  H N N 310 
SER HG   H N N 311 
SER HXT  H N N 312 
SO4 S    S N N 313 
SO4 O1   O N N 314 
SO4 O2   O N N 315 
SO4 O3   O N N 316 
SO4 O4   O N N 317 
THR N    N N N 318 
THR CA   C N S 319 
THR C    C N N 320 
THR O    O N N 321 
THR CB   C N R 322 
THR OG1  O N N 323 
THR CG2  C N N 324 
THR OXT  O N N 325 
THR H    H N N 326 
THR H2   H N N 327 
THR HA   H N N 328 
THR HB   H N N 329 
THR HG1  H N N 330 
THR HG21 H N N 331 
THR HG22 H N N 332 
THR HG23 H N N 333 
THR HXT  H N N 334 
TRP N    N N N 335 
TRP CA   C N S 336 
TRP C    C N N 337 
TRP O    O N N 338 
TRP CB   C N N 339 
TRP CG   C Y N 340 
TRP CD1  C Y N 341 
TRP CD2  C Y N 342 
TRP NE1  N Y N 343 
TRP CE2  C Y N 344 
TRP CE3  C Y N 345 
TRP CZ2  C Y N 346 
TRP CZ3  C Y N 347 
TRP CH2  C Y N 348 
TRP OXT  O N N 349 
TRP H    H N N 350 
TRP H2   H N N 351 
TRP HA   H N N 352 
TRP HB2  H N N 353 
TRP HB3  H N N 354 
TRP HD1  H N N 355 
TRP HE1  H N N 356 
TRP HE3  H N N 357 
TRP HZ2  H N N 358 
TRP HZ3  H N N 359 
TRP HH2  H N N 360 
TRP HXT  H N N 361 
TYR N    N N N 362 
TYR CA   C N S 363 
TYR C    C N N 364 
TYR O    O N N 365 
TYR CB   C N N 366 
TYR CG   C Y N 367 
TYR CD1  C Y N 368 
TYR CD2  C Y N 369 
TYR CE1  C Y N 370 
TYR CE2  C Y N 371 
TYR CZ   C Y N 372 
TYR OH   O N N 373 
TYR OXT  O N N 374 
TYR H    H N N 375 
TYR H2   H N N 376 
TYR HA   H N N 377 
TYR HB2  H N N 378 
TYR HB3  H N N 379 
TYR HD1  H N N 380 
TYR HD2  H N N 381 
TYR HE1  H N N 382 
TYR HE2  H N N 383 
TYR HH   H N N 384 
TYR HXT  H N N 385 
VAL N    N N N 386 
VAL CA   C N S 387 
VAL C    C N N 388 
VAL O    O N N 389 
VAL CB   C N N 390 
VAL CG1  C N N 391 
VAL CG2  C N N 392 
VAL OXT  O N N 393 
VAL H    H N N 394 
VAL H2   H N N 395 
VAL HA   H N N 396 
VAL HB   H N N 397 
VAL HG11 H N N 398 
VAL HG12 H N N 399 
VAL HG13 H N N 400 
VAL HG21 H N N 401 
VAL HG22 H N N 402 
VAL HG23 H N N 403 
VAL HXT  H N N 404 
# 
loop_
_chem_comp_bond.comp_id 
_chem_comp_bond.atom_id_1 
_chem_comp_bond.atom_id_2 
_chem_comp_bond.value_order 
_chem_comp_bond.pdbx_aromatic_flag 
_chem_comp_bond.pdbx_stereo_config 
_chem_comp_bond.pdbx_ordinal 
ALA N   CA   sing N N 1   
ALA N   H    sing N N 2   
ALA N   H2   sing N N 3   
ALA CA  C    sing N N 4   
ALA CA  CB   sing N N 5   
ALA CA  HA   sing N N 6   
ALA C   O    doub N N 7   
ALA C   OXT  sing N N 8   
ALA CB  HB1  sing N N 9   
ALA CB  HB2  sing N N 10  
ALA CB  HB3  sing N N 11  
ALA OXT HXT  sing N N 12  
ARG N   CA   sing N N 13  
ARG N   H    sing N N 14  
ARG N   H2   sing N N 15  
ARG CA  C    sing N N 16  
ARG CA  CB   sing N N 17  
ARG CA  HA   sing N N 18  
ARG C   O    doub N N 19  
ARG C   OXT  sing N N 20  
ARG CB  CG   sing N N 21  
ARG CB  HB2  sing N N 22  
ARG CB  HB3  sing N N 23  
ARG CG  CD   sing N N 24  
ARG CG  HG2  sing N N 25  
ARG CG  HG3  sing N N 26  
ARG CD  NE   sing N N 27  
ARG CD  HD2  sing N N 28  
ARG CD  HD3  sing N N 29  
ARG NE  CZ   sing N N 30  
ARG NE  HE   sing N N 31  
ARG CZ  NH1  sing N N 32  
ARG CZ  NH2  doub N N 33  
ARG NH1 HH11 sing N N 34  
ARG NH1 HH12 sing N N 35  
ARG NH2 HH21 sing N N 36  
ARG NH2 HH22 sing N N 37  
ARG OXT HXT  sing N N 38  
ASN N   CA   sing N N 39  
ASN N   H    sing N N 40  
ASN N   H2   sing N N 41  
ASN CA  C    sing N N 42  
ASN CA  CB   sing N N 43  
ASN CA  HA   sing N N 44  
ASN C   O    doub N N 45  
ASN C   OXT  sing N N 46  
ASN CB  CG   sing N N 47  
ASN CB  HB2  sing N N 48  
ASN CB  HB3  sing N N 49  
ASN CG  OD1  doub N N 50  
ASN CG  ND2  sing N N 51  
ASN ND2 HD21 sing N N 52  
ASN ND2 HD22 sing N N 53  
ASN OXT HXT  sing N N 54  
ASP N   CA   sing N N 55  
ASP N   H    sing N N 56  
ASP N   H2   sing N N 57  
ASP CA  C    sing N N 58  
ASP CA  CB   sing N N 59  
ASP CA  HA   sing N N 60  
ASP C   O    doub N N 61  
ASP C   OXT  sing N N 62  
ASP CB  CG   sing N N 63  
ASP CB  HB2  sing N N 64  
ASP CB  HB3  sing N N 65  
ASP CG  OD1  doub N N 66  
ASP CG  OD2  sing N N 67  
ASP OD2 HD2  sing N N 68  
ASP OXT HXT  sing N N 69  
CYS N   CA   sing N N 70  
CYS N   H    sing N N 71  
CYS N   H2   sing N N 72  
CYS CA  C    sing N N 73  
CYS CA  CB   sing N N 74  
CYS CA  HA   sing N N 75  
CYS C   O    doub N N 76  
CYS C   OXT  sing N N 77  
CYS CB  SG   sing N N 78  
CYS CB  HB2  sing N N 79  
CYS CB  HB3  sing N N 80  
CYS SG  HG   sing N N 81  
CYS OXT HXT  sing N N 82  
GLN N   CA   sing N N 83  
GLN N   H    sing N N 84  
GLN N   H2   sing N N 85  
GLN CA  C    sing N N 86  
GLN CA  CB   sing N N 87  
GLN CA  HA   sing N N 88  
GLN C   O    doub N N 89  
GLN C   OXT  sing N N 90  
GLN CB  CG   sing N N 91  
GLN CB  HB2  sing N N 92  
GLN CB  HB3  sing N N 93  
GLN CG  CD   sing N N 94  
GLN CG  HG2  sing N N 95  
GLN CG  HG3  sing N N 96  
GLN CD  OE1  doub N N 97  
GLN CD  NE2  sing N N 98  
GLN NE2 HE21 sing N N 99  
GLN NE2 HE22 sing N N 100 
GLN OXT HXT  sing N N 101 
GLU N   CA   sing N N 102 
GLU N   H    sing N N 103 
GLU N   H2   sing N N 104 
GLU CA  C    sing N N 105 
GLU CA  CB   sing N N 106 
GLU CA  HA   sing N N 107 
GLU C   O    doub N N 108 
GLU C   OXT  sing N N 109 
GLU CB  CG   sing N N 110 
GLU CB  HB2  sing N N 111 
GLU CB  HB3  sing N N 112 
GLU CG  CD   sing N N 113 
GLU CG  HG2  sing N N 114 
GLU CG  HG3  sing N N 115 
GLU CD  OE1  doub N N 116 
GLU CD  OE2  sing N N 117 
GLU OE2 HE2  sing N N 118 
GLU OXT HXT  sing N N 119 
GLY N   CA   sing N N 120 
GLY N   H    sing N N 121 
GLY N   H2   sing N N 122 
GLY CA  C    sing N N 123 
GLY CA  HA2  sing N N 124 
GLY CA  HA3  sing N N 125 
GLY C   O    doub N N 126 
GLY C   OXT  sing N N 127 
GLY OXT HXT  sing N N 128 
HOH O   H1   sing N N 129 
HOH O   H2   sing N N 130 
ILE N   CA   sing N N 131 
ILE N   H    sing N N 132 
ILE N   H2   sing N N 133 
ILE CA  C    sing N N 134 
ILE CA  CB   sing N N 135 
ILE CA  HA   sing N N 136 
ILE C   O    doub N N 137 
ILE C   OXT  sing N N 138 
ILE CB  CG1  sing N N 139 
ILE CB  CG2  sing N N 140 
ILE CB  HB   sing N N 141 
ILE CG1 CD1  sing N N 142 
ILE CG1 HG12 sing N N 143 
ILE CG1 HG13 sing N N 144 
ILE CG2 HG21 sing N N 145 
ILE CG2 HG22 sing N N 146 
ILE CG2 HG23 sing N N 147 
ILE CD1 HD11 sing N N 148 
ILE CD1 HD12 sing N N 149 
ILE CD1 HD13 sing N N 150 
ILE OXT HXT  sing N N 151 
LEU N   CA   sing N N 152 
LEU N   H    sing N N 153 
LEU N   H2   sing N N 154 
LEU CA  C    sing N N 155 
LEU CA  CB   sing N N 156 
LEU CA  HA   sing N N 157 
LEU C   O    doub N N 158 
LEU C   OXT  sing N N 159 
LEU CB  CG   sing N N 160 
LEU CB  HB2  sing N N 161 
LEU CB  HB3  sing N N 162 
LEU CG  CD1  sing N N 163 
LEU CG  CD2  sing N N 164 
LEU CG  HG   sing N N 165 
LEU CD1 HD11 sing N N 166 
LEU CD1 HD12 sing N N 167 
LEU CD1 HD13 sing N N 168 
LEU CD2 HD21 sing N N 169 
LEU CD2 HD22 sing N N 170 
LEU CD2 HD23 sing N N 171 
LEU OXT HXT  sing N N 172 
LYS N   CA   sing N N 173 
LYS N   H    sing N N 174 
LYS N   H2   sing N N 175 
LYS CA  C    sing N N 176 
LYS CA  CB   sing N N 177 
LYS CA  HA   sing N N 178 
LYS C   O    doub N N 179 
LYS C   OXT  sing N N 180 
LYS CB  CG   sing N N 181 
LYS CB  HB2  sing N N 182 
LYS CB  HB3  sing N N 183 
LYS CG  CD   sing N N 184 
LYS CG  HG2  sing N N 185 
LYS CG  HG3  sing N N 186 
LYS CD  CE   sing N N 187 
LYS CD  HD2  sing N N 188 
LYS CD  HD3  sing N N 189 
LYS CE  NZ   sing N N 190 
LYS CE  HE2  sing N N 191 
LYS CE  HE3  sing N N 192 
LYS NZ  HZ1  sing N N 193 
LYS NZ  HZ2  sing N N 194 
LYS NZ  HZ3  sing N N 195 
LYS OXT HXT  sing N N 196 
MET N   CA   sing N N 197 
MET N   H    sing N N 198 
MET N   H2   sing N N 199 
MET CA  C    sing N N 200 
MET CA  CB   sing N N 201 
MET CA  HA   sing N N 202 
MET C   O    doub N N 203 
MET C   OXT  sing N N 204 
MET CB  CG   sing N N 205 
MET CB  HB2  sing N N 206 
MET CB  HB3  sing N N 207 
MET CG  SD   sing N N 208 
MET CG  HG2  sing N N 209 
MET CG  HG3  sing N N 210 
MET SD  CE   sing N N 211 
MET CE  HE1  sing N N 212 
MET CE  HE2  sing N N 213 
MET CE  HE3  sing N N 214 
MET OXT HXT  sing N N 215 
NAG C1  C2   sing N N 216 
NAG C1  O1   sing N N 217 
NAG C1  O5   sing N N 218 
NAG C1  H1   sing N N 219 
NAG C2  C3   sing N N 220 
NAG C2  N2   sing N N 221 
NAG C2  H2   sing N N 222 
NAG C3  C4   sing N N 223 
NAG C3  O3   sing N N 224 
NAG C3  H3   sing N N 225 
NAG C4  C5   sing N N 226 
NAG C4  O4   sing N N 227 
NAG C4  H4   sing N N 228 
NAG C5  C6   sing N N 229 
NAG C5  O5   sing N N 230 
NAG C5  H5   sing N N 231 
NAG C6  O6   sing N N 232 
NAG C6  H61  sing N N 233 
NAG C6  H62  sing N N 234 
NAG C7  C8   sing N N 235 
NAG C7  N2   sing N N 236 
NAG C7  O7   doub N N 237 
NAG C8  H81  sing N N 238 
NAG C8  H82  sing N N 239 
NAG C8  H83  sing N N 240 
NAG N2  HN2  sing N N 241 
NAG O1  HO1  sing N N 242 
NAG O3  HO3  sing N N 243 
NAG O4  HO4  sing N N 244 
NAG O6  HO6  sing N N 245 
PHE N   CA   sing N N 246 
PHE N   H    sing N N 247 
PHE N   H2   sing N N 248 
PHE CA  C    sing N N 249 
PHE CA  CB   sing N N 250 
PHE CA  HA   sing N N 251 
PHE C   O    doub N N 252 
PHE C   OXT  sing N N 253 
PHE CB  CG   sing N N 254 
PHE CB  HB2  sing N N 255 
PHE CB  HB3  sing N N 256 
PHE CG  CD1  doub Y N 257 
PHE CG  CD2  sing Y N 258 
PHE CD1 CE1  sing Y N 259 
PHE CD1 HD1  sing N N 260 
PHE CD2 CE2  doub Y N 261 
PHE CD2 HD2  sing N N 262 
PHE CE1 CZ   doub Y N 263 
PHE CE1 HE1  sing N N 264 
PHE CE2 CZ   sing Y N 265 
PHE CE2 HE2  sing N N 266 
PHE CZ  HZ   sing N N 267 
PHE OXT HXT  sing N N 268 
PRO N   CA   sing N N 269 
PRO N   CD   sing N N 270 
PRO N   H    sing N N 271 
PRO CA  C    sing N N 272 
PRO CA  CB   sing N N 273 
PRO CA  HA   sing N N 274 
PRO C   O    doub N N 275 
PRO C   OXT  sing N N 276 
PRO CB  CG   sing N N 277 
PRO CB  HB2  sing N N 278 
PRO CB  HB3  sing N N 279 
PRO CG  CD   sing N N 280 
PRO CG  HG2  sing N N 281 
PRO CG  HG3  sing N N 282 
PRO CD  HD2  sing N N 283 
PRO CD  HD3  sing N N 284 
PRO OXT HXT  sing N N 285 
SER N   CA   sing N N 286 
SER N   H    sing N N 287 
SER N   H2   sing N N 288 
SER CA  C    sing N N 289 
SER CA  CB   sing N N 290 
SER CA  HA   sing N N 291 
SER C   O    doub N N 292 
SER C   OXT  sing N N 293 
SER CB  OG   sing N N 294 
SER CB  HB2  sing N N 295 
SER CB  HB3  sing N N 296 
SER OG  HG   sing N N 297 
SER OXT HXT  sing N N 298 
SO4 S   O1   doub N N 299 
SO4 S   O2   doub N N 300 
SO4 S   O3   sing N N 301 
SO4 S   O4   sing N N 302 
THR N   CA   sing N N 303 
THR N   H    sing N N 304 
THR N   H2   sing N N 305 
THR CA  C    sing N N 306 
THR CA  CB   sing N N 307 
THR CA  HA   sing N N 308 
THR C   O    doub N N 309 
THR C   OXT  sing N N 310 
THR CB  OG1  sing N N 311 
THR CB  CG2  sing N N 312 
THR CB  HB   sing N N 313 
THR OG1 HG1  sing N N 314 
THR CG2 HG21 sing N N 315 
THR CG2 HG22 sing N N 316 
THR CG2 HG23 sing N N 317 
THR OXT HXT  sing N N 318 
TRP N   CA   sing N N 319 
TRP N   H    sing N N 320 
TRP N   H2   sing N N 321 
TRP CA  C    sing N N 322 
TRP CA  CB   sing N N 323 
TRP CA  HA   sing N N 324 
TRP C   O    doub N N 325 
TRP C   OXT  sing N N 326 
TRP CB  CG   sing N N 327 
TRP CB  HB2  sing N N 328 
TRP CB  HB3  sing N N 329 
TRP CG  CD1  doub Y N 330 
TRP CG  CD2  sing Y N 331 
TRP CD1 NE1  sing Y N 332 
TRP CD1 HD1  sing N N 333 
TRP CD2 CE2  doub Y N 334 
TRP CD2 CE3  sing Y N 335 
TRP NE1 CE2  sing Y N 336 
TRP NE1 HE1  sing N N 337 
TRP CE2 CZ2  sing Y N 338 
TRP CE3 CZ3  doub Y N 339 
TRP CE3 HE3  sing N N 340 
TRP CZ2 CH2  doub Y N 341 
TRP CZ2 HZ2  sing N N 342 
TRP CZ3 CH2  sing Y N 343 
TRP CZ3 HZ3  sing N N 344 
TRP CH2 HH2  sing N N 345 
TRP OXT HXT  sing N N 346 
TYR N   CA   sing N N 347 
TYR N   H    sing N N 348 
TYR N   H2   sing N N 349 
TYR CA  C    sing N N 350 
TYR CA  CB   sing N N 351 
TYR CA  HA   sing N N 352 
TYR C   O    doub N N 353 
TYR C   OXT  sing N N 354 
TYR CB  CG   sing N N 355 
TYR CB  HB2  sing N N 356 
TYR CB  HB3  sing N N 357 
TYR CG  CD1  doub Y N 358 
TYR CG  CD2  sing Y N 359 
TYR CD1 CE1  sing Y N 360 
TYR CD1 HD1  sing N N 361 
TYR CD2 CE2  doub Y N 362 
TYR CD2 HD2  sing N N 363 
TYR CE1 CZ   doub Y N 364 
TYR CE1 HE1  sing N N 365 
TYR CE2 CZ   sing Y N 366 
TYR CE2 HE2  sing N N 367 
TYR CZ  OH   sing N N 368 
TYR OH  HH   sing N N 369 
TYR OXT HXT  sing N N 370 
VAL N   CA   sing N N 371 
VAL N   H    sing N N 372 
VAL N   H2   sing N N 373 
VAL CA  C    sing N N 374 
VAL CA  CB   sing N N 375 
VAL CA  HA   sing N N 376 
VAL C   O    doub N N 377 
VAL C   OXT  sing N N 378 
VAL CB  CG1  sing N N 379 
VAL CB  CG2  sing N N 380 
VAL CB  HB   sing N N 381 
VAL CG1 HG11 sing N N 382 
VAL CG1 HG12 sing N N 383 
VAL CG1 HG13 sing N N 384 
VAL CG2 HG21 sing N N 385 
VAL CG2 HG22 sing N N 386 
VAL CG2 HG23 sing N N 387 
VAL OXT HXT  sing N N 388 
# 
_pdbx_initial_refinement_model.id               1 
_pdbx_initial_refinement_model.entity_id_list   ? 
_pdbx_initial_refinement_model.type             'experimental model' 
_pdbx_initial_refinement_model.source_name      PDB 
_pdbx_initial_refinement_model.accession_code   1KNT 
_pdbx_initial_refinement_model.details          'C-TERMINAL DOMAIN OF PDB ENTRY 1KNT' 
# 
_atom_sites.entry_id                    1BIK 
_atom_sites.fract_transf_matrix[1][1]   0.00125759 
_atom_sites.fract_transf_matrix[1][2]   -0.01803909 
_atom_sites.fract_transf_matrix[1][3]   0.00006870 
_atom_sites.fract_transf_matrix[2][1]   -0.01079423 
_atom_sites.fract_transf_matrix[2][2]   -0.00080768 
_atom_sites.fract_transf_matrix[2][3]   -0.01448541 
_atom_sites.fract_transf_matrix[3][1]   0.00544067 
_atom_sites.fract_transf_matrix[3][2]   0.00036377 
_atom_sites.fract_transf_matrix[3][3]   -0.00407456 
_atom_sites.fract_transf_vector[1]      0.239178 
_atom_sites.fract_transf_vector[2]      0.554764 
_atom_sites.fract_transf_vector[3]      0.068296 
# 
loop_
_atom_type.symbol 
C 
N 
O 
S 
# 
loop_
_atom_site.group_PDB 
_atom_site.id 
_atom_site.type_symbol 
_atom_site.label_atom_id 
_atom_site.label_alt_id 
_atom_site.label_comp_id 
_atom_site.label_asym_id 
_atom_site.label_entity_id 
_atom_site.label_seq_id 
_atom_site.pdbx_PDB_ins_code 
_atom_site.Cartn_x 
_atom_site.Cartn_y 
_atom_site.Cartn_z 
_atom_site.occupancy 
_atom_site.B_iso_or_equiv 
_atom_site.pdbx_formal_charge 
_atom_site.auth_seq_id 
_atom_site.auth_comp_id 
_atom_site.auth_asym_id 
_atom_site.auth_atom_id 
_atom_site.pdbx_PDB_model_num 
ATOM   1   N N   . SER A 1 25  ? -13.834 -2.096  5.944   1.00 42.04  ? 25  SER A N   1 
ATOM   2   C CA  . SER A 1 25  ? -12.703 -1.454  6.684   1.00 44.99  ? 25  SER A CA  1 
ATOM   3   C C   . SER A 1 25  ? -11.880 -0.539  5.802   1.00 44.20  ? 25  SER A C   1 
ATOM   4   O O   . SER A 1 25  ? -11.673 0.618   6.147   1.00 46.13  ? 25  SER A O   1 
ATOM   5   C CB  . SER A 1 25  ? -11.794 -2.504  7.299   1.00 46.05  ? 25  SER A CB  1 
ATOM   6   O OG  . SER A 1 25  ? -12.506 -3.233  8.272   1.00 54.81  ? 25  SER A OG  1 
ATOM   7   N N   . CYS A 1 26  ? -11.431 -1.068  4.665   1.00 40.28  ? 26  CYS A N   1 
ATOM   8   C CA  . CYS A 1 26  ? -10.626 -0.323  3.697   1.00 36.65  ? 26  CYS A CA  1 
ATOM   9   C C   . CYS A 1 26  ? -11.283 0.996   3.328   1.00 37.73  ? 26  CYS A C   1 
ATOM   10  O O   . CYS A 1 26  ? -10.609 1.952   2.938   1.00 40.05  ? 26  CYS A O   1 
ATOM   11  C CB  . CYS A 1 26  ? -10.430 -1.158  2.436   1.00 32.32  ? 26  CYS A CB  1 
ATOM   12  S SG  . CYS A 1 26  ? -9.542  -2.722  2.713   1.00 33.14  ? 26  CYS A SG  1 
ATOM   13  N N   . GLN A 1 27  ? -12.606 1.027   3.443   1.00 38.12  ? 27  GLN A N   1 
ATOM   14  C CA  . GLN A 1 27  ? -13.388 2.213   3.125   1.00 38.35  ? 27  GLN A CA  1 
ATOM   15  C C   . GLN A 1 27  ? -13.419 3.218   4.278   1.00 38.51  ? 27  GLN A C   1 
ATOM   16  O O   . GLN A 1 27  ? -13.629 4.409   4.065   1.00 40.44  ? 27  GLN A O   1 
ATOM   17  C CB  . GLN A 1 27  ? -14.797 1.806   2.730   1.00 39.77  ? 27  GLN A CB  1 
ATOM   18  N N   . LEU A 1 28  ? -13.198 2.735   5.497   1.00 39.30  ? 28  LEU A N   1 
ATOM   19  C CA  . LEU A 1 28  ? -13.210 3.600   6.674   1.00 38.12  ? 28  LEU A CA  1 
ATOM   20  C C   . LEU A 1 28  ? -12.027 4.546   6.735   1.00 37.24  ? 28  LEU A C   1 
ATOM   21  O O   . LEU A 1 28  ? -10.937 4.188   6.322   1.00 41.40  ? 28  LEU A O   1 
ATOM   22  C CB  . LEU A 1 28  ? -13.161 2.747   7.930   1.00 37.31  ? 28  LEU A CB  1 
ATOM   23  C CG  . LEU A 1 28  ? -14.212 1.659   8.046   1.00 40.89  ? 28  LEU A CG  1 
ATOM   24  C CD1 . LEU A 1 28  ? -14.170 1.075   9.453   1.00 40.41  ? 28  LEU A CD1 1 
ATOM   25  C CD2 . LEU A 1 28  ? -15.573 2.270   7.757   1.00 43.30  ? 28  LEU A CD2 1 
ATOM   26  N N   . GLY A 1 29  ? -12.237 5.740   7.281   1.00 36.45  ? 29  GLY A N   1 
ATOM   27  C CA  . GLY A 1 29  ? -11.140 6.683   7.445   1.00 35.98  ? 29  GLY A CA  1 
ATOM   28  C C   . GLY A 1 29  ? -10.323 6.168   8.620   1.00 34.84  ? 29  GLY A C   1 
ATOM   29  O O   . GLY A 1 29  ? -10.802 5.290   9.340   1.00 39.39  ? 29  GLY A O   1 
ATOM   30  N N   . TYR A 1 30  ? -9.119  6.680   8.855   1.00 29.28  ? 30  TYR A N   1 
ATOM   31  C CA  . TYR A 1 30  ? -8.343  6.154   9.975   1.00 30.16  ? 30  TYR A CA  1 
ATOM   32  C C   . TYR A 1 30  ? -8.835  6.627   11.338  1.00 31.88  ? 30  TYR A C   1 
ATOM   33  O O   . TYR A 1 30  ? -9.441  7.689   11.461  1.00 36.12  ? 30  TYR A O   1 
ATOM   34  C CB  . TYR A 1 30  ? -6.861  6.473   9.816   1.00 26.82  ? 30  TYR A CB  1 
ATOM   35  C CG  . TYR A 1 30  ? -6.507  7.902   10.056  1.00 27.58  ? 30  TYR A CG  1 
ATOM   36  C CD1 . TYR A 1 30  ? -6.182  8.347   11.323  1.00 33.20  ? 30  TYR A CD1 1 
ATOM   37  C CD2 . TYR A 1 30  ? -6.506  8.812   9.020   1.00 33.69  ? 30  TYR A CD2 1 
ATOM   38  C CE1 . TYR A 1 30  ? -5.872  9.661   11.559  1.00 35.07  ? 30  TYR A CE1 1 
ATOM   39  C CE2 . TYR A 1 30  ? -6.196  10.129  9.243   1.00 37.49  ? 30  TYR A CE2 1 
ATOM   40  C CZ  . TYR A 1 30  ? -5.879  10.546  10.515  1.00 38.56  ? 30  TYR A CZ  1 
ATOM   41  O OH  . TYR A 1 30  ? -5.583  11.867  10.744  1.00 51.37  ? 30  TYR A OH  1 
ATOM   42  N N   . SER A 1 31  ? -8.560  5.844   12.369  1.00 31.64  ? 31  SER A N   1 
ATOM   43  C CA  . SER A 1 31  ? -8.965  6.216   13.716  1.00 30.09  ? 31  SER A CA  1 
ATOM   44  C C   . SER A 1 31  ? -7.811  6.026   14.702  1.00 27.82  ? 31  SER A C   1 
ATOM   45  O O   . SER A 1 31  ? -7.321  4.906   14.894  1.00 30.29  ? 31  SER A O   1 
ATOM   46  C CB  . SER A 1 31  ? -10.190 5.395   14.160  1.00 30.58  ? 31  SER A CB  1 
ATOM   47  O OG  . SER A 1 31  ? -10.448 5.559   15.550  1.00 33.99  ? 31  SER A OG  1 
ATOM   48  N N   . ALA A 1 32  ? -7.374  7.122   15.316  1.00 25.51  ? 32  ALA A N   1 
ATOM   49  C CA  . ALA A 1 32  ? -6.298  7.076   16.305  1.00 26.61  ? 32  ALA A CA  1 
ATOM   50  C C   . ALA A 1 32  ? -6.739  6.463   17.632  1.00 28.08  ? 32  ALA A C   1 
ATOM   51  O O   . ALA A 1 32  ? -5.923  5.886   18.351  1.00 34.55  ? 32  ALA A O   1 
ATOM   52  C CB  . ALA A 1 32  ? -5.746  8.467   16.558  1.00 20.46  ? 32  ALA A CB  1 
ATOM   53  N N   . GLY A 1 33  ? -8.025  6.573   17.958  1.00 28.67  ? 33  GLY A N   1 
ATOM   54  C CA  . GLY A 1 33  ? -8.478  6.043   19.230  1.00 29.23  ? 33  GLY A CA  1 
ATOM   55  C C   . GLY A 1 33  ? -8.241  7.058   20.337  1.00 29.64  ? 33  GLY A C   1 
ATOM   56  O O   . GLY A 1 33  ? -7.555  8.067   20.120  1.00 33.93  ? 33  GLY A O   1 
ATOM   57  N N   . PRO A 1 34  ? -8.804  6.833   21.537  1.00 29.53  ? 34  PRO A N   1 
ATOM   58  C CA  . PRO A 1 34  ? -8.669  7.730   22.691  1.00 24.61  ? 34  PRO A CA  1 
ATOM   59  C C   . PRO A 1 34  ? -7.399  7.629   23.512  1.00 27.31  ? 34  PRO A C   1 
ATOM   60  O O   . PRO A 1 34  ? -7.141  8.492   24.350  1.00 33.43  ? 34  PRO A O   1 
ATOM   61  C CB  . PRO A 1 34  ? -9.886  7.375   23.527  1.00 23.77  ? 34  PRO A CB  1 
ATOM   62  C CG  . PRO A 1 34  ? -10.035 5.911   23.266  1.00 24.14  ? 34  PRO A CG  1 
ATOM   63  C CD  . PRO A 1 34  ? -9.834  5.806   21.792  1.00 27.10  ? 34  PRO A CD  1 
ATOM   64  N N   . CYS A 1 35  ? -6.629  6.566   23.323  1.00 27.35  ? 35  CYS A N   1 
ATOM   65  C CA  . CYS A 1 35  ? -5.410  6.409   24.093  1.00 24.78  ? 35  CYS A CA  1 
ATOM   66  C C   . CYS A 1 35  ? -4.272  7.308   23.665  1.00 26.02  ? 35  CYS A C   1 
ATOM   67  O O   . CYS A 1 35  ? -4.328  7.963   22.637  1.00 28.22  ? 35  CYS A O   1 
ATOM   68  C CB  . CYS A 1 35  ? -4.993  4.953   24.148  1.00 27.17  ? 35  CYS A CB  1 
ATOM   69  S SG  . CYS A 1 35  ? -6.193  3.951   25.078  1.00 24.69  ? 35  CYS A SG  1 
ATOM   70  N N   . MET A 1 36  ? -3.222  7.324   24.462  1.00 30.50  ? 36  MET A N   1 
ATOM   71  C CA  . MET A 1 36  ? -2.095  8.205   24.206  1.00 34.00  ? 36  MET A CA  1 
ATOM   72  C C   . MET A 1 36  ? -0.787  7.507   23.852  1.00 32.60  ? 36  MET A C   1 
ATOM   73  O O   . MET A 1 36  ? 0.246   8.163   23.774  1.00 33.85  ? 36  MET A O   1 
ATOM   74  C CB  . MET A 1 36  ? -1.866  9.098   25.438  1.00 43.32  ? 36  MET A CB  1 
ATOM   75  C CG  . MET A 1 36  ? -3.125  9.796   26.002  1.00 45.91  ? 36  MET A CG  1 
ATOM   76  S SD  . MET A 1 36  ? -2.724  11.042  27.258  1.00 49.61  ? 36  MET A SD  1 
ATOM   77  C CE  . MET A 1 36  ? -2.625  10.044  28.717  1.00 39.95  ? 36  MET A CE  1 
ATOM   78  N N   . GLY A 1 37  ? -0.818  6.192   23.658  1.00 32.08  ? 37  GLY A N   1 
ATOM   79  C CA  . GLY A 1 37  ? 0.396   5.462   23.323  1.00 34.81  ? 37  GLY A CA  1 
ATOM   80  C C   . GLY A 1 37  ? 0.636   5.473   21.827  1.00 37.17  ? 37  GLY A C   1 
ATOM   81  O O   . GLY A 1 37  ? 0.592   4.422   21.183  1.00 40.76  ? 37  GLY A O   1 
ATOM   82  N N   . MET A 1 38  ? 0.943   6.661   21.306  1.00 36.56  ? 38  MET A N   1 
ATOM   83  C CA  . MET A 1 38  ? 1.163   6.923   19.883  1.00 37.56  ? 38  MET A CA  1 
ATOM   84  C C   . MET A 1 38  ? 2.175   6.052   19.139  1.00 36.89  ? 38  MET A C   1 
ATOM   85  O O   . MET A 1 38  ? 3.316   5.941   19.557  1.00 38.43  ? 38  MET A O   1 
ATOM   86  C CB  . MET A 1 38  ? 1.518   8.394   19.707  1.00 39.62  ? 38  MET A CB  1 
ATOM   87  C CG  . MET A 1 38  ? 0.537   9.329   20.405  1.00 45.57  ? 38  MET A CG  1 
ATOM   88  S SD  . MET A 1 38  ? -1.178  9.126   19.861  1.00 55.01  ? 38  MET A SD  1 
ATOM   89  C CE  . MET A 1 38  ? -1.960  10.642  20.545  1.00 55.72  ? 38  MET A CE  1 
ATOM   90  N N   . THR A 1 39  ? 1.743   5.483   18.010  1.00 35.36  ? 39  THR A N   1 
ATOM   91  C CA  . THR A 1 39  ? 2.561   4.609   17.159  1.00 34.31  ? 39  THR A CA  1 
ATOM   92  C C   . THR A 1 39  ? 2.221   4.885   15.701  1.00 32.34  ? 39  THR A C   1 
ATOM   93  O O   . THR A 1 39  ? 1.101   5.281   15.390  1.00 34.63  ? 39  THR A O   1 
ATOM   94  C CB  . THR A 1 39  ? 2.217   3.132   17.362  1.00 34.89  ? 39  THR A CB  1 
ATOM   95  O OG1 . THR A 1 39  ? 2.268   2.805   18.750  1.00 45.46  ? 39  THR A OG1 1 
ATOM   96  C CG2 . THR A 1 39  ? 3.185   2.246   16.599  1.00 35.09  ? 39  THR A CG2 1 
ATOM   97  N N   . SER A 1 40  ? 3.171   4.655   14.806  1.00 30.04  ? 40  SER A N   1 
ATOM   98  C CA  . SER A 1 40  ? 2.907   4.877   13.398  1.00 26.08  ? 40  SER A CA  1 
ATOM   99  C C   . SER A 1 40  ? 2.265   3.625   12.864  1.00 24.18  ? 40  SER A C   1 
ATOM   100 O O   . SER A 1 40  ? 2.717   2.519   13.151  1.00 21.30  ? 40  SER A O   1 
ATOM   101 C CB  . SER A 1 40  ? 4.187   5.195   12.632  1.00 26.24  ? 40  SER A CB  1 
ATOM   102 O OG  . SER A 1 40  ? 4.231   6.572   12.272  1.00 32.39  ? 40  SER A OG  1 
ATOM   103 N N   . ARG A 1 41  ? 1.147   3.798   12.175  1.00 22.90  ? 41  ARG A N   1 
ATOM   104 C CA  . ARG A 1 41  ? 0.436   2.678   11.587  1.00 24.38  ? 41  ARG A CA  1 
ATOM   105 C C   . ARG A 1 41  ? 0.021   3.034   10.164  1.00 26.11  ? 41  ARG A C   1 
ATOM   106 O O   . ARG A 1 41  ? 0.096   4.199   9.755   1.00 26.29  ? 41  ARG A O   1 
ATOM   107 C CB  . ARG A 1 41  ? -0.790  2.319   12.424  1.00 24.15  ? 41  ARG A CB  1 
ATOM   108 C CG  . ARG A 1 41  ? -0.478  1.718   13.781  1.00 24.55  ? 41  ARG A CG  1 
ATOM   109 C CD  . ARG A 1 41  ? -0.121  0.252   13.693  1.00 22.76  ? 41  ARG A CD  1 
ATOM   110 N NE  . ARG A 1 41  ? 0.157   -0.282  15.027  1.00 30.34  ? 41  ARG A NE  1 
ATOM   111 C CZ  . ARG A 1 41  ? -0.568  -1.226  15.623  1.00 33.34  ? 41  ARG A CZ  1 
ATOM   112 N NH1 . ARG A 1 41  ? -1.619  -1.757  15.013  1.00 36.37  ? 41  ARG A NH1 1 
ATOM   113 N NH2 . ARG A 1 41  ? -0.268  -1.620  16.847  1.00 31.51  ? 41  ARG A NH2 1 
ATOM   114 N N   . TYR A 1 42  ? -0.422  2.027   9.419   1.00 24.06  ? 42  TYR A N   1 
ATOM   115 C CA  . TYR A 1 42  ? -0.835  2.215   8.038   1.00 24.22  ? 42  TYR A CA  1 
ATOM   116 C C   . TYR A 1 42  ? -2.331  2.144   7.899   1.00 21.73  ? 42  TYR A C   1 
ATOM   117 O O   . TYR A 1 42  ? -2.992  1.330   8.545   1.00 20.72  ? 42  TYR A O   1 
ATOM   118 C CB  . TYR A 1 42  ? -0.212  1.129   7.119   1.00 25.46  ? 42  TYR A CB  1 
ATOM   119 C CG  . TYR A 1 42  ? 1.261   1.315   6.852   1.00 20.37  ? 42  TYR A CG  1 
ATOM   120 C CD1 . TYR A 1 42  ? 1.701   2.131   5.814   1.00 19.92  ? 42  TYR A CD1 1 
ATOM   121 C CD2 . TYR A 1 42  ? 2.217   0.705   7.663   1.00 21.93  ? 42  TYR A CD2 1 
ATOM   122 C CE1 . TYR A 1 42  ? 3.053   2.367   5.605   1.00 22.97  ? 42  TYR A CE1 1 
ATOM   123 C CE2 . TYR A 1 42  ? 3.574   0.929   7.470   1.00 25.09  ? 42  TYR A CE2 1 
ATOM   124 C CZ  . TYR A 1 42  ? 3.991   1.751   6.424   1.00 29.16  ? 42  TYR A CZ  1 
ATOM   125 O OH  . TYR A 1 42  ? 5.334   1.951   6.190   1.00 32.73  ? 42  TYR A OH  1 
ATOM   126 N N   . PHE A 1 43  ? -2.863  2.988   7.035   1.00 21.47  ? 43  PHE A N   1 
ATOM   127 C CA  . PHE A 1 43  ? -4.282  2.952   6.754   1.00 24.77  ? 43  PHE A CA  1 
ATOM   128 C C   . PHE A 1 43  ? -4.408  3.098   5.234   1.00 24.90  ? 43  PHE A C   1 
ATOM   129 O O   . PHE A 1 43  ? -3.617  3.803   4.612   1.00 26.06  ? 43  PHE A O   1 
ATOM   130 C CB  . PHE A 1 43  ? -5.015  4.064   7.499   1.00 23.20  ? 43  PHE A CB  1 
ATOM   131 C CG  . PHE A 1 43  ? -4.967  5.383   6.821   1.00 17.58  ? 43  PHE A CG  1 
ATOM   132 C CD1 . PHE A 1 43  ? -3.881  6.210   6.977   1.00 17.70  ? 43  PHE A CD1 1 
ATOM   133 C CD2 . PHE A 1 43  ? -6.030  5.802   6.027   1.00 21.71  ? 43  PHE A CD2 1 
ATOM   134 C CE1 . PHE A 1 43  ? -3.850  7.448   6.362   1.00 16.71  ? 43  PHE A CE1 1 
ATOM   135 C CE2 . PHE A 1 43  ? -6.009  7.041   5.408   1.00 19.46  ? 43  PHE A CE2 1 
ATOM   136 C CZ  . PHE A 1 43  ? -4.912  7.861   5.577   1.00 16.11  ? 43  PHE A CZ  1 
ATOM   137 N N   . TYR A 1 44  ? -5.350  2.375   4.636   1.00 27.09  ? 44  TYR A N   1 
ATOM   138 C CA  . TYR A 1 44  ? -5.562  2.433   3.200   1.00 26.13  ? 44  TYR A CA  1 
ATOM   139 C C   . TYR A 1 44  ? -6.341  3.668   2.829   1.00 28.59  ? 44  TYR A C   1 
ATOM   140 O O   . TYR A 1 44  ? -7.447  3.860   3.324   1.00 33.20  ? 44  TYR A O   1 
ATOM   141 C CB  . TYR A 1 44  ? -6.333  1.212   2.722   1.00 28.49  ? 44  TYR A CB  1 
ATOM   142 C CG  . TYR A 1 44  ? -6.674  1.287   1.259   1.00 34.86  ? 44  TYR A CG  1 
ATOM   143 C CD1 . TYR A 1 44  ? -5.672  1.228   0.292   1.00 43.95  ? 44  TYR A CD1 1 
ATOM   144 C CD2 . TYR A 1 44  ? -7.982  1.501   0.840   1.00 38.18  ? 44  TYR A CD2 1 
ATOM   145 C CE1 . TYR A 1 44  ? -5.964  1.367   -1.070  1.00 46.18  ? 44  TYR A CE1 1 
ATOM   146 C CE2 . TYR A 1 44  ? -8.288  1.643   -0.511  1.00 45.02  ? 44  TYR A CE2 1 
ATOM   147 C CZ  . TYR A 1 44  ? -7.271  1.591   -1.463  1.00 46.78  ? 44  TYR A CZ  1 
ATOM   148 O OH  . TYR A 1 44  ? -7.563  1.771   -2.797  1.00 47.99  ? 44  TYR A OH  1 
ATOM   149 N N   . ASN A 1 45  ? -5.765  4.502   1.960   1.00 30.24  ? 45  ASN A N   1 
ATOM   150 C CA  . ASN A 1 45  ? -6.422  5.724   1.492   1.00 30.86  ? 45  ASN A CA  1 
ATOM   151 C C   . ASN A 1 45  ? -6.998  5.477   0.097   1.00 34.49  ? 45  ASN A C   1 
ATOM   152 O O   . ASN A 1 45  ? -6.278  5.496   -0.899  1.00 38.27  ? 45  ASN A O   1 
ATOM   153 C CB  . ASN A 1 45  ? -5.436  6.892   1.456   1.00 29.12  ? 45  ASN A CB  1 
ATOM   154 C CG  . ASN A 1 45  ? -6.114  8.211   1.146   1.00 32.75  ? 45  ASN A CG  1 
ATOM   155 O OD1 . ASN A 1 45  ? -7.083  8.259   0.395   1.00 34.76  ? 45  ASN A OD1 1 
ATOM   156 N ND2 . ASN A 1 45  ? -5.615  9.292   1.738   1.00 38.23  ? 45  ASN A ND2 1 
ATOM   157 N N   . GLY A 1 46  ? -8.304  5.258   0.030   1.00 37.26  ? 46  GLY A N   1 
ATOM   158 C CA  . GLY A 1 46  ? -8.958  4.968   -1.235  1.00 36.42  ? 46  GLY A CA  1 
ATOM   159 C C   . GLY A 1 46  ? -8.978  6.080   -2.263  1.00 38.30  ? 46  GLY A C   1 
ATOM   160 O O   . GLY A 1 46  ? -9.364  5.854   -3.410  1.00 39.59  ? 46  GLY A O   1 
ATOM   161 N N   . THR A 1 47  ? -8.613  7.285   -1.850  1.00 37.83  ? 47  THR A N   1 
ATOM   162 C CA  . THR A 1 47  ? -8.590  8.419   -2.765  1.00 39.07  ? 47  THR A CA  1 
ATOM   163 C C   . THR A 1 47  ? -7.256  8.404   -3.478  1.00 39.77  ? 47  THR A C   1 
ATOM   164 O O   . THR A 1 47  ? -7.187  8.573   -4.695  1.00 44.79  ? 47  THR A O   1 
ATOM   165 C CB  . THR A 1 47  ? -8.756  9.758   -2.016  1.00 39.04  ? 47  THR A CB  1 
ATOM   166 O OG1 . THR A 1 47  ? -10.077 9.840   -1.462  1.00 43.89  ? 47  THR A OG1 1 
ATOM   167 C CG2 . THR A 1 47  ? -8.547  10.914  -2.952  1.00 37.85  ? 47  THR A CG2 1 
ATOM   168 N N   . SER A 1 48  ? -6.203  8.164   -2.708  1.00 35.88  ? 48  SER A N   1 
ATOM   169 C CA  . SER A 1 48  ? -4.856  8.118   -3.242  1.00 31.69  ? 48  SER A CA  1 
ATOM   170 C C   . SER A 1 48  ? -4.511  6.717   -3.704  1.00 28.73  ? 48  SER A C   1 
ATOM   171 O O   . SER A 1 48  ? -3.499  6.512   -4.368  1.00 33.53  ? 48  SER A O   1 
ATOM   172 C CB  . SER A 1 48  ? -3.876  8.520   -2.153  1.00 29.03  ? 48  SER A CB  1 
ATOM   173 O OG  . SER A 1 48  ? -3.985  7.617   -1.073  1.00 33.39  ? 48  SER A OG  1 
ATOM   174 N N   . MET A 1 49  ? -5.345  5.759   -3.327  1.00 28.21  ? 49  MET A N   1 
ATOM   175 C CA  . MET A 1 49  ? -5.123  4.358   -3.636  1.00 24.53  ? 49  MET A CA  1 
ATOM   176 C C   . MET A 1 49  ? -3.752  3.976   -3.138  1.00 24.44  ? 49  MET A C   1 
ATOM   177 O O   . MET A 1 49  ? -2.984  3.270   -3.798  1.00 22.59  ? 49  MET A O   1 
ATOM   178 C CB  . MET A 1 49  ? -5.273  4.105   -5.112  1.00 29.83  ? 49  MET A CB  1 
ATOM   179 C CG  . MET A 1 49  ? -6.707  4.219   -5.514  1.00 38.38  ? 49  MET A CG  1 
ATOM   180 S SD  . MET A 1 49  ? -6.966  3.947   -7.231  1.00 48.96  ? 49  MET A SD  1 
ATOM   181 C CE  . MET A 1 49  ? -7.161  5.668   -7.811  1.00 44.33  ? 49  MET A CE  1 
ATOM   182 N N   . ALA A 1 50  ? -3.468  4.434   -1.928  1.00 22.96  ? 50  ALA A N   1 
ATOM   183 C CA  . ALA A 1 50  ? -2.195  4.185   -1.311  1.00 20.36  ? 50  ALA A CA  1 
ATOM   184 C C   . ALA A 1 50  ? -2.353  3.958   0.159   1.00 22.12  ? 50  ALA A C   1 
ATOM   185 O O   . ALA A 1 50  ? -3.244  4.533   0.786   1.00 27.87  ? 50  ALA A O   1 
ATOM   186 C CB  . ALA A 1 50  ? -1.285  5.391   -1.524  1.00 12.06  ? 50  ALA A CB  1 
ATOM   187 N N   . CYS A 1 51  ? -1.552  3.064   0.704   1.00 18.68  ? 51  CYS A N   1 
ATOM   188 C CA  . CYS A 1 51  ? -1.573  2.894   2.129   1.00 21.21  ? 51  CYS A CA  1 
ATOM   189 C C   . CYS A 1 51  ? -0.680  4.010   2.696   1.00 24.87  ? 51  CYS A C   1 
ATOM   190 O O   . CYS A 1 51  ? 0.450   4.167   2.242   1.00 32.80  ? 51  CYS A O   1 
ATOM   191 C CB  . CYS A 1 51  ? -0.989  1.558   2.476   1.00 18.95  ? 51  CYS A CB  1 
ATOM   192 S SG  . CYS A 1 51  ? -2.123  0.229   2.061   1.00 30.81  ? 51  CYS A SG  1 
ATOM   193 N N   . GLU A 1 52  ? -1.176  4.774   3.669   1.00 27.58  ? 52  GLU A N   1 
ATOM   194 C CA  . GLU A 1 52  ? -0.408  5.861   4.301   1.00 23.39  ? 52  GLU A CA  1 
ATOM   195 C C   . GLU A 1 52  ? -0.261  5.639   5.804   1.00 25.02  ? 52  GLU A C   1 
ATOM   196 O O   . GLU A 1 52  ? -0.854  4.718   6.366   1.00 25.08  ? 52  GLU A O   1 
ATOM   197 C CB  . GLU A 1 52  ? -1.078  7.204   4.043   1.00 26.76  ? 52  GLU A CB  1 
ATOM   198 C CG  . GLU A 1 52  ? -1.173  7.525   2.559   1.00 32.78  ? 52  GLU A CG  1 
ATOM   199 C CD  . GLU A 1 52  ? -2.131  8.654   2.216   1.00 36.77  ? 52  GLU A CD  1 
ATOM   200 O OE1 . GLU A 1 52  ? -2.470  9.482   3.104   1.00 42.11  ? 52  GLU A OE1 1 
ATOM   201 O OE2 . GLU A 1 52  ? -2.534  8.716   1.035   1.00 32.73  ? 52  GLU A OE2 1 
ATOM   202 N N   . THR A 1 53  ? 0.523   6.483   6.459   1.00 25.40  ? 53  THR A N   1 
ATOM   203 C CA  . THR A 1 53  ? 0.736   6.326   7.887   1.00 28.89  ? 53  THR A CA  1 
ATOM   204 C C   . THR A 1 53  ? -0.048  7.315   8.712   1.00 28.04  ? 53  THR A C   1 
ATOM   205 O O   . THR A 1 53  ? -0.467  8.365   8.215   1.00 30.48  ? 53  THR A O   1 
ATOM   206 C CB  . THR A 1 53  ? 2.234   6.440   8.289   1.00 32.25  ? 53  THR A CB  1 
ATOM   207 O OG1 . THR A 1 53  ? 2.789   7.642   7.753   1.00 37.04  ? 53  THR A OG1 1 
ATOM   208 C CG2 . THR A 1 53  ? 3.031   5.248   7.799   1.00 31.98  ? 53  THR A CG2 1 
ATOM   209 N N   . PHE A 1 54  ? -0.260  6.951   9.973   1.00 26.87  ? 54  PHE A N   1 
ATOM   210 C CA  . PHE A 1 54  ? -0.984  7.783   10.924  1.00 24.22  ? 54  PHE A CA  1 
ATOM   211 C C   . PHE A 1 54  ? -0.586  7.344   12.322  1.00 24.86  ? 54  PHE A C   1 
ATOM   212 O O   . PHE A 1 54  ? -0.126  6.204   12.515  1.00 22.68  ? 54  PHE A O   1 
ATOM   213 C CB  . PHE A 1 54  ? -2.510  7.698   10.713  1.00 18.53  ? 54  PHE A CB  1 
ATOM   214 C CG  . PHE A 1 54  ? -3.121  6.418   11.182  1.00 18.03  ? 54  PHE A CG  1 
ATOM   215 C CD1 . PHE A 1 54  ? -3.018  5.259   10.422  1.00 20.35  ? 54  PHE A CD1 1 
ATOM   216 C CD2 . PHE A 1 54  ? -3.806  6.369   12.389  1.00 20.86  ? 54  PHE A CD2 1 
ATOM   217 C CE1 . PHE A 1 54  ? -3.567  4.065   10.866  1.00 16.81  ? 54  PHE A CE1 1 
ATOM   218 C CE2 . PHE A 1 54  ? -4.361  5.181   12.848  1.00 19.19  ? 54  PHE A CE2 1 
ATOM   219 C CZ  . PHE A 1 54  ? -4.247  4.028   12.082  1.00 17.80  ? 54  PHE A CZ  1 
ATOM   220 N N   . GLN A 1 55  ? -0.672  8.278   13.270  1.00 26.80  ? 55  GLN A N   1 
ATOM   221 C CA  . GLN A 1 55  ? -0.338  7.991   14.659  1.00 27.57  ? 55  GLN A CA  1 
ATOM   222 C C   . GLN A 1 55  ? -1.565  7.394   15.329  1.00 30.13  ? 55  GLN A C   1 
ATOM   223 O O   . GLN A 1 55  ? -2.628  8.024   15.396  1.00 31.21  ? 55  GLN A O   1 
ATOM   224 C CB  . GLN A 1 55  ? 0.101   9.248   15.394  1.00 30.14  ? 55  GLN A CB  1 
ATOM   225 C CG  . GLN A 1 55  ? 1.334   9.910   14.832  1.00 45.53  ? 55  GLN A CG  1 
ATOM   226 C CD  . GLN A 1 55  ? 2.506   8.945   14.645  1.00 53.68  ? 55  GLN A CD  1 
ATOM   227 O OE1 . GLN A 1 55  ? 3.000   8.759   13.533  1.00 64.51  ? 55  GLN A OE1 1 
ATOM   228 N NE2 . GLN A 1 55  ? 2.954   8.341   15.724  1.00 55.50  ? 55  GLN A NE2 1 
ATOM   229 N N   . TYR A 1 56  ? -1.421  6.137   15.732  1.00 27.16  ? 56  TYR A N   1 
ATOM   230 C CA  . TYR A 1 56  ? -2.460  5.372   16.394  1.00 22.73  ? 56  TYR A CA  1 
ATOM   231 C C   . TYR A 1 56  ? -2.172  5.412   17.892  1.00 22.34  ? 56  TYR A C   1 
ATOM   232 O O   . TYR A 1 56  ? -1.038  5.192   18.319  1.00 20.29  ? 56  TYR A O   1 
ATOM   233 C CB  . TYR A 1 56  ? -2.405  3.945   15.867  1.00 21.90  ? 56  TYR A CB  1 
ATOM   234 C CG  . TYR A 1 56  ? -3.261  2.961   16.596  1.00 20.87  ? 56  TYR A CG  1 
ATOM   235 C CD1 . TYR A 1 56  ? -4.636  3.163   16.742  1.00 24.62  ? 56  TYR A CD1 1 
ATOM   236 C CD2 . TYR A 1 56  ? -2.701  1.815   17.148  1.00 24.99  ? 56  TYR A CD2 1 
ATOM   237 C CE1 . TYR A 1 56  ? -5.425  2.238   17.424  1.00 19.49  ? 56  TYR A CE1 1 
ATOM   238 C CE2 . TYR A 1 56  ? -3.476  0.892   17.833  1.00 20.17  ? 56  TYR A CE2 1 
ATOM   239 C CZ  . TYR A 1 56  ? -4.829  1.108   17.961  1.00 20.07  ? 56  TYR A CZ  1 
ATOM   240 O OH  . TYR A 1 56  ? -5.578  0.180   18.613  1.00 26.27  ? 56  TYR A OH  1 
ATOM   241 N N   . GLY A 1 57  ? -3.202  5.673   18.684  1.00 20.78  ? 57  GLY A N   1 
ATOM   242 C CA  . GLY A 1 57  ? -3.043  5.761   20.129  1.00 23.39  ? 57  GLY A CA  1 
ATOM   243 C C   . GLY A 1 57  ? -2.791  4.506   20.957  1.00 22.84  ? 57  GLY A C   1 
ATOM   244 O O   . GLY A 1 57  ? -2.452  4.601   22.137  1.00 25.10  ? 57  GLY A O   1 
ATOM   245 N N   . GLY A 1 58  ? -2.984  3.334   20.376  1.00 22.79  ? 58  GLY A N   1 
ATOM   246 C CA  . GLY A 1 58  ? -2.758  2.125   21.136  1.00 25.71  ? 58  GLY A CA  1 
ATOM   247 C C   . GLY A 1 58  ? -4.031  1.412   21.556  1.00 31.19  ? 58  GLY A C   1 
ATOM   248 O O   . GLY A 1 58  ? -3.966  0.293   22.052  1.00 36.16  ? 58  GLY A O   1 
ATOM   249 N N   . CYS A 1 59  ? -5.191  2.038   21.370  1.00 32.67  ? 59  CYS A N   1 
ATOM   250 C CA  . CYS A 1 59  ? -6.453  1.403   21.740  1.00 29.46  ? 59  CYS A CA  1 
ATOM   251 C C   . CYS A 1 59  ? -7.597  2.012   20.951  1.00 31.53  ? 59  CYS A C   1 
ATOM   252 O O   . CYS A 1 59  ? -7.476  3.129   20.435  1.00 32.41  ? 59  CYS A O   1 
ATOM   253 C CB  . CYS A 1 59  ? -6.736  1.589   23.245  1.00 29.65  ? 59  CYS A CB  1 
ATOM   254 S SG  . CYS A 1 59  ? -7.461  3.204   23.707  1.00 22.34  ? 59  CYS A SG  1 
ATOM   255 N N   . MET A 1 60  ? -8.675  1.247   20.814  1.00 34.28  ? 60  MET A N   1 
ATOM   256 C CA  . MET A 1 60  ? -9.901  1.697   20.162  1.00 39.75  ? 60  MET A CA  1 
ATOM   257 C C   . MET A 1 60  ? -9.820  2.248   18.745  1.00 44.51  ? 60  MET A C   1 
ATOM   258 O O   . MET A 1 60  ? -10.057 3.443   18.531  1.00 52.51  ? 60  MET A O   1 
ATOM   259 C CB  . MET A 1 60  ? -10.563 2.789   21.017  1.00 43.92  ? 60  MET A CB  1 
ATOM   260 C CG  . MET A 1 60  ? -10.838 2.461   22.460  1.00 42.27  ? 60  MET A CG  1 
ATOM   261 S SD  . MET A 1 60  ? -12.254 1.417   22.592  1.00 40.00  ? 60  MET A SD  1 
ATOM   262 C CE  . MET A 1 60  ? -11.642 0.231   23.754  1.00 42.15  ? 60  MET A CE  1 
ATOM   263 N N   . GLY A 1 61  ? -9.549  1.415   17.758  1.00 42.04  ? 61  GLY A N   1 
ATOM   264 C CA  . GLY A 1 61  ? -9.523  1.958   16.411  1.00 42.65  ? 61  GLY A CA  1 
ATOM   265 C C   . GLY A 1 61  ? -10.542 1.248   15.545  1.00 40.06  ? 61  GLY A C   1 
ATOM   266 O O   . GLY A 1 61  ? -11.569 0.792   16.043  1.00 45.04  ? 61  GLY A O   1 
ATOM   267 N N   . ASN A 1 62  ? -10.284 1.201   14.245  1.00 35.25  ? 62  ASN A N   1 
ATOM   268 C CA  . ASN A 1 62  ? -11.149 0.486   13.329  1.00 29.40  ? 62  ASN A CA  1 
ATOM   269 C C   . ASN A 1 62  ? -10.227 -0.462  12.594  1.00 27.89  ? 62  ASN A C   1 
ATOM   270 O O   . ASN A 1 62  ? -9.041  -0.535  12.903  1.00 25.74  ? 62  ASN A O   1 
ATOM   271 C CB  . ASN A 1 62  ? -11.901 1.415   12.370  1.00 30.35  ? 62  ASN A CB  1 
ATOM   272 C CG  . ASN A 1 62  ? -10.987 2.290   11.557  1.00 32.90  ? 62  ASN A CG  1 
ATOM   273 O OD1 . ASN A 1 62  ? -10.018 1.824   10.965  1.00 36.32  ? 62  ASN A OD1 1 
ATOM   274 N ND2 . ASN A 1 62  ? -11.295 3.574   11.521  1.00 33.44  ? 62  ASN A ND2 1 
ATOM   275 N N   . GLY A 1 63  ? -10.779 -1.208  11.652  1.00 28.10  ? 63  GLY A N   1 
ATOM   276 C CA  . GLY A 1 63  ? -9.990  -2.173  10.915  1.00 29.77  ? 63  GLY A CA  1 
ATOM   277 C C   . GLY A 1 63  ? -8.974  -1.613  9.947   1.00 29.96  ? 63  GLY A C   1 
ATOM   278 O O   . GLY A 1 63  ? -8.089  -2.345  9.511   1.00 31.04  ? 63  GLY A O   1 
ATOM   279 N N   . ASN A 1 64  ? -9.129  -0.349  9.567   1.00 26.43  ? 64  ASN A N   1 
ATOM   280 C CA  . ASN A 1 64  ? -8.193  0.282   8.641   1.00 24.61  ? 64  ASN A CA  1 
ATOM   281 C C   . ASN A 1 64  ? -6.973  0.698   9.464   1.00 23.49  ? 64  ASN A C   1 
ATOM   282 O O   . ASN A 1 64  ? -6.715  1.885   9.673   1.00 23.68  ? 64  ASN A O   1 
ATOM   283 C CB  . ASN A 1 64  ? -8.843  1.491   7.975   1.00 18.83  ? 64  ASN A CB  1 
ATOM   284 C CG  . ASN A 1 64  ? -8.264  1.758   6.626   1.00 22.84  ? 64  ASN A CG  1 
ATOM   285 O OD1 . ASN A 1 64  ? -7.409  1.009   6.147   1.00 26.16  ? 64  ASN A OD1 1 
ATOM   286 N ND2 . ASN A 1 64  ? -8.721  2.808   5.982   1.00 24.34  ? 64  ASN A ND2 1 
ATOM   287 N N   . ASN A 1 65  ? -6.216  -0.302  9.900   1.00 20.17  ? 65  ASN A N   1 
ATOM   288 C CA  . ASN A 1 65  ? -5.072  -0.102  10.771  1.00 19.04  ? 65  ASN A CA  1 
ATOM   289 C C   . ASN A 1 65  ? -4.121  -1.281  10.536  1.00 21.60  ? 65  ASN A C   1 
ATOM   290 O O   . ASN A 1 65  ? -4.432  -2.423  10.888  1.00 22.87  ? 65  ASN A O   1 
ATOM   291 C CB  . ASN A 1 65  ? -5.630  -0.110  12.202  1.00 23.23  ? 65  ASN A CB  1 
ATOM   292 C CG  . ASN A 1 65  ? -4.590  0.106   13.267  1.00 21.05  ? 65  ASN A CG  1 
ATOM   293 O OD1 . ASN A 1 65  ? -3.547  -0.540  13.282  1.00 25.83  ? 65  ASN A OD1 1 
ATOM   294 N ND2 . ASN A 1 65  ? -4.907  0.982   14.220  1.00 20.43  ? 65  ASN A ND2 1 
ATOM   295 N N   . PHE A 1 66  ? -2.988  -1.021  9.894   1.00 19.90  ? 66  PHE A N   1 
ATOM   296 C CA  . PHE A 1 66  ? -2.049  -2.093  9.618   1.00 19.76  ? 66  PHE A CA  1 
ATOM   297 C C   . PHE A 1 66  ? -0.637  -1.750  10.070  1.00 23.41  ? 66  PHE A C   1 
ATOM   298 O O   . PHE A 1 66  ? -0.239  -0.581  10.099  1.00 24.43  ? 66  PHE A O   1 
ATOM   299 C CB  . PHE A 1 66  ? -2.036  -2.419  8.130   1.00 18.72  ? 66  PHE A CB  1 
ATOM   300 C CG  . PHE A 1 66  ? -3.370  -2.778  7.585   1.00 12.43  ? 66  PHE A CG  1 
ATOM   301 C CD1 . PHE A 1 66  ? -4.237  -1.785  7.128   1.00 16.99  ? 66  PHE A CD1 1 
ATOM   302 C CD2 . PHE A 1 66  ? -3.743  -4.110  7.455   1.00 12.87  ? 66  PHE A CD2 1 
ATOM   303 C CE1 . PHE A 1 66  ? -5.486  -2.118  6.551   1.00 14.24  ? 66  PHE A CE1 1 
ATOM   304 C CE2 . PHE A 1 66  ? -4.981  -4.456  6.883   1.00 11.48  ? 66  PHE A CE2 1 
ATOM   305 C CZ  . PHE A 1 66  ? -5.843  -3.462  6.425   1.00 11.35  ? 66  PHE A CZ  1 
ATOM   306 N N   . VAL A 1 67  ? 0.127   -2.783  10.401  1.00 20.64  ? 67  VAL A N   1 
ATOM   307 C CA  . VAL A 1 67  ? 1.482   -2.611  10.879  1.00 23.91  ? 67  VAL A CA  1 
ATOM   308 C C   . VAL A 1 67  ? 2.490   -2.415  9.744   1.00 27.06  ? 67  VAL A C   1 
ATOM   309 O O   . VAL A 1 67  ? 3.509   -1.732  9.914   1.00 28.76  ? 67  VAL A O   1 
ATOM   310 C CB  . VAL A 1 67  ? 1.872   -3.808  11.739  1.00 28.02  ? 67  VAL A CB  1 
ATOM   311 C CG1 . VAL A 1 67  ? 3.299   -3.672  12.212  1.00 31.09  ? 67  VAL A CG1 1 
ATOM   312 C CG2 . VAL A 1 67  ? 0.916   -3.923  12.921  1.00 28.93  ? 67  VAL A CG2 1 
ATOM   313 N N   . THR A 1 68  ? 2.215   -3.045  8.607   1.00 26.68  ? 68  THR A N   1 
ATOM   314 C CA  . THR A 1 68  ? 3.063   -2.931  7.422   1.00 25.92  ? 68  THR A CA  1 
ATOM   315 C C   . THR A 1 68  ? 2.245   -2.553  6.188   1.00 25.74  ? 68  THR A C   1 
ATOM   316 O O   . THR A 1 68  ? 1.056   -2.854  6.084   1.00 28.30  ? 68  THR A O   1 
ATOM   317 C CB  . THR A 1 68  ? 3.790   -4.247  7.093   1.00 26.44  ? 68  THR A CB  1 
ATOM   318 O OG1 . THR A 1 68  ? 2.842   -5.242  6.672   1.00 25.82  ? 68  THR A OG1 1 
ATOM   319 C CG2 . THR A 1 68  ? 4.560   -4.744  8.286   1.00 20.18  ? 68  THR A CG2 1 
ATOM   320 N N   . GLU A 1 69  ? 2.899   -1.919  5.230   1.00 25.04  ? 69  GLU A N   1 
ATOM   321 C CA  . GLU A 1 69  ? 2.252   -1.514  3.998   1.00 19.02  ? 69  GLU A CA  1 
ATOM   322 C C   . GLU A 1 69  ? 1.894   -2.738  3.182   1.00 17.52  ? 69  GLU A C   1 
ATOM   323 O O   . GLU A 1 69  ? 0.933   -2.714  2.428   1.00 24.11  ? 69  GLU A O   1 
ATOM   324 C CB  . GLU A 1 69  ? 3.177   -0.595  3.219   1.00 20.44  ? 69  GLU A CB  1 
ATOM   325 C CG  . GLU A 1 69  ? 2.618   -0.051  1.946   1.00 19.06  ? 69  GLU A CG  1 
ATOM   326 C CD  . GLU A 1 69  ? 3.642   0.682   1.117   1.00 17.39  ? 69  GLU A CD  1 
ATOM   327 O OE1 . GLU A 1 69  ? 4.852   0.516   1.349   1.00 23.77  ? 69  GLU A OE1 1 
ATOM   328 O OE2 . GLU A 1 69  ? 3.227   1.428   0.220   1.00 24.55  ? 69  GLU A OE2 1 
ATOM   329 N N   . LYS A 1 70  ? 2.626   -3.832  3.369   1.00 19.67  ? 70  LYS A N   1 
ATOM   330 C CA  . LYS A 1 70  ? 2.327   -5.064  2.637   1.00 20.60  ? 70  LYS A CA  1 
ATOM   331 C C   . LYS A 1 70  ? 0.911   -5.546  2.976   1.00 24.24  ? 70  LYS A C   1 
ATOM   332 O O   . LYS A 1 70  ? 0.067   -5.731  2.097   1.00 27.87  ? 70  LYS A O   1 
ATOM   333 C CB  . LYS A 1 70  ? 3.340   -6.154  2.977   1.00 16.50  ? 70  LYS A CB  1 
ATOM   334 C CG  . LYS A 1 70  ? 3.062   -7.450  2.237   1.00 17.21  ? 70  LYS A CG  1 
ATOM   335 C CD  . LYS A 1 70  ? 4.133   -8.466  2.494   1.00 22.62  ? 70  LYS A CD  1 
ATOM   336 C CE  . LYS A 1 70  ? 3.992   -9.677  1.578   1.00 29.21  ? 70  LYS A CE  1 
ATOM   337 N NZ  . LYS A 1 70  ? 3.174   -10.777 2.144   1.00 40.83  ? 70  LYS A NZ  1 
ATOM   338 N N   . GLU A 1 71  ? 0.662   -5.711  4.269   1.00 27.72  ? 71  GLU A N   1 
ATOM   339 C CA  . GLU A 1 71  ? -0.622  -6.152  4.811   1.00 29.67  ? 71  GLU A CA  1 
ATOM   340 C C   . GLU A 1 71  ? -1.734  -5.256  4.301   1.00 26.60  ? 71  GLU A C   1 
ATOM   341 O O   . GLU A 1 71  ? -2.773  -5.699  3.817   1.00 27.04  ? 71  GLU A O   1 
ATOM   342 C CB  . GLU A 1 71  ? -0.586  -5.967  6.315   1.00 38.80  ? 71  GLU A CB  1 
ATOM   343 C CG  . GLU A 1 71  ? -0.626  -7.192  7.159   1.00 52.58  ? 71  GLU A CG  1 
ATOM   344 C CD  . GLU A 1 71  ? -1.334  -6.890  8.466   1.00 62.39  ? 71  GLU A CD  1 
ATOM   345 O OE1 . GLU A 1 71  ? -0.701  -6.263  9.354   1.00 65.53  ? 71  GLU A OE1 1 
ATOM   346 O OE2 . GLU A 1 71  ? -2.542  -7.235  8.574   1.00 68.77  ? 71  GLU A OE2 1 
ATOM   347 N N   . CYS A 1 72  ? -1.518  -3.972  4.502   1.00 23.89  ? 72  CYS A N   1 
ATOM   348 C CA  . CYS A 1 72  ? -2.466  -2.965  4.114   1.00 20.00  ? 72  CYS A CA  1 
ATOM   349 C C   . CYS A 1 72  ? -2.818  -3.114  2.647   1.00 23.64  ? 72  CYS A C   1 
ATOM   350 O O   . CYS A 1 72  ? -3.991  -3.244  2.291   1.00 25.83  ? 72  CYS A O   1 
ATOM   351 C CB  . CYS A 1 72  ? -1.864  -1.606  4.405   1.00 17.07  ? 72  CYS A CB  1 
ATOM   352 S SG  . CYS A 1 72  ? -2.903  -0.247  3.872   1.00 22.31  ? 72  CYS A SG  1 
ATOM   353 N N   . LEU A 1 73  ? -1.799  -3.201  1.805   1.00 24.14  ? 73  LEU A N   1 
ATOM   354 C CA  . LEU A 1 73  ? -2.027  -3.320  0.376   1.00 22.78  ? 73  LEU A CA  1 
ATOM   355 C C   . LEU A 1 73  ? -2.667  -4.629  -0.051  1.00 23.10  ? 73  LEU A C   1 
ATOM   356 O O   . LEU A 1 73  ? -3.602  -4.619  -0.840  1.00 25.16  ? 73  LEU A O   1 
ATOM   357 C CB  . LEU A 1 73  ? -0.745  -3.057  -0.414  1.00 19.95  ? 73  LEU A CB  1 
ATOM   358 C CG  . LEU A 1 73  ? -0.335  -1.589  -0.495  1.00 18.03  ? 73  LEU A CG  1 
ATOM   359 C CD1 . LEU A 1 73  ? 0.950   -1.527  -1.278  1.00 20.48  ? 73  LEU A CD1 1 
ATOM   360 C CD2 . LEU A 1 73  ? -1.423  -0.737  -1.153  1.00 14.75  ? 73  LEU A CD2 1 
ATOM   361 N N   . GLN A 1 74  ? -2.195  -5.757  0.462   1.00 23.34  ? 74  GLN A N   1 
ATOM   362 C CA  . GLN A 1 74  ? -2.787  -7.026  0.064   1.00 21.29  ? 74  GLN A CA  1 
ATOM   363 C C   . GLN A 1 74  ? -4.213  -7.116  0.540   1.00 26.83  ? 74  GLN A C   1 
ATOM   364 O O   . GLN A 1 74  ? -5.028  -7.817  -0.061  1.00 35.68  ? 74  GLN A O   1 
ATOM   365 C CB  . GLN A 1 74  ? -1.967  -8.183  0.591   1.00 18.93  ? 74  GLN A CB  1 
ATOM   366 C CG  . GLN A 1 74  ? -0.591  -8.205  -0.028  1.00 25.15  ? 74  GLN A CG  1 
ATOM   367 C CD  . GLN A 1 74  ? 0.206   -9.402  0.388   1.00 29.69  ? 74  GLN A CD  1 
ATOM   368 O OE1 . GLN A 1 74  ? 0.146   -9.824  1.543   1.00 37.68  ? 74  GLN A OE1 1 
ATOM   369 N NE2 . GLN A 1 74  ? 0.963   -9.971  -0.544  1.00 26.58  ? 74  GLN A NE2 1 
ATOM   370 N N   . THR A 1 75  ? -4.525  -6.364  1.589   1.00 28.59  ? 75  THR A N   1 
ATOM   371 C CA  . THR A 1 75  ? -5.873  -6.345  2.128   1.00 29.05  ? 75  THR A CA  1 
ATOM   372 C C   . THR A 1 75  ? -6.828  -5.373  1.438   1.00 29.21  ? 75  THR A C   1 
ATOM   373 O O   . THR A 1 75  ? -7.953  -5.745  1.126   1.00 31.88  ? 75  THR A O   1 
ATOM   374 C CB  . THR A 1 75  ? -5.867  -6.033  3.628   1.00 28.44  ? 75  THR A CB  1 
ATOM   375 O OG1 . THR A 1 75  ? -5.238  -7.105  4.328   1.00 32.26  ? 75  THR A OG1 1 
ATOM   376 C CG2 . THR A 1 75  ? -7.268  -5.882  4.142   1.00 23.52  ? 75  THR A CG2 1 
ATOM   377 N N   . CYS A 1 76  ? -6.378  -4.142  1.190   1.00 29.04  ? 76  CYS A N   1 
ATOM   378 C CA  . CYS A 1 76  ? -7.219  -3.105  0.590   1.00 27.06  ? 76  CYS A CA  1 
ATOM   379 C C   . CYS A 1 76  ? -7.082  -2.735  -0.875  1.00 28.82  ? 76  CYS A C   1 
ATOM   380 O O   . CYS A 1 76  ? -7.909  -1.983  -1.395  1.00 30.47  ? 76  CYS A O   1 
ATOM   381 C CB  . CYS A 1 76  ? -7.070  -1.833  1.402   1.00 25.99  ? 76  CYS A CB  1 
ATOM   382 S SG  . CYS A 1 76  ? -7.667  -2.080  3.084   1.00 29.24  ? 76  CYS A SG  1 
ATOM   383 N N   . ARG A 1 77  ? -6.042  -3.209  -1.541  1.00 29.59  ? 77  ARG A N   1 
ATOM   384 C CA  . ARG A 1 77  ? -5.839  -2.843  -2.933  1.00 28.84  ? 77  ARG A CA  1 
ATOM   385 C C   . ARG A 1 77  ? -6.953  -3.341  -3.861  1.00 33.14  ? 77  ARG A C   1 
ATOM   386 O O   . ARG A 1 77  ? -7.607  -4.365  -3.591  1.00 33.74  ? 77  ARG A O   1 
ATOM   387 C CB  . ARG A 1 77  ? -4.460  -3.298  -3.420  1.00 22.94  ? 77  ARG A CB  1 
ATOM   388 C CG  . ARG A 1 77  ? -4.056  -2.725  -4.770  1.00 19.21  ? 77  ARG A CG  1 
ATOM   389 C CD  . ARG A 1 77  ? -2.726  -3.267  -5.217  1.00 15.97  ? 77  ARG A CD  1 
ATOM   390 N NE  . ARG A 1 77  ? -2.637  -4.686  -4.947  1.00 20.09  ? 77  ARG A NE  1 
ATOM   391 C CZ  . ARG A 1 77  ? -1.615  -5.260  -4.332  1.00 15.95  ? 77  ARG A CZ  1 
ATOM   392 N NH1 . ARG A 1 77  ? -0.584  -4.561  -3.933  1.00 19.34  ? 77  ARG A NH1 1 
ATOM   393 N NH2 . ARG A 1 77  ? -1.654  -6.542  -4.070  1.00 21.37  ? 77  ARG A NH2 1 
ATOM   394 N N   . THR A 1 78  ? -7.188  -2.554  -4.914  1.00 33.79  ? 78  THR A N   1 
ATOM   395 C CA  . THR A 1 78  ? -8.190  -2.821  -5.947  1.00 34.09  ? 78  THR A CA  1 
ATOM   396 C C   . THR A 1 78  ? -7.490  -2.818  -7.314  1.00 31.56  ? 78  THR A C   1 
ATOM   397 O O   . THR A 1 78  ? -6.322  -2.463  -7.401  1.00 31.24  ? 78  THR A O   1 
ATOM   398 C CB  . THR A 1 78  ? -9.279  -1.721  -5.943  1.00 33.02  ? 78  THR A CB  1 
ATOM   399 O OG1 . THR A 1 78  ? -8.702  -0.470  -6.340  1.00 37.78  ? 78  THR A OG1 1 
ATOM   400 C CG2 . THR A 1 78  ? -9.867  -1.567  -4.541  1.00 32.55  ? 78  THR A CG2 1 
ATOM   401 N N   . VAL A 1 79  ? -8.218  -3.135  -8.381  1.00 32.94  ? 79  VAL A N   1 
ATOM   402 C CA  . VAL A 1 79  ? -7.644  -3.159  -9.733  1.00 28.36  ? 79  VAL A CA  1 
ATOM   403 C C   . VAL A 1 79  ? -7.418  -1.780  -10.330 1.00 27.20  ? 79  VAL A C   1 
ATOM   404 O O   . VAL A 1 79  ? -6.881  -1.656  -11.419 1.00 34.71  ? 79  VAL A O   1 
ATOM   405 C CB  . VAL A 1 79  ? -8.503  -3.958  -10.722 1.00 28.72  ? 79  VAL A CB  1 
ATOM   406 C CG1 . VAL A 1 79  ? -8.613  -5.409  -10.282 1.00 29.93  ? 79  VAL A CG1 1 
ATOM   407 C CG2 . VAL A 1 79  ? -9.866  -3.317  -10.873 1.00 28.42  ? 79  VAL A CG2 1 
ATOM   408 N N   . ALA A 1 80  ? -7.842  -0.739  -9.629  1.00 24.64  ? 80  ALA A N   1 
ATOM   409 C CA  . ALA A 1 80  ? -7.640  0.620   -10.114 1.00 24.51  ? 80  ALA A CA  1 
ATOM   410 C C   . ALA A 1 80  ? -6.167  1.008   -9.967  1.00 24.74  ? 80  ALA A C   1 
ATOM   411 O O   . ALA A 1 80  ? -5.708  1.994   -10.551 1.00 23.30  ? 80  ALA A O   1 
ATOM   412 C CB  . ALA A 1 80  ? -8.500  1.577   -9.326  1.00 27.55  ? 80  ALA A CB  1 
ATOM   413 N N   . ALA A 1 81  ? -5.451  0.239   -9.146  1.00 23.73  ? 81  ALA A N   1 
ATOM   414 C CA  . ALA A 1 81  ? -4.038  0.452   -8.880  1.00 20.98  ? 81  ALA A CA  1 
ATOM   415 C C   . ALA A 1 81  ? -3.222  0.174   -10.107 1.00 23.17  ? 81  ALA A C   1 
ATOM   416 O O   . ALA A 1 81  ? -2.100  0.647   -10.215 1.00 27.66  ? 81  ALA A O   1 
ATOM   417 C CB  . ALA A 1 81  ? -3.576  -0.454  -7.773  1.00 18.49  ? 81  ALA A CB  1 
ATOM   418 N N   . CYS A 1 82  ? -3.778  -0.612  -11.025 1.00 25.23  ? 82  CYS A N   1 
ATOM   419 C CA  . CYS A 1 82  ? -3.080  -0.971  -12.252 1.00 24.12  ? 82  CYS A CA  1 
ATOM   420 C C   . CYS A 1 82  ? -2.849  0.245   -13.146 1.00 25.18  ? 82  CYS A C   1 
ATOM   421 O O   . CYS A 1 82  ? -1.955  0.256   -13.995 1.00 25.68  ? 82  CYS A O   1 
ATOM   422 C CB  . CYS A 1 82  ? -3.854  -2.059  -12.988 1.00 25.54  ? 82  CYS A CB  1 
ATOM   423 S SG  . CYS A 1 82  ? -4.225  -3.533  -11.972 1.00 23.71  ? 82  CYS A SG  1 
ATOM   424 N N   . ASN A 1 83  ? -3.649  1.281   -12.924 1.00 28.83  ? 83  ASN A N   1 
ATOM   425 C CA  . ASN A 1 83  ? -3.535  2.523   -13.687 1.00 32.28  ? 83  ASN A CA  1 
ATOM   426 C C   . ASN A 1 83  ? -2.583  3.518   -13.012 1.00 30.88  ? 83  ASN A C   1 
ATOM   427 O O   . ASN A 1 83  ? -2.262  4.550   -13.597 1.00 36.41  ? 83  ASN A O   1 
ATOM   428 C CB  . ASN A 1 83  ? -4.911  3.195   -13.855 1.00 37.77  ? 83  ASN A CB  1 
ATOM   429 C CG  . ASN A 1 83  ? -5.899  2.345   -14.638 1.00 37.81  ? 83  ASN A CG  1 
ATOM   430 O OD1 . ASN A 1 83  ? -6.850  1.805   -14.080 1.00 44.71  ? 83  ASN A OD1 1 
ATOM   431 N ND2 . ASN A 1 83  ? -5.678  2.229   -15.932 1.00 43.43  ? 83  ASN A ND2 1 
ATOM   432 N N   . LEU A 1 84  ? -2.145  3.227   -11.789 1.00 25.81  ? 84  LEU A N   1 
ATOM   433 C CA  . LEU A 1 84  ? -1.254  4.121   -11.062 1.00 17.70  ? 84  LEU A CA  1 
ATOM   434 C C   . LEU A 1 84  ? 0.184   4.075   -11.557 1.00 18.59  ? 84  LEU A C   1 
ATOM   435 O O   . LEU A 1 84  ? 0.638   3.061   -12.077 1.00 21.75  ? 84  LEU A O   1 
ATOM   436 C CB  . LEU A 1 84  ? -1.266  3.760   -9.583  1.00 20.34  ? 84  LEU A CB  1 
ATOM   437 C CG  . LEU A 1 84  ? -2.586  3.988   -8.863  1.00 21.35  ? 84  LEU A CG  1 
ATOM   438 C CD1 . LEU A 1 84  ? -2.508  3.414   -7.479  1.00 21.25  ? 84  LEU A CD1 1 
ATOM   439 C CD2 . LEU A 1 84  ? -2.876  5.470   -8.819  1.00 21.42  ? 84  LEU A CD2 1 
ATOM   440 N N   . PRO A 1 85  ? 0.914   5.187   -11.408 1.00 13.89  ? 85  PRO A N   1 
ATOM   441 C CA  . PRO A 1 85  ? 2.315   5.312   -11.817 1.00 13.87  ? 85  PRO A CA  1 
ATOM   442 C C   . PRO A 1 85  ? 3.165   4.423   -10.929 1.00 18.72  ? 85  PRO A C   1 
ATOM   443 O O   . PRO A 1 85  ? 2.755   4.118   -9.807  1.00 22.76  ? 85  PRO A O   1 
ATOM   444 C CB  . PRO A 1 85  ? 2.619   6.772   -11.526 1.00 14.15  ? 85  PRO A CB  1 
ATOM   445 C CG  . PRO A 1 85  ? 1.698   7.099   -10.408 1.00 19.47  ? 85  PRO A CG  1 
ATOM   446 C CD  . PRO A 1 85  ? 0.424   6.460   -10.875 1.00 16.42  ? 85  PRO A CD  1 
ATOM   447 N N   . ILE A 1 86  ? 4.319   3.991   -11.434 1.00 17.45  ? 86  ILE A N   1 
ATOM   448 C CA  . ILE A 1 86  ? 5.240   3.143   -10.683 1.00 17.44  ? 86  ILE A CA  1 
ATOM   449 C C   . ILE A 1 86  ? 6.072   4.122   -9.858  1.00 22.67  ? 86  ILE A C   1 
ATOM   450 O O   . ILE A 1 86  ? 6.776   4.957   -10.411 1.00 29.13  ? 86  ILE A O   1 
ATOM   451 C CB  . ILE A 1 86  ? 6.120   2.319   -11.641 1.00 13.61  ? 86  ILE A CB  1 
ATOM   452 C CG1 . ILE A 1 86  ? 5.235   1.452   -12.531 1.00 11.98  ? 86  ILE A CG1 1 
ATOM   453 C CG2 . ILE A 1 86  ? 7.090   1.447   -10.885 1.00 10.49  ? 86  ILE A CG2 1 
ATOM   454 C CD1 . ILE A 1 86  ? 5.981   0.684   -13.571 1.00 8.87   ? 86  ILE A CD1 1 
ATOM   455 N N   . VAL A 1 87  ? 5.911   4.068   -8.539  1.00 26.94  ? 87  VAL A N   1 
ATOM   456 C CA  . VAL A 1 87  ? 6.604   4.976   -7.621  1.00 25.33  ? 87  VAL A CA  1 
ATOM   457 C C   . VAL A 1 87  ? 7.657   4.326   -6.721  1.00 25.84  ? 87  VAL A C   1 
ATOM   458 O O   . VAL A 1 87  ? 7.387   3.390   -5.968  1.00 26.92  ? 87  VAL A O   1 
ATOM   459 C CB  . VAL A 1 87  ? 5.572   5.746   -6.758  1.00 24.69  ? 87  VAL A CB  1 
ATOM   460 C CG1 . VAL A 1 87  ? 6.253   6.669   -5.748  1.00 22.41  ? 87  VAL A CG1 1 
ATOM   461 C CG2 . VAL A 1 87  ? 4.646   6.530   -7.665  1.00 21.38  ? 87  VAL A CG2 1 
ATOM   462 N N   . ARG A 1 88  ? 8.877   4.812   -6.850  1.00 27.66  ? 88  ARG A N   1 
ATOM   463 C CA  . ARG A 1 88  ? 9.992   4.336   -6.062  1.00 25.72  ? 88  ARG A CA  1 
ATOM   464 C C   . ARG A 1 88  ? 9.931   4.972   -4.677  1.00 21.69  ? 88  ARG A C   1 
ATOM   465 O O   . ARG A 1 88  ? 10.258  4.324   -3.697  1.00 25.68  ? 88  ARG A O   1 
ATOM   466 C CB  . ARG A 1 88  ? 11.306  4.656   -6.773  1.00 31.72  ? 88  ARG A CB  1 
ATOM   467 C CG  . ARG A 1 88  ? 12.519  4.371   -5.951  1.00 45.00  ? 88  ARG A CG  1 
ATOM   468 C CD  . ARG A 1 88  ? 13.492  3.547   -6.737  1.00 58.17  ? 88  ARG A CD  1 
ATOM   469 N NE  . ARG A 1 88  ? 14.347  4.329   -7.621  1.00 69.47  ? 88  ARG A NE  1 
ATOM   470 C CZ  . ARG A 1 88  ? 14.966  3.836   -8.689  1.00 75.30  ? 88  ARG A CZ  1 
ATOM   471 N NH1 . ARG A 1 88  ? 14.706  2.598   -9.085  1.00 75.44  ? 88  ARG A NH1 1 
ATOM   472 N NH2 . ARG A 1 88  ? 15.757  4.613   -9.416  1.00 78.30  ? 88  ARG A NH2 1 
ATOM   473 N N   . GLY A 1 89  ? 9.448   6.202   -4.587  1.00 19.55  ? 89  GLY A N   1 
ATOM   474 C CA  . GLY A 1 89  ? 9.340   6.865   -3.304  1.00 20.12  ? 89  GLY A CA  1 
ATOM   475 C C   . GLY A 1 89  ? 10.680  7.444   -2.928  1.00 25.79  ? 89  GLY A C   1 
ATOM   476 O O   . GLY A 1 89  ? 11.680  7.088   -3.539  1.00 30.25  ? 89  GLY A O   1 
ATOM   477 N N   . PRO A 1 90  ? 10.756  8.263   -1.872  1.00 24.85  ? 90  PRO A N   1 
ATOM   478 C CA  . PRO A 1 90  ? 11.969  8.924   -1.379  1.00 24.82  ? 90  PRO A CA  1 
ATOM   479 C C   . PRO A 1 90  ? 12.958  8.166   -0.495  1.00 28.60  ? 90  PRO A C   1 
ATOM   480 O O   . PRO A 1 90  ? 14.032  8.688   -0.209  1.00 29.44  ? 90  PRO A O   1 
ATOM   481 C CB  . PRO A 1 90  ? 11.403  10.101  -0.602  1.00 24.58  ? 90  PRO A CB  1 
ATOM   482 C CG  . PRO A 1 90  ? 10.208  9.507   0.026   1.00 24.74  ? 90  PRO A CG  1 
ATOM   483 C CD  . PRO A 1 90  ? 9.577   8.743   -1.127  1.00 24.53  ? 90  PRO A CD  1 
ATOM   484 N N   . CYS A 1 91  ? 12.597  6.983   -0.012  1.00 31.84  ? 91  CYS A N   1 
ATOM   485 C CA  . CYS A 1 91  ? 13.482  6.235   0.889   1.00 26.21  ? 91  CYS A CA  1 
ATOM   486 C C   . CYS A 1 91  ? 14.501  5.362   0.166   1.00 27.05  ? 91  CYS A C   1 
ATOM   487 O O   . CYS A 1 91  ? 14.371  5.122   -1.032  1.00 30.96  ? 91  CYS A O   1 
ATOM   488 C CB  . CYS A 1 91  ? 12.640  5.419   1.878   1.00 21.99  ? 91  CYS A CB  1 
ATOM   489 S SG  . CYS A 1 91  ? 11.742  6.427   3.098   1.00 21.59  ? 91  CYS A SG  1 
ATOM   490 N N   . ARG A 1 92  ? 15.481  4.838   0.902   1.00 26.57  ? 92  ARG A N   1 
ATOM   491 C CA  . ARG A 1 92  ? 16.536  4.021   0.295   1.00 25.60  ? 92  ARG A CA  1 
ATOM   492 C C   . ARG A 1 92  ? 16.748  2.613   0.825   1.00 26.64  ? 92  ARG A C   1 
ATOM   493 O O   . ARG A 1 92  ? 17.833  2.044   0.670   1.00 30.48  ? 92  ARG A O   1 
ATOM   494 C CB  . ARG A 1 92  ? 17.855  4.772   0.329   1.00 24.39  ? 92  ARG A CB  1 
ATOM   495 C CG  . ARG A 1 92  ? 17.673  6.168   -0.145  1.00 33.00  ? 92  ARG A CG  1 
ATOM   496 C CD  . ARG A 1 92  ? 18.928  6.712   -0.671  1.00 46.17  ? 92  ARG A CD  1 
ATOM   497 N NE  . ARG A 1 92  ? 18.703  8.028   -1.235  1.00 55.88  ? 92  ARG A NE  1 
ATOM   498 C CZ  . ARG A 1 92  ? 18.599  9.131   -0.507  1.00 61.23  ? 92  ARG A CZ  1 
ATOM   499 N NH1 . ARG A 1 92  ? 18.688  9.052   0.820   1.00 57.20  ? 92  ARG A NH1 1 
ATOM   500 N NH2 . ARG A 1 92  ? 18.497  10.315  -1.106  1.00 66.99  ? 92  ARG A NH2 1 
ATOM   501 N N   . ALA A 1 93  ? 15.731  2.066   1.482   1.00 24.25  ? 93  ALA A N   1 
ATOM   502 C CA  . ALA A 1 93  ? 15.787  0.712   1.999   1.00 20.41  ? 93  ALA A CA  1 
ATOM   503 C C   . ALA A 1 93  ? 15.162  -0.091  0.855   1.00 23.53  ? 93  ALA A C   1 
ATOM   504 O O   . ALA A 1 93  ? 14.061  -0.636  0.951   1.00 26.20  ? 93  ALA A O   1 
ATOM   505 C CB  . ALA A 1 93  ? 14.971  0.613   3.267   1.00 21.39  ? 93  ALA A CB  1 
ATOM   506 N N   . PHE A 1 94  ? 15.885  -0.116  -0.251  1.00 21.91  ? 94  PHE A N   1 
ATOM   507 C CA  . PHE A 1 94  ? 15.442  -0.760  -1.465  1.00 21.30  ? 94  PHE A CA  1 
ATOM   508 C C   . PHE A 1 94  ? 15.089  -2.224  -1.426  1.00 23.25  ? 94  PHE A C   1 
ATOM   509 O O   . PHE A 1 94  ? 15.852  -3.040  -0.915  1.00 24.80  ? 94  PHE A O   1 
ATOM   510 C CB  . PHE A 1 94  ? 16.466  -0.530  -2.593  1.00 25.71  ? 94  PHE A CB  1 
ATOM   511 C CG  . PHE A 1 94  ? 16.603  0.912   -3.022  1.00 22.93  ? 94  PHE A CG  1 
ATOM   512 C CD1 . PHE A 1 94  ? 15.591  1.535   -3.756  1.00 24.21  ? 94  PHE A CD1 1 
ATOM   513 C CD2 . PHE A 1 94  ? 17.711  1.655   -2.653  1.00 20.52  ? 94  PHE A CD2 1 
ATOM   514 C CE1 . PHE A 1 94  ? 15.686  2.875   -4.107  1.00 22.00  ? 94  PHE A CE1 1 
ATOM   515 C CE2 . PHE A 1 94  ? 17.814  3.003   -3.004  1.00 24.16  ? 94  PHE A CE2 1 
ATOM   516 C CZ  . PHE A 1 94  ? 16.797  3.610   -3.725  1.00 23.38  ? 94  PHE A CZ  1 
ATOM   517 N N   . ILE A 1 95  ? 13.927  -2.545  -1.996  1.00 26.58  ? 95  ILE A N   1 
ATOM   518 C CA  . ILE A 1 95  ? 13.450  -3.919  -2.138  1.00 26.02  ? 95  ILE A CA  1 
ATOM   519 C C   . ILE A 1 95  ? 12.884  -4.007  -3.545  1.00 23.72  ? 95  ILE A C   1 
ATOM   520 O O   . ILE A 1 95  ? 12.263  -3.073  -4.037  1.00 23.02  ? 95  ILE A O   1 
ATOM   521 C CB  . ILE A 1 95  ? 12.347  -4.315  -1.138  1.00 28.57  ? 95  ILE A CB  1 
ATOM   522 C CG1 . ILE A 1 95  ? 11.262  -3.256  -1.099  1.00 35.73  ? 95  ILE A CG1 1 
ATOM   523 C CG2 . ILE A 1 95  ? 12.925  -4.542  0.241   1.00 37.72  ? 95  ILE A CG2 1 
ATOM   524 C CD1 . ILE A 1 95  ? 10.075  -3.696  -0.291  1.00 45.29  ? 95  ILE A CD1 1 
ATOM   525 N N   . GLN A 1 96  ? 13.147  -5.115  -4.207  1.00 26.75  ? 96  GLN A N   1 
ATOM   526 C CA  . GLN A 1 96  ? 12.662  -5.307  -5.557  1.00 32.63  ? 96  GLN A CA  1 
ATOM   527 C C   . GLN A 1 96  ? 11.317  -5.993  -5.549  1.00 28.87  ? 96  GLN A C   1 
ATOM   528 O O   . GLN A 1 96  ? 11.189  -7.165  -5.168  1.00 26.76  ? 96  GLN A O   1 
ATOM   529 C CB  . GLN A 1 96  ? 13.677  -6.095  -6.366  1.00 40.17  ? 96  GLN A CB  1 
ATOM   530 C CG  . GLN A 1 96  ? 14.985  -5.355  -6.498  1.00 53.66  ? 96  GLN A CG  1 
ATOM   531 C CD  . GLN A 1 96  ? 16.050  -6.198  -7.152  1.00 61.59  ? 96  GLN A CD  1 
ATOM   532 O OE1 . GLN A 1 96  ? 15.747  -7.214  -7.783  1.00 65.27  ? 96  GLN A OE1 1 
ATOM   533 N NE2 . GLN A 1 96  ? 17.311  -5.805  -6.979  1.00 64.25  ? 96  GLN A NE2 1 
ATOM   534 N N   . LEU A 1 97  ? 10.321  -5.236  -5.983  1.00 24.90  ? 97  LEU A N   1 
ATOM   535 C CA  . LEU A 1 97  ? 8.944   -5.677  -6.020  1.00 22.16  ? 97  LEU A CA  1 
ATOM   536 C C   . LEU A 1 97  ? 8.433   -5.635  -7.445  1.00 24.20  ? 97  LEU A C   1 
ATOM   537 O O   . LEU A 1 97  ? 9.149   -5.229  -8.359  1.00 28.13  ? 97  LEU A O   1 
ATOM   538 C CB  . LEU A 1 97  ? 8.110   -4.736  -5.149  1.00 19.12  ? 97  LEU A CB  1 
ATOM   539 C CG  . LEU A 1 97  ? 7.873   -5.058  -3.668  1.00 15.98  ? 97  LEU A CG  1 
ATOM   540 C CD1 . LEU A 1 97  ? 8.907   -5.990  -3.118  1.00 16.59  ? 97  LEU A CD1 1 
ATOM   541 C CD2 . LEU A 1 97  ? 7.811   -3.797  -2.884  1.00 11.22  ? 97  LEU A CD2 1 
ATOM   542 N N   . TRP A 1 98  ? 7.181   -6.026  -7.627  1.00 23.01  ? 98  TRP A N   1 
ATOM   543 C CA  . TRP A 1 98  ? 6.569   -6.032  -8.940  1.00 19.68  ? 98  TRP A CA  1 
ATOM   544 C C   . TRP A 1 98  ? 5.595   -4.893  -9.081  1.00 19.95  ? 98  TRP A C   1 
ATOM   545 O O   . TRP A 1 98  ? 5.068   -4.407  -8.099  1.00 19.31  ? 98  TRP A O   1 
ATOM   546 C CB  . TRP A 1 98  ? 5.847   -7.342  -9.156  1.00 22.90  ? 98  TRP A CB  1 
ATOM   547 C CG  . TRP A 1 98  ? 6.781   -8.480  -9.229  1.00 27.27  ? 98  TRP A CG  1 
ATOM   548 C CD1 . TRP A 1 98  ? 7.221   -9.248  -8.192  1.00 29.93  ? 98  TRP A CD1 1 
ATOM   549 C CD2 . TRP A 1 98  ? 7.391   -8.982  -10.395 1.00 24.40  ? 98  TRP A CD2 1 
ATOM   550 N NE1 . TRP A 1 98  ? 8.074   -10.208 -8.657  1.00 31.63  ? 98  TRP A NE1 1 
ATOM   551 C CE2 . TRP A 1 98  ? 8.203   -10.067 -10.024 1.00 26.42  ? 98  TRP A CE2 1 
ATOM   552 C CE3 . TRP A 1 98  ? 7.360   -8.622  -11.745 1.00 29.43  ? 98  TRP A CE3 1 
ATOM   553 C CZ2 . TRP A 1 98  ? 8.953   -10.796 -10.922 1.00 32.21  ? 98  TRP A CZ2 1 
ATOM   554 C CZ3 . TRP A 1 98  ? 8.110   -9.338  -12.651 1.00 36.35  ? 98  TRP A CZ3 1 
ATOM   555 C CH2 . TRP A 1 98  ? 8.900   -10.414 -12.237 1.00 32.56  ? 98  TRP A CH2 1 
ATOM   556 N N   . ALA A 1 99  ? 5.388   -4.445  -10.314 1.00 19.06  ? 99  ALA A N   1 
ATOM   557 C CA  . ALA A 1 99  ? 4.459   -3.363  -10.596 1.00 18.09  ? 99  ALA A CA  1 
ATOM   558 C C   . ALA A 1 99  ? 3.996   -3.552  -12.026 1.00 17.79  ? 99  ALA A C   1 
ATOM   559 O O   . ALA A 1 99  ? 4.664   -4.211  -12.811 1.00 20.54  ? 99  ALA A O   1 
ATOM   560 C CB  . ALA A 1 99  ? 5.130   -2.012  -10.407 1.00 13.25  ? 99  ALA A CB  1 
ATOM   561 N N   . PHE A 1 100 ? 2.826   -3.027  -12.345 1.00 19.05  ? 100 PHE A N   1 
ATOM   562 C CA  . PHE A 1 100 ? 2.285   -3.167  -13.680 1.00 18.06  ? 100 PHE A CA  1 
ATOM   563 C C   . PHE A 1 100 ? 2.714   -2.013  -14.564 1.00 23.32  ? 100 PHE A C   1 
ATOM   564 O O   . PHE A 1 100 ? 2.567   -0.837  -14.214 1.00 24.57  ? 100 PHE A O   1 
ATOM   565 C CB  . PHE A 1 100 ? 0.759   -3.245  -13.633 1.00 14.84  ? 100 PHE A CB  1 
ATOM   566 C CG  . PHE A 1 100 ? 0.128   -3.613  -14.947 1.00 11.34  ? 100 PHE A CG  1 
ATOM   567 C CD1 . PHE A 1 100 ? 0.308   -4.883  -15.491 1.00 12.87  ? 100 PHE A CD1 1 
ATOM   568 C CD2 . PHE A 1 100 ? -0.666  -2.695  -15.639 1.00 13.23  ? 100 PHE A CD2 1 
ATOM   569 C CE1 . PHE A 1 100 ? -0.297  -5.235  -16.707 1.00 12.68  ? 100 PHE A CE1 1 
ATOM   570 C CE2 . PHE A 1 100 ? -1.273  -3.044  -16.857 1.00 11.04  ? 100 PHE A CE2 1 
ATOM   571 C CZ  . PHE A 1 100 ? -1.087  -4.309  -17.384 1.00 9.41   ? 100 PHE A CZ  1 
ATOM   572 N N   . ASP A 1 101 ? 3.265   -2.358  -15.716 1.00 22.56  ? 101 ASP A N   1 
ATOM   573 C CA  . ASP A 1 101 ? 3.697   -1.361  -16.662 1.00 22.89  ? 101 ASP A CA  1 
ATOM   574 C C   . ASP A 1 101 ? 2.514   -1.263  -17.628 1.00 24.83  ? 101 ASP A C   1 
ATOM   575 O O   . ASP A 1 101 ? 2.290   -2.146  -18.461 1.00 27.22  ? 101 ASP A O   1 
ATOM   576 C CB  . ASP A 1 101 ? 4.960   -1.865  -17.352 1.00 26.81  ? 101 ASP A CB  1 
ATOM   577 C CG  . ASP A 1 101 ? 5.657   -0.801  -18.156 1.00 26.21  ? 101 ASP A CG  1 
ATOM   578 O OD1 . ASP A 1 101 ? 4.974   0.092   -18.685 1.00 28.70  ? 101 ASP A OD1 1 
ATOM   579 O OD2 . ASP A 1 101 ? 6.904   -0.875  -18.270 1.00 36.36  ? 101 ASP A OD2 1 
ATOM   580 N N   . ALA A 1 102 ? 1.726   -0.211  -17.479 1.00 23.96  ? 102 ALA A N   1 
ATOM   581 C CA  . ALA A 1 102 ? 0.552   -0.027  -18.314 1.00 28.01  ? 102 ALA A CA  1 
ATOM   582 C C   . ALA A 1 102 ? 0.861   0.161   -19.798 1.00 32.94  ? 102 ALA A C   1 
ATOM   583 O O   . ALA A 1 102 ? 0.050   -0.217  -20.646 1.00 41.01  ? 102 ALA A O   1 
ATOM   584 C CB  . ALA A 1 102 ? -0.300  1.129   -17.791 1.00 23.61  ? 102 ALA A CB  1 
ATOM   585 N N   . VAL A 1 103 ? 2.022   0.738   -20.114 1.00 31.87  ? 103 VAL A N   1 
ATOM   586 C CA  . VAL A 1 103 ? 2.423   0.962   -21.506 1.00 26.77  ? 103 VAL A CA  1 
ATOM   587 C C   . VAL A 1 103 ? 2.756   -0.361  -22.210 1.00 29.91  ? 103 VAL A C   1 
ATOM   588 O O   . VAL A 1 103 ? 2.276   -0.628  -23.314 1.00 31.30  ? 103 VAL A O   1 
ATOM   589 C CB  . VAL A 1 103 ? 3.626   1.921   -21.570 1.00 24.99  ? 103 VAL A CB  1 
ATOM   590 C CG1 . VAL A 1 103 ? 4.312   1.867   -22.938 1.00 25.73  ? 103 VAL A CG1 1 
ATOM   591 C CG2 . VAL A 1 103 ? 3.167   3.330   -21.245 1.00 22.46  ? 103 VAL A CG2 1 
ATOM   592 N N   . LYS A 1 104 ? 3.552   -1.202  -21.555 1.00 28.49  ? 104 LYS A N   1 
ATOM   593 C CA  . LYS A 1 104 ? 3.936   -2.487  -22.135 1.00 31.40  ? 104 LYS A CA  1 
ATOM   594 C C   . LYS A 1 104 ? 2.871   -3.528  -21.904 1.00 30.04  ? 104 LYS A C   1 
ATOM   595 O O   . LYS A 1 104 ? 2.867   -4.572  -22.557 1.00 31.91  ? 104 LYS A O   1 
ATOM   596 C CB  . LYS A 1 104 ? 5.229   -3.013  -21.513 1.00 36.40  ? 104 LYS A CB  1 
ATOM   597 C CG  . LYS A 1 104 ? 6.465   -2.219  -21.817 1.00 41.58  ? 104 LYS A CG  1 
ATOM   598 C CD  . LYS A 1 104 ? 7.664   -3.105  -21.631 1.00 49.27  ? 104 LYS A CD  1 
ATOM   599 C CE  . LYS A 1 104 ? 8.934   -2.293  -21.542 1.00 56.86  ? 104 LYS A CE  1 
ATOM   600 N NZ  . LYS A 1 104 ? 9.366   -2.155  -20.123 1.00 59.46  ? 104 LYS A NZ  1 
ATOM   601 N N   . GLY A 1 105 ? 2.034   -3.277  -20.904 1.00 27.27  ? 105 GLY A N   1 
ATOM   602 C CA  . GLY A 1 105 ? 0.983   -4.206  -20.578 1.00 21.70  ? 105 GLY A CA  1 
ATOM   603 C C   . GLY A 1 105 ? 1.554   -5.423  -19.895 1.00 23.05  ? 105 GLY A C   1 
ATOM   604 O O   . GLY A 1 105 ? 1.123   -6.551  -20.141 1.00 25.04  ? 105 GLY A O   1 
ATOM   605 N N   . LYS A 1 106 ? 2.522   -5.217  -19.015 1.00 23.80  ? 106 LYS A N   1 
ATOM   606 C CA  . LYS A 1 106 ? 3.082   -6.357  -18.311 1.00 24.53  ? 106 LYS A CA  1 
ATOM   607 C C   . LYS A 1 106 ? 3.610   -6.008  -16.944 1.00 25.56  ? 106 LYS A C   1 
ATOM   608 O O   . LYS A 1 106 ? 3.827   -4.838  -16.625 1.00 21.85  ? 106 LYS A O   1 
ATOM   609 C CB  . LYS A 1 106 ? 4.181   -7.030  -19.135 1.00 30.00  ? 106 LYS A CB  1 
ATOM   610 C CG  . LYS A 1 106 ? 5.275   -6.102  -19.636 1.00 34.30  ? 106 LYS A CG  1 
ATOM   611 C CD  . LYS A 1 106 ? 6.301   -6.869  -20.463 1.00 40.15  ? 106 LYS A CD  1 
ATOM   612 C CE  . LYS A 1 106 ? 7.321   -7.576  -19.579 1.00 42.77  ? 106 LYS A CE  1 
ATOM   613 N NZ  . LYS A 1 106 ? 8.099   -8.580  -20.373 1.00 49.82  ? 106 LYS A NZ  1 
ATOM   614 N N   . CYS A 1 107 ? 3.764   -7.040  -16.122 1.00 28.81  ? 107 CYS A N   1 
ATOM   615 C CA  . CYS A 1 107 ? 4.287   -6.885  -14.773 1.00 28.78  ? 107 CYS A CA  1 
ATOM   616 C C   . CYS A 1 107 ? 5.808   -6.820  -14.839 1.00 31.69  ? 107 CYS A C   1 
ATOM   617 O O   . CYS A 1 107 ? 6.453   -7.729  -15.381 1.00 36.37  ? 107 CYS A O   1 
ATOM   618 C CB  . CYS A 1 107 ? 3.850   -8.062  -13.911 1.00 23.55  ? 107 CYS A CB  1 
ATOM   619 S SG  . CYS A 1 107 ? 2.086   -8.012  -13.501 1.00 24.56  ? 107 CYS A SG  1 
ATOM   620 N N   . VAL A 1 108 ? 6.370   -5.718  -14.355 1.00 29.64  ? 108 VAL A N   1 
ATOM   621 C CA  . VAL A 1 108 ? 7.810   -5.532  -14.362 1.00 24.50  ? 108 VAL A CA  1 
ATOM   622 C C   . VAL A 1 108 ? 8.308   -5.499  -12.926 1.00 26.65  ? 108 VAL A C   1 
ATOM   623 O O   . VAL A 1 108 ? 7.522   -5.406  -11.984 1.00 29.96  ? 108 VAL A O   1 
ATOM   624 C CB  . VAL A 1 108 ? 8.223   -4.228  -15.075 1.00 20.23  ? 108 VAL A CB  1 
ATOM   625 C CG1 . VAL A 1 108 ? 7.688   -4.199  -16.491 1.00 21.60  ? 108 VAL A CG1 1 
ATOM   626 C CG2 . VAL A 1 108 ? 7.745   -3.026  -14.304 1.00 20.75  ? 108 VAL A CG2 1 
ATOM   627 N N   . LEU A 1 109 ? 9.618   -5.590  -12.774 1.00 28.32  ? 109 LEU A N   1 
ATOM   628 C CA  . LEU A 1 109 ? 10.267  -5.580  -11.473 1.00 27.60  ? 109 LEU A CA  1 
ATOM   629 C C   . LEU A 1 109 ? 10.926  -4.208  -11.297 1.00 27.29  ? 109 LEU A C   1 
ATOM   630 O O   . LEU A 1 109 ? 11.458  -3.646  -12.254 1.00 28.71  ? 109 LEU A O   1 
ATOM   631 C CB  . LEU A 1 109 ? 11.320  -6.690  -11.460 1.00 29.66  ? 109 LEU A CB  1 
ATOM   632 C CG  . LEU A 1 109 ? 11.842  -7.264  -10.151 1.00 33.54  ? 109 LEU A CG  1 
ATOM   633 C CD1 . LEU A 1 109 ? 10.701  -7.871  -9.387  1.00 36.25  ? 109 LEU A CD1 1 
ATOM   634 C CD2 . LEU A 1 109 ? 12.876  -8.330  -10.448 1.00 34.90  ? 109 LEU A CD2 1 
ATOM   635 N N   . PHE A 1 110 ? 10.826  -3.630  -10.111 1.00 24.23  ? 110 PHE A N   1 
ATOM   636 C CA  . PHE A 1 110 ? 11.446  -2.335  -9.871  1.00 22.17  ? 110 PHE A CA  1 
ATOM   637 C C   . PHE A 1 110 ? 11.896  -2.315  -8.430  1.00 22.83  ? 110 PHE A C   1 
ATOM   638 O O   . PHE A 1 110 ? 11.588  -3.231  -7.669  1.00 22.91  ? 110 PHE A O   1 
ATOM   639 C CB  . PHE A 1 110 ? 10.492  -1.173  -10.169 1.00 21.69  ? 110 PHE A CB  1 
ATOM   640 C CG  . PHE A 1 110 ? 9.445   -0.944  -9.113  1.00 25.90  ? 110 PHE A CG  1 
ATOM   641 C CD1 . PHE A 1 110 ? 8.443   -1.895  -8.885  1.00 24.01  ? 110 PHE A CD1 1 
ATOM   642 C CD2 . PHE A 1 110 ? 9.482   0.204   -8.320  1.00 16.15  ? 110 PHE A CD2 1 
ATOM   643 C CE1 . PHE A 1 110 ? 7.494   -1.698  -7.880  1.00 23.65  ? 110 PHE A CE1 1 
ATOM   644 C CE2 . PHE A 1 110 ? 8.542   0.413   -7.318  1.00 19.52  ? 110 PHE A CE2 1 
ATOM   645 C CZ  . PHE A 1 110 ? 7.546   -0.544  -7.091  1.00 20.97  ? 110 PHE A CZ  1 
ATOM   646 N N   . PRO A 1 111 ? 12.744  -1.353  -8.073  1.00 23.73  ? 111 PRO A N   1 
ATOM   647 C CA  . PRO A 1 111 ? 13.197  -1.301  -6.687  1.00 24.12  ? 111 PRO A CA  1 
ATOM   648 C C   . PRO A 1 111 ? 12.434  -0.239  -5.918  1.00 25.88  ? 111 PRO A C   1 
ATOM   649 O O   . PRO A 1 111 ? 12.522  0.948   -6.216  1.00 26.68  ? 111 PRO A O   1 
ATOM   650 C CB  . PRO A 1 111 ? 14.671  -0.954  -6.842  1.00 24.86  ? 111 PRO A CB  1 
ATOM   651 C CG  . PRO A 1 111 ? 14.648  0.008   -7.989  1.00 24.75  ? 111 PRO A CG  1 
ATOM   652 C CD  . PRO A 1 111 ? 13.597  -0.524  -8.946  1.00 25.44  ? 111 PRO A CD  1 
ATOM   653 N N   . TYR A 1 112 ? 11.625  -0.682  -4.965  1.00 24.60  ? 112 TYR A N   1 
ATOM   654 C CA  . TYR A 1 112 ? 10.842  0.222   -4.155  1.00 19.15  ? 112 TYR A CA  1 
ATOM   655 C C   . TYR A 1 112 ? 11.755  0.695   -3.026  1.00 19.85  ? 112 TYR A C   1 
ATOM   656 O O   . TYR A 1 112 ? 12.470  -0.100  -2.424  1.00 19.02  ? 112 TYR A O   1 
ATOM   657 C CB  . TYR A 1 112 ? 9.613   -0.513  -3.625  1.00 17.24  ? 112 TYR A CB  1 
ATOM   658 C CG  . TYR A 1 112 ? 8.737   0.315   -2.714  1.00 17.39  ? 112 TYR A CG  1 
ATOM   659 C CD1 . TYR A 1 112 ? 8.385   1.608   -3.050  1.00 14.83  ? 112 TYR A CD1 1 
ATOM   660 C CD2 . TYR A 1 112 ? 8.291   -0.197  -1.495  1.00 18.77  ? 112 TYR A CD2 1 
ATOM   661 C CE1 . TYR A 1 112 ? 7.621   2.368   -2.216  1.00 20.98  ? 112 TYR A CE1 1 
ATOM   662 C CE2 . TYR A 1 112 ? 7.526   0.558   -0.645  1.00 15.15  ? 112 TYR A CE2 1 
ATOM   663 C CZ  . TYR A 1 112 ? 7.195   1.841   -1.008  1.00 26.05  ? 112 TYR A CZ  1 
ATOM   664 O OH  . TYR A 1 112 ? 6.430   2.618   -0.169  1.00 34.45  ? 112 TYR A OH  1 
ATOM   665 N N   . GLY A 1 113 ? 11.739  1.992   -2.762  1.00 20.60  ? 113 GLY A N   1 
ATOM   666 C CA  . GLY A 1 113 ? 12.580  2.566   -1.725  1.00 23.71  ? 113 GLY A CA  1 
ATOM   667 C C   . GLY A 1 113 ? 12.222  2.254   -0.283  1.00 26.89  ? 113 GLY A C   1 
ATOM   668 O O   . GLY A 1 113 ? 13.052  2.414   0.608   1.00 29.18  ? 113 GLY A O   1 
ATOM   669 N N   . GLY A 1 114 ? 10.985  1.856   -0.023  1.00 27.62  ? 114 GLY A N   1 
ATOM   670 C CA  . GLY A 1 114 ? 10.615  1.539   1.341   1.00 24.31  ? 114 GLY A CA  1 
ATOM   671 C C   . GLY A 1 114 ? 9.579   2.454   1.953   1.00 26.12  ? 114 GLY A C   1 
ATOM   672 O O   . GLY A 1 114 ? 9.043   2.150   3.009   1.00 30.98  ? 114 GLY A O   1 
ATOM   673 N N   . CYS A 1 115 ? 9.259   3.560   1.306   1.00 26.39  ? 115 CYS A N   1 
ATOM   674 C CA  . CYS A 1 115 ? 8.274   4.443   1.891   1.00 26.34  ? 115 CYS A CA  1 
ATOM   675 C C   . CYS A 1 115 ? 7.576   5.342   0.887   1.00 27.96  ? 115 CYS A C   1 
ATOM   676 O O   . CYS A 1 115 ? 8.044   5.540   -0.228  1.00 31.13  ? 115 CYS A O   1 
ATOM   677 C CB  . CYS A 1 115 ? 8.919   5.292   2.979   1.00 26.07  ? 115 CYS A CB  1 
ATOM   678 S SG  . CYS A 1 115 ? 9.884   6.695   2.345   1.00 29.28  ? 115 CYS A SG  1 
ATOM   679 N N   . GLN A 1 116 ? 6.406   5.823   1.286   1.00 28.33  ? 116 GLN A N   1 
ATOM   680 C CA  . GLN A 1 116 ? 5.606   6.724   0.481   1.00 26.65  ? 116 GLN A CA  1 
ATOM   681 C C   . GLN A 1 116 ? 5.276   6.297   -0.945  1.00 28.08  ? 116 GLN A C   1 
ATOM   682 O O   . GLN A 1 116 ? 5.242   7.120   -1.857  1.00 31.85  ? 116 GLN A O   1 
ATOM   683 C CB  . GLN A 1 116 ? 6.228   8.111   0.515   1.00 30.30  ? 116 GLN A CB  1 
ATOM   684 C CG  . GLN A 1 116 ? 5.673   8.967   1.642   1.00 43.13  ? 116 GLN A CG  1 
ATOM   685 C CD  . GLN A 1 116 ? 6.743   9.525   2.557   1.00 48.61  ? 116 GLN A CD  1 
ATOM   686 O OE1 . GLN A 1 116 ? 6.784   9.201   3.741   1.00 57.92  ? 116 GLN A OE1 1 
ATOM   687 N NE2 . GLN A 1 116 ? 7.604   10.366  2.020   1.00 49.45  ? 116 GLN A NE2 1 
ATOM   688 N N   . GLY A 1 117 ? 4.993   5.019   -1.131  1.00 27.52  ? 117 GLY A N   1 
ATOM   689 C CA  . GLY A 1 117 ? 4.650   4.544   -2.460  1.00 26.98  ? 117 GLY A CA  1 
ATOM   690 C C   . GLY A 1 117 ? 3.142   4.477   -2.621  1.00 24.85  ? 117 GLY A C   1 
ATOM   691 O O   . GLY A 1 117 ? 2.394   5.040   -1.816  1.00 24.63  ? 117 GLY A O   1 
ATOM   692 N N   . ASN A 1 118 ? 2.688   3.796   -3.671  1.00 23.29  ? 118 ASN A N   1 
ATOM   693 C CA  . ASN A 1 118 ? 1.264   3.655   -3.915  1.00 17.18  ? 118 ASN A CA  1 
ATOM   694 C C   . ASN A 1 118 ? 0.859   2.202   -4.080  1.00 15.96  ? 118 ASN A C   1 
ATOM   695 O O   . ASN A 1 118 ? 1.658   1.308   -3.832  1.00 17.33  ? 118 ASN A O   1 
ATOM   696 C CB  . ASN A 1 118 ? 0.810   4.513   -5.097  1.00 17.56  ? 118 ASN A CB  1 
ATOM   697 C CG  . ASN A 1 118 ? 1.415   4.092   -6.407  1.00 19.34  ? 118 ASN A CG  1 
ATOM   698 O OD1 . ASN A 1 118 ? 1.670   2.908   -6.661  1.00 17.92  ? 118 ASN A OD1 1 
ATOM   699 N ND2 . ASN A 1 118 ? 1.588   5.065   -7.287  1.00 20.03  ? 118 ASN A ND2 1 
ATOM   700 N N   . GLY A 1 119 ? -0.373  1.966   -4.500  1.00 16.05  ? 119 GLY A N   1 
ATOM   701 C CA  . GLY A 1 119 ? -0.855  0.603   -4.631  1.00 13.69  ? 119 GLY A CA  1 
ATOM   702 C C   . GLY A 1 119 ? -0.350  -0.255  -5.765  1.00 18.04  ? 119 GLY A C   1 
ATOM   703 O O   . GLY A 1 119 ? -0.497  -1.472  -5.694  1.00 20.44  ? 119 GLY A O   1 
ATOM   704 N N   . ASN A 1 120 ? 0.199   0.334   -6.825  1.00 21.93  ? 120 ASN A N   1 
ATOM   705 C CA  . ASN A 1 120 ? 0.699   -0.472  -7.940  1.00 17.05  ? 120 ASN A CA  1 
ATOM   706 C C   . ASN A 1 120 ? 2.070   -0.999  -7.533  1.00 17.09  ? 120 ASN A C   1 
ATOM   707 O O   . ASN A 1 120 ? 3.111   -0.541  -8.007  1.00 17.33  ? 120 ASN A O   1 
ATOM   708 C CB  . ASN A 1 120 ? 0.792   0.363   -9.212  1.00 17.46  ? 120 ASN A CB  1 
ATOM   709 C CG  . ASN A 1 120 ? 1.200   -0.463  -10.416 1.00 16.99  ? 120 ASN A CG  1 
ATOM   710 O OD1 . ASN A 1 120 ? 1.223   -1.690  -10.366 1.00 18.20  ? 120 ASN A OD1 1 
ATOM   711 N ND2 . ASN A 1 120 ? 1.502   0.206   -11.514 1.00 15.21  ? 120 ASN A ND2 1 
ATOM   712 N N   . LYS A 1 121 ? 2.041   -1.950  -6.610  1.00 15.59  ? 121 LYS A N   1 
ATOM   713 C CA  . LYS A 1 121 ? 3.223   -2.576  -6.046  1.00 15.79  ? 121 LYS A CA  1 
ATOM   714 C C   . LYS A 1 121 ? 2.747   -3.949  -5.576  1.00 18.76  ? 121 LYS A C   1 
ATOM   715 O O   . LYS A 1 121 ? 1.834   -4.056  -4.759  1.00 23.85  ? 121 LYS A O   1 
ATOM   716 C CB  . LYS A 1 121 ? 3.722   -1.740  -4.864  1.00 13.70  ? 121 LYS A CB  1 
ATOM   717 C CG  . LYS A 1 121 ? 4.905   -2.319  -4.132  1.00 17.61  ? 121 LYS A CG  1 
ATOM   718 C CD  . LYS A 1 121 ? 4.979   -1.720  -2.732  1.00 22.63  ? 121 LYS A CD  1 
ATOM   719 C CE  . LYS A 1 121 ? 5.183   -0.232  -2.765  1.00 15.92  ? 121 LYS A CE  1 
ATOM   720 N NZ  . LYS A 1 121 ? 4.041   0.508   -2.256  1.00 15.90  ? 121 LYS A NZ  1 
ATOM   721 N N   . PHE A 1 122 ? 3.344   -4.998  -6.121  1.00 17.81  ? 122 PHE A N   1 
ATOM   722 C CA  . PHE A 1 122 ? 2.962   -6.347  -5.800  1.00 14.20  ? 122 PHE A CA  1 
ATOM   723 C C   . PHE A 1 122 ? 4.164   -7.063  -5.235  1.00 19.32  ? 122 PHE A C   1 
ATOM   724 O O   . PHE A 1 122 ? 5.306   -6.713  -5.540  1.00 19.31  ? 122 PHE A O   1 
ATOM   725 C CB  . PHE A 1 122 ? 2.410   -7.025  -7.057  1.00 16.79  ? 122 PHE A CB  1 
ATOM   726 C CG  . PHE A 1 122 ? 1.245   -6.279  -7.677  1.00 15.18  ? 122 PHE A CG  1 
ATOM   727 C CD1 . PHE A 1 122 ? -0.047  -6.482  -7.226  1.00 12.05  ? 122 PHE A CD1 1 
ATOM   728 C CD2 . PHE A 1 122 ? 1.458   -5.312  -8.650  1.00 16.09  ? 122 PHE A CD2 1 
ATOM   729 C CE1 . PHE A 1 122 ? -1.112  -5.747  -7.733  1.00 12.34  ? 122 PHE A CE1 1 
ATOM   730 C CE2 . PHE A 1 122 ? 0.392   -4.566  -9.164  1.00 18.23  ? 122 PHE A CE2 1 
ATOM   731 C CZ  . PHE A 1 122 ? -0.895  -4.782  -8.695  1.00 9.90   ? 122 PHE A CZ  1 
ATOM   732 N N   . TYR A 1 123 ? 3.896   -8.039  -4.373  1.00 21.29  ? 123 TYR A N   1 
ATOM   733 C CA  . TYR A 1 123 ? 4.937   -8.803  -3.697  1.00 22.23  ? 123 TYR A CA  1 
ATOM   734 C C   . TYR A 1 123 ? 5.302   -10.136 -4.332  1.00 24.12  ? 123 TYR A C   1 
ATOM   735 O O   . TYR A 1 123 ? 6.042   -10.928 -3.750  1.00 28.95  ? 123 TYR A O   1 
ATOM   736 C CB  . TYR A 1 123 ? 4.555   -8.966  -2.231  1.00 17.68  ? 123 TYR A CB  1 
ATOM   737 C CG  . TYR A 1 123 ? 4.299   -7.636  -1.603  1.00 8.33   ? 123 TYR A CG  1 
ATOM   738 C CD1 . TYR A 1 123 ? 3.062   -7.033  -1.699  1.00 6.29   ? 123 TYR A CD1 1 
ATOM   739 C CD2 . TYR A 1 123 ? 5.343   -6.921  -1.028  1.00 15.16  ? 123 TYR A CD2 1 
ATOM   740 C CE1 . TYR A 1 123 ? 2.864   -5.741  -1.222  1.00 15.66  ? 123 TYR A CE1 1 
ATOM   741 C CE2 . TYR A 1 123 ? 5.161   -5.638  -0.552  1.00 16.65  ? 123 TYR A CE2 1 
ATOM   742 C CZ  . TYR A 1 123 ? 3.927   -5.048  -0.664  1.00 17.21  ? 123 TYR A CZ  1 
ATOM   743 O OH  . TYR A 1 123 ? 3.776   -3.757  -0.219  1.00 24.80  ? 123 TYR A OH  1 
ATOM   744 N N   . SER A 1 124 ? 4.783   -10.369 -5.528  1.00 26.27  ? 124 SER A N   1 
ATOM   745 C CA  . SER A 1 124 ? 5.084   -11.571 -6.291  1.00 27.01  ? 124 SER A CA  1 
ATOM   746 C C   . SER A 1 124 ? 4.607   -11.312 -7.704  1.00 24.19  ? 124 SER A C   1 
ATOM   747 O O   . SER A 1 124 ? 3.703   -10.496 -7.921  1.00 22.60  ? 124 SER A O   1 
ATOM   748 C CB  . SER A 1 124 ? 4.397   -12.809 -5.693  1.00 32.42  ? 124 SER A CB  1 
ATOM   749 O OG  . SER A 1 124 ? 3.017   -12.883 -6.024  1.00 42.83  ? 124 SER A OG  1 
ATOM   750 N N   . GLU A 1 125 ? 5.223   -11.972 -8.672  1.00 27.16  ? 125 GLU A N   1 
ATOM   751 C CA  . GLU A 1 125 ? 4.816   -11.772 -10.047 1.00 30.82  ? 125 GLU A CA  1 
ATOM   752 C C   . GLU A 1 125 ? 3.392   -12.283 -10.193 1.00 28.91  ? 125 GLU A C   1 
ATOM   753 O O   . GLU A 1 125 ? 2.542   -11.621 -10.793 1.00 31.65  ? 125 GLU A O   1 
ATOM   754 C CB  . GLU A 1 125 ? 5.751   -12.491 -11.008 1.00 34.32  ? 125 GLU A CB  1 
ATOM   755 C CG  . GLU A 1 125 ? 5.496   -12.094 -12.443 1.00 40.00  ? 125 GLU A CG  1 
ATOM   756 C CD  . GLU A 1 125 ? 6.261   -12.916 -13.460 1.00 47.06  ? 125 GLU A CD  1 
ATOM   757 O OE1 . GLU A 1 125 ? 6.795   -13.996 -13.112 1.00 51.49  ? 125 GLU A OE1 1 
ATOM   758 O OE2 . GLU A 1 125 ? 6.307   -12.477 -14.633 1.00 56.39  ? 125 GLU A OE2 1 
ATOM   759 N N   . LYS A 1 126 ? 3.114   -13.422 -9.572  1.00 27.17  ? 126 LYS A N   1 
ATOM   760 C CA  . LYS A 1 126 ? 1.779   -14.009 -9.629  1.00 29.52  ? 126 LYS A CA  1 
ATOM   761 C C   . LYS A 1 126 ? 0.712   -13.016 -9.173  1.00 28.54  ? 126 LYS A C   1 
ATOM   762 O O   . LYS A 1 126 ? -0.272  -12.788 -9.871  1.00 28.54  ? 126 LYS A O   1 
ATOM   763 C CB  . LYS A 1 126 ? 1.715   -15.265 -8.775  1.00 30.95  ? 126 LYS A CB  1 
ATOM   764 N N   . GLU A 1 127 ? 0.946   -12.387 -8.029  1.00 23.15  ? 127 GLU A N   1 
ATOM   765 C CA  . GLU A 1 127 ? -0.001  -11.434 -7.490  1.00 24.69  ? 127 GLU A CA  1 
ATOM   766 C C   . GLU A 1 127 ? -0.230  -10.301 -8.477  1.00 26.59  ? 127 GLU A C   1 
ATOM   767 O O   . GLU A 1 127 ? -1.357  -9.854  -8.682  1.00 27.73  ? 127 GLU A O   1 
ATOM   768 C CB  . GLU A 1 127 ? 0.519   -10.885 -6.158  1.00 27.66  ? 127 GLU A CB  1 
ATOM   769 C CG  . GLU A 1 127 ? -0.399  -9.865  -5.453  1.00 26.14  ? 127 GLU A CG  1 
ATOM   770 C CD  . GLU A 1 127 ? 0.253   -9.223  -4.236  1.00 24.92  ? 127 GLU A CD  1 
ATOM   771 O OE1 . GLU A 1 127 ? 1.476   -9.344  -4.045  1.00 32.98  ? 127 GLU A OE1 1 
ATOM   772 O OE2 . GLU A 1 127 ? -0.460  -8.600  -3.446  1.00 28.93  ? 127 GLU A OE2 1 
ATOM   773 N N   . CYS A 1 128 ? 0.845   -9.829  -9.088  1.00 31.59  ? 128 CYS A N   1 
ATOM   774 C CA  . CYS A 1 128 ? 0.738   -8.743  -10.046 1.00 31.19  ? 128 CYS A CA  1 
ATOM   775 C C   . CYS A 1 128 ? -0.100  -9.190  -11.223 1.00 31.18  ? 128 CYS A C   1 
ATOM   776 O O   . CYS A 1 128 ? -0.936  -8.445  -11.728 1.00 34.04  ? 128 CYS A O   1 
ATOM   777 C CB  . CYS A 1 128 ? 2.120   -8.322  -10.525 1.00 30.51  ? 128 CYS A CB  1 
ATOM   778 S SG  . CYS A 1 128 ? 2.049   -6.991  -11.749 1.00 27.02  ? 128 CYS A SG  1 
ATOM   779 N N   . ARG A 1 129 ? 0.100   -10.429 -11.641 1.00 34.26  ? 129 ARG A N   1 
ATOM   780 C CA  . ARG A 1 129 ? -0.645  -10.959 -12.763 1.00 34.42  ? 129 ARG A CA  1 
ATOM   781 C C   . ARG A 1 129 ? -2.109  -11.114 -12.393 1.00 34.86  ? 129 ARG A C   1 
ATOM   782 O O   . ARG A 1 129 ? -2.994  -10.746 -13.170 1.00 37.24  ? 129 ARG A O   1 
ATOM   783 C CB  . ARG A 1 129 ? -0.065  -12.296 -13.197 1.00 36.74  ? 129 ARG A CB  1 
ATOM   784 C CG  . ARG A 1 129 ? 1.360   -12.208 -13.671 1.00 39.08  ? 129 ARG A CG  1 
ATOM   785 C CD  . ARG A 1 129 ? 1.540   -13.069 -14.897 1.00 49.01  ? 129 ARG A CD  1 
ATOM   786 N NE  . ARG A 1 129 ? 2.821   -13.757 -14.884 1.00 62.71  ? 129 ARG A NE  1 
ATOM   787 C CZ  . ARG A 1 129 ? 3.100   -14.784 -14.083 1.00 70.82  ? 129 ARG A CZ  1 
ATOM   788 N NH1 . ARG A 1 129 ? 2.183   -15.252 -13.235 1.00 71.46  ? 129 ARG A NH1 1 
ATOM   789 N NH2 . ARG A 1 129 ? 4.321   -15.314 -14.096 1.00 74.21  ? 129 ARG A NH2 1 
ATOM   790 N N   . GLU A 1 130 ? -2.355  -11.616 -11.183 1.00 35.69  ? 130 GLU A N   1 
ATOM   791 C CA  . GLU A 1 130 ? -3.710  -11.828 -10.689 1.00 35.55  ? 130 GLU A CA  1 
ATOM   792 C C   . GLU A 1 130 ? -4.502  -10.537 -10.685 1.00 34.75  ? 130 GLU A C   1 
ATOM   793 O O   . GLU A 1 130 ? -5.644  -10.524 -11.113 1.00 39.21  ? 130 GLU A O   1 
ATOM   794 C CB  . GLU A 1 130 ? -3.705  -12.376 -9.268  1.00 44.62  ? 130 GLU A CB  1 
ATOM   795 C CG  . GLU A 1 130 ? -3.012  -13.703 -9.064  1.00 61.22  ? 130 GLU A CG  1 
ATOM   796 C CD  . GLU A 1 130 ? -3.101  -14.158 -7.612  1.00 72.46  ? 130 GLU A CD  1 
ATOM   797 O OE1 . GLU A 1 130 ? -2.508  -13.481 -6.731  1.00 76.72  ? 130 GLU A OE1 1 
ATOM   798 O OE2 . GLU A 1 130 ? -3.791  -15.175 -7.349  1.00 81.10  ? 130 GLU A OE2 1 
ATOM   799 N N   . TYR A 1 131 ? -3.907  -9.456  -10.195 1.00 31.01  ? 131 TYR A N   1 
ATOM   800 C CA  . TYR A 1 131 ? -4.591  -8.177  -10.140 1.00 27.88  ? 131 TYR A CA  1 
ATOM   801 C C   . TYR A 1 131 ? -4.769  -7.472  -11.446 1.00 31.13  ? 131 TYR A C   1 
ATOM   802 O O   . TYR A 1 131 ? -5.855  -6.968  -11.734 1.00 32.48  ? 131 TYR A O   1 
ATOM   803 C CB  . TYR A 1 131 ? -3.875  -7.224  -9.211  1.00 29.04  ? 131 TYR A CB  1 
ATOM   804 C CG  . TYR A 1 131 ? -4.357  -7.331  -7.806  1.00 31.02  ? 131 TYR A CG  1 
ATOM   805 C CD1 . TYR A 1 131 ? -4.010  -8.420  -7.020  1.00 27.93  ? 131 TYR A CD1 1 
ATOM   806 C CD2 . TYR A 1 131 ? -5.144  -6.329  -7.249  1.00 31.84  ? 131 TYR A CD2 1 
ATOM   807 C CE1 . TYR A 1 131 ? -4.438  -8.514  -5.711  1.00 34.54  ? 131 TYR A CE1 1 
ATOM   808 C CE2 . TYR A 1 131 ? -5.576  -6.411  -5.943  1.00 33.66  ? 131 TYR A CE2 1 
ATOM   809 C CZ  . TYR A 1 131 ? -5.217  -7.503  -5.173  1.00 35.62  ? 131 TYR A CZ  1 
ATOM   810 O OH  . TYR A 1 131 ? -5.633  -7.582  -3.858  1.00 44.85  ? 131 TYR A OH  1 
ATOM   811 N N   . CYS A 1 132 ? -3.699  -7.416  -12.231 1.00 32.46  ? 132 CYS A N   1 
ATOM   812 C CA  . CYS A 1 132 ? -3.756  -6.695  -13.483 1.00 29.98  ? 132 CYS A CA  1 
ATOM   813 C C   . CYS A 1 132 ? -3.860  -7.448  -14.793 1.00 31.06  ? 132 CYS A C   1 
ATOM   814 O O   . CYS A 1 132 ? -3.740  -6.840  -15.849 1.00 30.04  ? 132 CYS A O   1 
ATOM   815 C CB  . CYS A 1 132 ? -2.644  -5.670  -13.527 1.00 26.23  ? 132 CYS A CB  1 
ATOM   816 S SG  . CYS A 1 132 ? -2.539  -4.647  -12.023 1.00 22.60  ? 132 CYS A SG  1 
ATOM   817 N N   . GLY A 1 133 ? -4.160  -8.740  -14.736 1.00 37.41  ? 133 GLY A N   1 
ATOM   818 C CA  . GLY A 1 133 ? -4.346  -9.482  -15.988 1.00 41.95  ? 133 GLY A CA  1 
ATOM   819 C C   . GLY A 1 133 ? -3.045  -9.880  -16.659 1.00 48.37  ? 133 GLY A C   1 
ATOM   820 O O   . GLY A 1 133 ? -2.021  -9.236  -16.451 1.00 50.98  ? 133 GLY A O   1 
ATOM   821 N N   . VAL A 1 134 ? -3.177  -10.840 -17.571 1.00 53.23  ? 134 VAL A N   1 
ATOM   822 C CA  . VAL A 1 134 ? -1.991  -11.548 -18.071 1.00 56.87  ? 134 VAL A CA  1 
ATOM   823 C C   . VAL A 1 134 ? -2.073  -11.932 -19.552 1.00 57.75  ? 134 VAL A C   1 
ATOM   824 O O   . VAL A 1 134 ? -2.234  -10.986 -20.353 1.00 58.54  ? 134 VAL A O   1 
ATOM   825 C CB  . VAL A 1 134 ? -1.818  -12.820 -17.064 1.00 59.09  ? 134 VAL A CB  1 
ATOM   826 C CG1 . VAL A 1 134 ? -3.190  -13.454 -16.708 1.00 62.05  ? 134 VAL A CG1 1 
ATOM   827 C CG2 . VAL A 1 134 ? -0.796  -13.852 -17.602 1.00 60.78  ? 134 VAL A CG2 1 
HETATM 828 C C1  . NAG B 2 .   ? -6.264  10.512  1.302   1.00 42.93  ? 148 NAG A C1  1 
HETATM 829 C C2  . NAG B 2 .   ? -5.975  11.607  2.299   1.00 47.82  ? 148 NAG A C2  1 
HETATM 830 C C3  . NAG B 2 .   ? -6.380  12.972  1.767   1.00 54.55  ? 148 NAG A C3  1 
HETATM 831 C C4  . NAG B 2 .   ? -5.775  13.213  0.395   1.00 56.10  ? 148 NAG A C4  1 
HETATM 832 C C5  . NAG B 2 .   ? -6.061  12.026  -0.527  1.00 53.75  ? 148 NAG A C5  1 
HETATM 833 C C6  . NAG B 2 .   ? -5.315  12.164  -1.830  1.00 53.83  ? 148 NAG A C6  1 
HETATM 834 C C7  . NAG B 2 .   ? -6.096  11.521  4.679   1.00 46.22  ? 148 NAG A C7  1 
HETATM 835 C C8  . NAG B 2 .   ? -6.924  11.235  5.915   1.00 48.59  ? 148 NAG A C8  1 
HETATM 836 N N2  . NAG B 2 .   ? -6.706  11.347  3.515   1.00 43.12  ? 148 NAG A N2  1 
HETATM 837 O O3  . NAG B 2 .   ? -5.930  13.980  2.664   1.00 57.01  ? 148 NAG A O3  1 
HETATM 838 O O4  . NAG B 2 .   ? -6.320  14.410  -0.159  1.00 60.53  ? 148 NAG A O4  1 
HETATM 839 O O5  . NAG B 2 .   ? -5.604  10.800  0.074   1.00 47.78  ? 148 NAG A O5  1 
HETATM 840 O O6  . NAG B 2 .   ? -3.923  12.017  -1.608  1.00 63.85  ? 148 NAG A O6  1 
HETATM 841 O O7  . NAG B 2 .   ? -4.906  11.860  4.777   1.00 45.56  ? 148 NAG A O7  1 
HETATM 842 S S   . SO4 C 3 .   ? 9.843   8.240   -7.605  1.00 100.00 ? 149 SO4 A S   1 
HETATM 843 O O1  . SO4 C 3 .   ? 11.196  8.410   -7.078  1.00 100.00 ? 149 SO4 A O1  1 
HETATM 844 O O2  . SO4 C 3 .   ? 9.541   9.361   -8.582  1.00 100.00 ? 149 SO4 A O2  1 
HETATM 845 O O3  . SO4 C 3 .   ? 9.665   6.915   -8.398  1.00 100.00 ? 149 SO4 A O3  1 
HETATM 846 O O4  . SO4 C 3 .   ? 8.842   8.219   -6.448  1.00 100.00 ? 149 SO4 A O4  1 
HETATM 847 S S   . SO4 D 3 .   ? 10.730  -5.924  -20.572 1.00 90.98  ? 150 SO4 A S   1 
HETATM 848 O O1  . SO4 D 3 .   ? 10.628  -4.497  -20.812 1.00 91.11  ? 150 SO4 A O1  1 
HETATM 849 O O2  . SO4 D 3 .   ? 9.528   -6.618  -21.188 1.00 94.92  ? 150 SO4 A O2  1 
HETATM 850 O O3  . SO4 D 3 .   ? 11.977  -6.553  -21.220 1.00 94.07  ? 150 SO4 A O3  1 
HETATM 851 O O4  . SO4 D 3 .   ? 10.848  -6.194  -19.072 1.00 95.99  ? 150 SO4 A O4  1 
HETATM 852 O O   . HOH E 4 .   ? 0.778   2.135   -0.673  1.00 24.08  ? 151 HOH A O   1 
HETATM 853 O O   . HOH E 4 .   ? 2.239   1.559   -15.312 1.00 41.49  ? 152 HOH A O   1 
HETATM 854 O O   . HOH E 4 .   ? 0.993   -7.120  -23.416 1.00 34.12  ? 153 HOH A O   1 
HETATM 855 O O   . HOH E 4 .   ? -10.358 9.259   16.395  1.00 24.38  ? 154 HOH A O   1 
HETATM 856 O O   . HOH E 4 .   ? 2.905   7.811   3.636   1.00 37.97  ? 155 HOH A O   1 
HETATM 857 O O   . HOH E 4 .   ? 3.652   -1.779  16.411  1.00 37.51  ? 156 HOH A O   1 
HETATM 858 O O   . HOH E 4 .   ? 3.385   4.609   2.705   1.00 41.75  ? 157 HOH A O   1 
HETATM 859 O O   . HOH E 4 .   ? 5.900   -2.814  1.033   1.00 34.87  ? 158 HOH A O   1 
HETATM 860 O O   . HOH E 4 .   ? 8.199   -13.774 -7.942  1.00 51.43  ? 159 HOH A O   1 
HETATM 861 O O   . HOH E 4 .   ? -10.779 -1.013  -1.078  1.00 36.10  ? 160 HOH A O   1 
HETATM 862 O O   . HOH E 4 .   ? -11.888 -4.371  -1.167  1.00 68.73  ? 161 HOH A O   1 
HETATM 863 O O   . HOH E 4 .   ? -3.004  5.400   26.902  1.00 35.43  ? 162 HOH A O   1 
HETATM 864 O O   . HOH E 4 .   ? 11.596  -6.884  -16.046 1.00 67.18  ? 163 HOH A O   1 
HETATM 865 O O   . HOH E 4 .   ? 0.440   0.448   -24.987 1.00 29.55  ? 164 HOH A O   1 
HETATM 866 O O   . HOH E 4 .   ? 3.185   -13.375 -0.035  1.00 68.36  ? 165 HOH A O   1 
HETATM 867 O O   . HOH E 4 .   ? 4.312   1.773   -7.419  1.00 8.60   ? 166 HOH A O   1 
HETATM 868 O O   . HOH E 4 .   ? 5.052   -0.542  12.789  1.00 56.87  ? 167 HOH A O   1 
HETATM 869 O O   . HOH E 4 .   ? 5.084   2.172   -4.921  1.00 28.85  ? 168 HOH A O   1 
HETATM 870 O O   . HOH E 4 .   ? 15.314  6.679   -6.404  1.00 71.77  ? 169 HOH A O   1 
HETATM 871 O O   . HOH E 4 .   ? 10.668  4.890   -1.009  1.00 23.14  ? 170 HOH A O   1 
HETATM 872 O O   . HOH E 4 .   ? 3.546   -4.913  16.128  1.00 32.23  ? 171 HOH A O   1 
HETATM 873 O O   . HOH E 4 .   ? 12.184  -1.688  2.523   1.00 41.10  ? 172 HOH A O   1 
HETATM 874 O O   . HOH E 4 .   ? 4.609   2.461   -17.521 1.00 48.60  ? 173 HOH A O   1 
HETATM 875 O O   . HOH E 4 .   ? -8.157  -1.508  22.215  1.00 35.84  ? 174 HOH A O   1 
HETATM 876 O O   . HOH E 4 .   ? -2.898  -7.539  14.360  1.00 76.42  ? 175 HOH A O   1 
HETATM 877 O O   . HOH E 4 .   ? 11.279  -4.861  4.221   1.00 61.35  ? 176 HOH A O   1 
HETATM 878 O O   . HOH E 4 .   ? 14.090  -4.027  4.167   1.00 71.46  ? 177 HOH A O   1 
HETATM 879 O O   . HOH E 4 .   ? -14.791 5.117   12.295  1.00 71.97  ? 178 HOH A O   1 
HETATM 880 O O   . HOH E 4 .   ? 3.410   -0.483  18.977  1.00 54.15  ? 179 HOH A O   1 
HETATM 881 O O   . HOH E 4 .   ? 5.695   -3.785  4.175   1.00 23.47  ? 180 HOH A O   1 
HETATM 882 O O   . HOH E 4 .   ? -2.655  -4.521  13.690  1.00 55.46  ? 181 HOH A O   1 
HETATM 883 O O   . HOH E 4 .   ? -12.685 4.137   18.115  1.00 70.48  ? 182 HOH A O   1 
HETATM 884 O O   . HOH E 4 .   ? -14.227 4.243   14.879  1.00 54.78  ? 183 HOH A O   1 
# 
